data_4QO8
#
_entry.id   4QO8
#
_cell.length_a   168.352
_cell.length_b   81.257
_cell.length_c   120.760
_cell.angle_alpha   90.00
_cell.angle_beta   117.61
_cell.angle_gamma   90.00
#
_symmetry.space_group_name_H-M   'C 1 2 1'
#
loop_
_entity.id
_entity.type
_entity.pdbx_description
1 polymer 'L-lactate dehydrogenase A chain'
2 non-polymer '1,4-DIHYDRONICOTINAMIDE ADENINE DINUCLEOTIDE'
3 non-polymer '4-(2-HYDROXYETHYL)-1-PIPERAZINE ETHANESULFONIC ACID'
4 non-polymer 'SULFATE ION'
5 non-polymer (5S)-2-[(2-chlorophenyl)sulfanyl]-5-(2,6-dichlorophenyl)-3-hydroxycyclohex-2-en-1-one
6 non-polymer 'LACTIC ACID'
7 water water
#
_entity_poly.entity_id   1
_entity_poly.type   'polypeptide(L)'
_entity_poly.pdbx_seq_one_letter_code
;ATLKDQLIYNLLKEEQTPQNKITVVGVGAVGMACAISILMKDLADELALVDVIEDKLKGEMMDLQHGSLFLRTPKIVSGK
DYNVTANSKLVIITAGARQQEGESRLNLVQRNVNIFKFIIPNVVKYSPNCKLLIVSNPVDILTYVAWKISGFPKNRVIGS
GCNLDSARFRYLMGERLGVHPLSCHGWVLGEHGDSSVPVWSGMNVAGVSLKTLHPDLGTDKDKEQWKEVHKQVVESAYEV
IKLKGYTSWAIGLSVADLAESIMKNLRRVHPVSTMIKGLYGIKDDVFLSVPCILGQNGISDLVKVTLTSEEEARLKKSAD
TLWGIQKELQF
;
_entity_poly.pdbx_strand_id   A,B,C,D
#
# COMPACT_ATOMS: atom_id res chain seq x y z
N ALA A 1 4.49 20.16 37.26
CA ALA A 1 3.76 19.86 36.03
C ALA A 1 4.03 18.42 35.60
N THR A 2 3.10 17.84 34.85
CA THR A 2 3.23 16.46 34.40
C THR A 2 4.35 16.36 33.37
N LEU A 3 4.88 15.15 33.17
CA LEU A 3 5.89 14.96 32.16
C LEU A 3 5.33 15.36 30.80
N LYS A 4 4.09 14.95 30.53
CA LYS A 4 3.39 15.36 29.31
C LYS A 4 3.39 16.89 29.11
N ASP A 5 3.03 17.64 30.15
CA ASP A 5 2.96 19.10 30.02
C ASP A 5 4.35 19.73 29.86
N GLN A 6 5.36 19.06 30.40
CA GLN A 6 6.74 19.53 30.26
CA GLN A 6 6.75 19.49 30.28
C GLN A 6 7.25 19.26 28.85
N LEU A 7 6.82 18.13 28.28
CA LEU A 7 7.22 17.76 26.93
C LEU A 7 6.42 18.50 25.85
N ILE A 8 5.12 18.65 26.07
CA ILE A 8 4.25 19.08 24.99
C ILE A 8 3.43 20.30 25.36
N TYR A 9 3.39 21.27 24.45
CA TYR A 9 2.54 22.45 24.58
C TYR A 9 1.31 22.31 23.68
N ASN A 10 0.12 22.44 24.27
CA ASN A 10 -1.13 22.25 23.52
C ASN A 10 -1.63 23.55 22.91
N LEU A 11 -1.96 23.52 21.61
CA LEU A 11 -2.59 24.65 20.93
C LEU A 11 -4.10 24.65 21.06
N LEU A 12 -4.71 23.48 21.04
CA LEU A 12 -6.16 23.42 21.19
C LEU A 12 -6.60 22.00 21.45
N LYS A 13 -7.67 21.89 22.22
CA LYS A 13 -8.13 20.61 22.66
C LYS A 13 -9.29 20.14 21.82
N GLU A 14 -8.98 19.72 20.59
CA GLU A 14 -9.84 18.85 19.80
C GLU A 14 -11.32 19.27 19.85
N GLU A 15 -12.28 18.36 19.67
CA GLU A 15 -12.10 17.07 19.02
C GLU A 15 -13.19 16.89 18.00
N GLN A 16 -12.80 16.57 16.78
CA GLN A 16 -13.76 16.47 15.69
C GLN A 16 -14.61 15.22 15.79
N THR A 17 -15.79 15.30 15.21
CA THR A 17 -16.60 14.13 15.00
C THR A 17 -15.78 13.18 14.11
N PRO A 18 -15.98 11.87 14.28
CA PRO A 18 -15.28 10.86 13.46
C PRO A 18 -15.43 11.20 11.97
N GLN A 19 -14.35 11.10 11.20
CA GLN A 19 -14.41 11.50 9.78
C GLN A 19 -14.54 10.33 8.80
N ASN A 20 -13.85 9.23 9.09
CA ASN A 20 -13.85 8.10 8.19
C ASN A 20 -14.00 6.81 8.99
N LYS A 21 -15.08 6.74 9.76
CA LYS A 21 -15.24 5.68 10.76
C LYS A 21 -15.99 4.47 10.23
N ILE A 22 -15.50 3.30 10.60
CA ILE A 22 -16.18 2.05 10.28
C ILE A 22 -16.50 1.29 11.57
N THR A 23 -17.69 0.71 11.62
CA THR A 23 -18.06 -0.19 12.71
C THR A 23 -18.21 -1.61 12.19
N VAL A 24 -17.69 -2.58 12.94
CA VAL A 24 -17.98 -3.99 12.68
C VAL A 24 -18.79 -4.52 13.84
N VAL A 25 -19.96 -5.07 13.55
CA VAL A 25 -20.81 -5.65 14.59
C VAL A 25 -20.70 -7.17 14.51
N GLY A 26 -20.26 -7.79 15.60
CA GLY A 26 -20.01 -9.23 15.63
C GLY A 26 -18.54 -9.52 15.43
N VAL A 27 -17.86 -9.93 16.50
CA VAL A 27 -16.42 -10.18 16.41
C VAL A 27 -16.07 -11.66 16.43
N GLY A 28 -16.89 -12.46 15.77
CA GLY A 28 -16.56 -13.85 15.51
C GLY A 28 -15.46 -13.92 14.46
N ALA A 29 -15.25 -15.10 13.88
CA ALA A 29 -14.20 -15.28 12.86
C ALA A 29 -14.38 -14.36 11.65
N VAL A 30 -15.61 -14.17 11.20
CA VAL A 30 -15.88 -13.34 10.04
C VAL A 30 -15.67 -11.84 10.36
N GLY A 31 -16.23 -11.39 11.48
CA GLY A 31 -16.08 -10.01 11.92
C GLY A 31 -14.61 -9.61 12.09
N MET A 32 -13.82 -10.45 12.76
CA MET A 32 -12.42 -10.10 12.98
C MET A 32 -11.60 -10.14 11.69
N ALA A 33 -11.98 -11.01 10.75
CA ALA A 33 -11.26 -11.05 9.47
C ALA A 33 -11.55 -9.79 8.66
N CYS A 34 -12.80 -9.33 8.68
CA CYS A 34 -13.13 -8.03 8.12
C CYS A 34 -12.30 -6.92 8.77
N ALA A 35 -12.25 -6.92 10.10
CA ALA A 35 -11.55 -5.88 10.84
C ALA A 35 -10.06 -5.82 10.46
N ILE A 36 -9.37 -6.96 10.45
CA ILE A 36 -7.93 -6.95 10.18
C ILE A 36 -7.67 -6.52 8.73
N SER A 37 -8.56 -6.91 7.82
CA SER A 37 -8.38 -6.56 6.41
C SER A 37 -8.61 -5.06 6.17
N ILE A 38 -9.61 -4.52 6.84
CA ILE A 38 -9.88 -3.09 6.82
C ILE A 38 -8.74 -2.31 7.45
N LEU A 39 -8.24 -2.78 8.56
CA LEU A 39 -7.07 -2.14 9.18
C LEU A 39 -5.85 -2.16 8.27
N MET A 40 -5.59 -3.29 7.62
CA MET A 40 -4.41 -3.45 6.76
CA MET A 40 -4.38 -3.37 6.81
C MET A 40 -4.52 -2.64 5.46
N LYS A 41 -5.73 -2.29 5.07
CA LYS A 41 -5.93 -1.49 3.88
C LYS A 41 -6.08 0.02 4.15
N ASP A 42 -5.89 0.43 5.40
CA ASP A 42 -5.97 1.86 5.76
C ASP A 42 -7.26 2.57 5.30
N LEU A 43 -8.41 1.94 5.52
CA LEU A 43 -9.69 2.46 5.03
C LEU A 43 -10.39 3.38 6.02
N ALA A 44 -10.04 3.28 7.30
CA ALA A 44 -10.76 4.00 8.34
C ALA A 44 -9.82 4.83 9.20
N ASP A 45 -10.30 5.96 9.73
CA ASP A 45 -9.53 6.67 10.75
C ASP A 45 -9.98 6.29 12.17
N GLU A 46 -11.07 5.55 12.25
CA GLU A 46 -11.52 5.04 13.54
C GLU A 46 -12.25 3.73 13.27
N LEU A 47 -11.97 2.70 14.07
CA LEU A 47 -12.65 1.42 13.96
C LEU A 47 -13.36 1.09 15.27
N ALA A 48 -14.65 0.75 15.21
CA ALA A 48 -15.38 0.35 16.40
C ALA A 48 -15.86 -1.09 16.25
N LEU A 49 -15.79 -1.84 17.35
CA LEU A 49 -16.23 -3.23 17.37
C LEU A 49 -17.34 -3.36 18.39
N VAL A 50 -18.37 -4.12 18.05
CA VAL A 50 -19.47 -4.38 18.98
C VAL A 50 -19.76 -5.88 19.00
N ASP A 51 -20.11 -6.39 20.17
CA ASP A 51 -20.58 -7.75 20.30
C ASP A 51 -21.36 -7.83 21.61
N VAL A 52 -21.97 -8.98 21.86
CA VAL A 52 -22.67 -9.19 23.13
C VAL A 52 -21.80 -9.97 24.12
N ILE A 53 -20.76 -10.63 23.62
CA ILE A 53 -19.82 -11.34 24.50
C ILE A 53 -18.72 -10.38 24.92
N GLU A 54 -18.80 -9.91 26.17
CA GLU A 54 -17.98 -8.76 26.59
C GLU A 54 -16.48 -9.05 26.80
N ASP A 55 -16.11 -10.21 27.35
CA ASP A 55 -14.69 -10.52 27.51
CA ASP A 55 -14.70 -10.53 27.52
C ASP A 55 -14.02 -10.71 26.16
N LYS A 56 -14.65 -11.51 25.29
CA LYS A 56 -14.15 -11.73 23.94
C LYS A 56 -13.95 -10.41 23.18
N LEU A 57 -14.95 -9.55 23.23
CA LEU A 57 -14.91 -8.26 22.57
C LEU A 57 -13.70 -7.43 23.03
N LYS A 58 -13.51 -7.36 24.35
CA LYS A 58 -12.44 -6.54 24.90
C LYS A 58 -11.07 -7.10 24.51
N GLY A 59 -10.93 -8.43 24.57
CA GLY A 59 -9.68 -9.09 24.23
C GLY A 59 -9.28 -8.88 22.77
N GLU A 60 -10.27 -8.96 21.88
CA GLU A 60 -10.03 -8.69 20.45
C GLU A 60 -9.61 -7.24 20.23
N MET A 61 -10.28 -6.32 20.91
CA MET A 61 -9.95 -4.92 20.78
C MET A 61 -8.50 -4.67 21.23
N MET A 62 -8.16 -5.17 22.42
CA MET A 62 -6.81 -5.02 22.96
C MET A 62 -5.75 -5.61 22.04
N ASP A 63 -6.03 -6.80 21.49
CA ASP A 63 -5.08 -7.47 20.61
C ASP A 63 -4.77 -6.58 19.40
N LEU A 64 -5.82 -6.02 18.79
CA LEU A 64 -5.64 -5.12 17.66
C LEU A 64 -4.88 -3.87 18.07
N GLN A 65 -5.23 -3.31 19.22
CA GLN A 65 -4.61 -2.07 19.70
C GLN A 65 -3.12 -2.27 19.90
N HIS A 66 -2.72 -3.46 20.34
CA HIS A 66 -1.31 -3.75 20.56
C HIS A 66 -0.49 -3.73 19.27
N GLY A 67 -1.17 -3.82 18.13
CA GLY A 67 -0.48 -3.75 16.84
C GLY A 67 -0.54 -2.34 16.22
N SER A 68 -0.96 -1.35 17.02
CA SER A 68 -1.10 0.05 16.55
C SER A 68 0.12 0.63 15.86
N LEU A 69 1.31 0.26 16.33
CA LEU A 69 2.58 0.70 15.74
C LEU A 69 2.69 0.34 14.26
N PHE A 70 2.07 -0.78 13.88
CA PHE A 70 2.20 -1.32 12.55
C PHE A 70 1.05 -0.89 11.65
N LEU A 71 0.16 -0.06 12.20
CA LEU A 71 -1.07 0.36 11.52
C LEU A 71 -1.16 1.87 11.33
N ARG A 72 -2.19 2.31 10.61
CA ARG A 72 -2.40 3.73 10.33
C ARG A 72 -3.85 4.09 10.65
N THR A 73 -4.38 3.45 11.69
CA THR A 73 -5.75 3.66 12.13
C THR A 73 -5.65 3.99 13.61
N PRO A 74 -5.71 5.29 13.94
CA PRO A 74 -5.22 5.75 15.24
C PRO A 74 -6.18 5.51 16.40
N LYS A 75 -7.41 5.11 16.13
CA LYS A 75 -8.38 4.94 17.20
C LYS A 75 -9.18 3.66 16.99
N ILE A 76 -9.06 2.74 17.93
CA ILE A 76 -9.79 1.49 17.91
C ILE A 76 -10.55 1.38 19.23
N VAL A 77 -11.86 1.24 19.13
CA VAL A 77 -12.71 1.18 20.31
C VAL A 77 -13.68 0.00 20.21
N SER A 78 -14.28 -0.36 21.34
CA SER A 78 -15.23 -1.46 21.38
C SER A 78 -16.16 -1.30 22.56
N GLY A 79 -17.31 -1.94 22.49
CA GLY A 79 -18.25 -1.93 23.60
C GLY A 79 -19.54 -2.64 23.22
N LYS A 80 -20.27 -3.04 24.23
CA LYS A 80 -21.58 -3.66 24.06
C LYS A 80 -22.58 -2.56 23.72
N ASP A 81 -22.27 -1.35 24.18
CA ASP A 81 -23.14 -0.19 23.98
C ASP A 81 -22.83 0.46 22.63
N TYR A 82 -23.87 0.81 21.87
CA TYR A 82 -23.67 1.34 20.52
C TYR A 82 -23.23 2.80 20.48
N ASN A 83 -23.13 3.44 21.64
CA ASN A 83 -22.53 4.76 21.70
C ASN A 83 -21.10 4.77 21.13
N VAL A 84 -20.42 3.62 21.12
CA VAL A 84 -19.06 3.57 20.56
C VAL A 84 -19.07 3.61 19.04
N THR A 85 -20.23 3.37 18.45
CA THR A 85 -20.36 3.34 16.99
C THR A 85 -20.77 4.67 16.38
N ALA A 86 -20.96 5.71 17.21
CA ALA A 86 -21.55 6.95 16.71
C ALA A 86 -20.78 7.55 15.53
N ASN A 87 -21.54 8.11 14.58
CA ASN A 87 -20.97 8.76 13.41
C ASN A 87 -20.10 7.87 12.53
N SER A 88 -20.49 6.60 12.40
CA SER A 88 -19.84 5.71 11.44
C SER A 88 -20.32 6.01 10.03
N LYS A 89 -19.40 6.03 9.07
CA LYS A 89 -19.79 6.14 7.66
C LYS A 89 -20.36 4.81 7.19
N LEU A 90 -19.72 3.73 7.64
CA LEU A 90 -20.09 2.40 7.19
C LEU A 90 -20.19 1.45 8.39
N VAL A 91 -21.29 0.72 8.47
CA VAL A 91 -21.48 -0.25 9.54
C VAL A 91 -21.68 -1.65 8.97
N ILE A 92 -20.82 -2.57 9.34
CA ILE A 92 -20.78 -3.90 8.77
C ILE A 92 -21.33 -4.90 9.76
N ILE A 93 -22.35 -5.65 9.34
CA ILE A 93 -23.00 -6.55 10.26
C ILE A 93 -22.61 -8.00 9.97
N THR A 94 -21.89 -8.59 10.90
CA THR A 94 -21.46 -9.97 10.78
C THR A 94 -22.04 -10.79 11.92
N ALA A 95 -22.95 -10.19 12.69
CA ALA A 95 -23.51 -10.90 13.85
C ALA A 95 -24.59 -11.88 13.42
N GLY A 96 -24.57 -13.06 14.01
CA GLY A 96 -25.60 -14.04 13.77
C GLY A 96 -25.48 -15.20 14.72
N ALA A 97 -26.45 -16.11 14.67
CA ALA A 97 -26.36 -17.35 15.41
C ALA A 97 -26.12 -18.50 14.44
N ARG A 98 -25.24 -19.43 14.81
CA ARG A 98 -24.95 -20.57 13.95
C ARG A 98 -26.14 -21.53 13.91
N GLN A 99 -26.49 -21.98 12.71
CA GLN A 99 -27.67 -22.82 12.52
C GLN A 99 -27.59 -24.14 13.27
N GLN A 100 -28.71 -24.55 13.85
CA GLN A 100 -28.77 -25.77 14.65
C GLN A 100 -29.09 -26.98 13.78
N GLU A 101 -28.75 -28.16 14.28
CA GLU A 101 -29.08 -29.40 13.59
C GLU A 101 -30.59 -29.61 13.57
N GLY A 102 -31.12 -29.92 12.40
CA GLY A 102 -32.54 -30.20 12.26
C GLY A 102 -33.42 -28.98 12.49
N GLU A 103 -32.93 -27.81 12.05
CA GLU A 103 -33.69 -26.57 12.17
C GLU A 103 -34.05 -26.04 10.79
N SER A 104 -35.33 -25.75 10.60
CA SER A 104 -35.84 -25.27 9.31
C SER A 104 -35.25 -23.93 8.91
N ARG A 105 -35.44 -23.57 7.63
CA ARG A 105 -35.01 -22.28 7.12
C ARG A 105 -35.68 -21.17 7.89
N LEU A 106 -37.00 -21.24 8.01
CA LEU A 106 -37.80 -20.18 8.62
C LEU A 106 -37.42 -19.94 10.08
N ASN A 107 -36.89 -20.95 10.74
CA ASN A 107 -36.55 -20.84 12.15
C ASN A 107 -35.13 -20.33 12.42
N LEU A 108 -34.17 -20.73 11.57
CA LEU A 108 -32.83 -20.18 11.65
C LEU A 108 -32.87 -18.69 11.28
N VAL A 109 -33.61 -18.38 10.23
CA VAL A 109 -33.80 -17.00 9.81
C VAL A 109 -34.41 -16.20 10.95
N GLN A 110 -35.44 -16.76 11.57
CA GLN A 110 -36.15 -16.03 12.63
C GLN A 110 -35.21 -15.70 13.79
N ARG A 111 -34.30 -16.62 14.11
CA ARG A 111 -33.32 -16.35 15.16
C ARG A 111 -32.42 -15.17 14.82
N ASN A 112 -32.02 -15.06 13.57
CA ASN A 112 -31.17 -13.94 13.17
C ASN A 112 -31.97 -12.65 13.05
N VAL A 113 -33.25 -12.77 12.69
CA VAL A 113 -34.14 -11.62 12.67
C VAL A 113 -34.30 -11.05 14.07
N ASN A 114 -34.44 -11.93 15.06
CA ASN A 114 -34.57 -11.48 16.44
C ASN A 114 -33.34 -10.70 16.89
N ILE A 115 -32.17 -11.16 16.44
CA ILE A 115 -30.92 -10.47 16.71
C ILE A 115 -30.91 -9.09 16.04
N PHE A 116 -31.36 -9.05 14.80
CA PHE A 116 -31.36 -7.80 14.03
C PHE A 116 -32.33 -6.78 14.60
N LYS A 117 -33.42 -7.26 15.20
CA LYS A 117 -34.40 -6.38 15.82
C LYS A 117 -33.74 -5.52 16.89
N PHE A 118 -32.69 -6.05 17.50
CA PHE A 118 -31.97 -5.30 18.53
C PHE A 118 -30.82 -4.48 17.94
N ILE A 119 -30.07 -5.09 17.04
CA ILE A 119 -28.90 -4.44 16.46
C ILE A 119 -29.26 -3.24 15.61
N ILE A 120 -30.16 -3.43 14.64
CA ILE A 120 -30.39 -2.39 13.65
C ILE A 120 -30.83 -1.04 14.24
N PRO A 121 -31.82 -1.05 15.14
CA PRO A 121 -32.28 0.23 15.70
C PRO A 121 -31.16 0.92 16.47
N ASN A 122 -30.30 0.14 17.10
CA ASN A 122 -29.16 0.72 17.80
C ASN A 122 -28.18 1.36 16.84
N VAL A 123 -27.94 0.70 15.70
CA VAL A 123 -27.00 1.24 14.73
C VAL A 123 -27.52 2.57 14.20
N VAL A 124 -28.80 2.58 13.88
CA VAL A 124 -29.47 3.76 13.31
C VAL A 124 -29.50 4.92 14.28
N LYS A 125 -29.72 4.62 15.56
CA LYS A 125 -29.73 5.64 16.60
C LYS A 125 -28.41 6.43 16.60
N TYR A 126 -27.29 5.73 16.45
CA TYR A 126 -25.99 6.40 16.59
C TYR A 126 -25.32 6.82 15.27
N SER A 127 -25.77 6.23 14.17
CA SER A 127 -25.26 6.61 12.85
C SER A 127 -26.41 6.63 11.85
N PRO A 128 -27.35 7.59 12.01
CA PRO A 128 -28.58 7.57 11.21
C PRO A 128 -28.29 7.69 9.70
N ASN A 129 -27.12 8.18 9.34
CA ASN A 129 -26.80 8.39 7.93
C ASN A 129 -25.73 7.44 7.38
N CYS A 130 -25.43 6.38 8.11
CA CYS A 130 -24.41 5.43 7.65
C CYS A 130 -24.90 4.62 6.47
N LYS A 131 -23.97 3.90 5.83
CA LYS A 131 -24.32 2.80 4.94
C LYS A 131 -24.20 1.51 5.72
N LEU A 132 -25.10 0.58 5.46
CA LEU A 132 -25.12 -0.71 6.14
C LEU A 132 -24.64 -1.78 5.17
N LEU A 133 -23.68 -2.58 5.61
CA LEU A 133 -23.23 -3.70 4.79
C LEU A 133 -23.50 -4.99 5.55
N ILE A 134 -24.41 -5.80 5.03
CA ILE A 134 -24.89 -7.00 5.71
C ILE A 134 -24.16 -8.24 5.20
N VAL A 135 -23.62 -9.01 6.14
CA VAL A 135 -22.84 -10.19 5.83
C VAL A 135 -23.52 -11.43 6.41
N SER A 136 -24.12 -11.26 7.58
CA SER A 136 -24.85 -12.34 8.26
C SER A 136 -25.76 -13.13 7.32
N ASN A 137 -25.82 -14.45 7.52
CA ASN A 137 -26.63 -15.34 6.68
C ASN A 137 -27.99 -15.72 7.27
N PRO A 138 -28.96 -16.04 6.40
CA PRO A 138 -28.86 -15.97 4.93
C PRO A 138 -28.86 -14.51 4.45
N VAL A 139 -27.79 -14.13 3.76
CA VAL A 139 -27.47 -12.71 3.55
C VAL A 139 -28.55 -11.94 2.78
N ASP A 140 -29.17 -12.58 1.78
CA ASP A 140 -30.17 -11.88 0.98
C ASP A 140 -31.40 -11.55 1.81
N ILE A 141 -31.84 -12.48 2.64
CA ILE A 141 -32.98 -12.24 3.50
C ILE A 141 -32.65 -11.19 4.58
N LEU A 142 -31.51 -11.34 5.23
CA LEU A 142 -31.11 -10.45 6.31
C LEU A 142 -30.84 -9.03 5.83
N THR A 143 -30.47 -8.89 4.55
CA THR A 143 -30.31 -7.56 3.99
C THR A 143 -31.67 -6.89 3.86
N TYR A 144 -32.66 -7.66 3.39
CA TYR A 144 -34.04 -7.22 3.34
C TYR A 144 -34.50 -6.83 4.74
N VAL A 145 -34.20 -7.67 5.72
CA VAL A 145 -34.58 -7.40 7.10
C VAL A 145 -33.95 -6.10 7.61
N ALA A 146 -32.65 -5.93 7.39
CA ALA A 146 -31.98 -4.70 7.81
C ALA A 146 -32.60 -3.50 7.10
N TRP A 147 -32.96 -3.69 5.84
CA TRP A 147 -33.62 -2.63 5.06
C TRP A 147 -34.96 -2.26 5.68
N LYS A 148 -35.77 -3.25 5.99
CA LYS A 148 -37.10 -2.97 6.56
C LYS A 148 -37.02 -2.34 7.95
N ILE A 149 -36.15 -2.87 8.81
CA ILE A 149 -36.06 -2.36 10.17
C ILE A 149 -35.47 -0.95 10.21
N SER A 150 -34.40 -0.72 9.45
CA SER A 150 -33.68 0.55 9.50
C SER A 150 -34.51 1.72 8.95
N GLY A 151 -35.33 1.42 7.95
CA GLY A 151 -36.09 2.45 7.28
C GLY A 151 -35.22 3.26 6.34
N PHE A 152 -34.00 2.77 6.10
CA PHE A 152 -33.06 3.43 5.19
C PHE A 152 -33.55 3.28 3.76
N PRO A 153 -33.14 4.19 2.88
CA PRO A 153 -33.35 4.03 1.43
C PRO A 153 -32.48 2.90 0.88
N LYS A 154 -32.95 2.27 -0.19
CA LYS A 154 -32.29 1.06 -0.70
C LYS A 154 -30.82 1.26 -1.06
N ASN A 155 -30.43 2.46 -1.50
CA ASN A 155 -29.02 2.67 -1.84
C ASN A 155 -28.08 2.48 -0.65
N ARG A 156 -28.62 2.66 0.55
CA ARG A 156 -27.77 2.59 1.75
C ARG A 156 -27.78 1.24 2.47
N VAL A 157 -28.41 0.24 1.84
CA VAL A 157 -28.40 -1.10 2.42
C VAL A 157 -27.86 -2.11 1.40
N ILE A 158 -26.69 -2.65 1.69
CA ILE A 158 -25.94 -3.51 0.78
C ILE A 158 -25.68 -4.86 1.43
N GLY A 159 -25.95 -5.95 0.71
CA GLY A 159 -25.57 -7.27 1.19
C GLY A 159 -24.33 -7.76 0.47
N SER A 160 -23.39 -8.39 1.18
CA SER A 160 -22.20 -8.96 0.52
C SER A 160 -22.61 -9.86 -0.65
N GLY A 161 -23.77 -10.49 -0.53
CA GLY A 161 -24.34 -11.27 -1.61
C GLY A 161 -23.39 -12.23 -2.28
N CYS A 162 -23.25 -12.08 -3.60
CA CYS A 162 -22.45 -13.01 -4.39
C CYS A 162 -21.03 -12.52 -4.60
N ASN A 163 -20.59 -11.58 -3.78
CA ASN A 163 -19.21 -11.09 -3.89
C ASN A 163 -18.22 -12.22 -3.64
N LEU A 164 -18.43 -12.98 -2.58
CA LEU A 164 -17.51 -14.06 -2.25
C LEU A 164 -17.67 -15.18 -3.27
N ASP A 165 -18.90 -15.42 -3.72
CA ASP A 165 -19.18 -16.46 -4.72
C ASP A 165 -18.40 -16.17 -5.99
N SER A 166 -18.41 -14.91 -6.42
CA SER A 166 -17.71 -14.52 -7.64
C SER A 166 -16.19 -14.59 -7.48
N ALA A 167 -15.70 -14.29 -6.27
CA ALA A 167 -14.25 -14.34 -6.02
C ALA A 167 -13.75 -15.78 -6.08
N ARG A 168 -14.53 -16.69 -5.51
CA ARG A 168 -14.20 -18.11 -5.61
C ARG A 168 -14.22 -18.57 -7.06
N PHE A 169 -15.21 -18.10 -7.81
CA PHE A 169 -15.37 -18.51 -9.19
C PHE A 169 -14.18 -18.06 -10.03
N ARG A 170 -13.74 -16.83 -9.79
CA ARG A 170 -12.59 -16.28 -10.52
C ARG A 170 -11.27 -16.90 -10.09
N TYR A 171 -11.18 -17.31 -8.83
CA TYR A 171 -10.01 -18.07 -8.42
C TYR A 171 -9.94 -19.41 -9.16
N LEU A 172 -11.09 -20.08 -9.27
CA LEU A 172 -11.14 -21.38 -9.94
C LEU A 172 -10.90 -21.24 -11.45
N MET A 173 -11.45 -20.20 -12.04
CA MET A 173 -11.22 -19.90 -13.45
CA MET A 173 -11.21 -19.86 -13.44
C MET A 173 -9.72 -19.69 -13.70
N GLY A 174 -9.09 -18.86 -12.88
CA GLY A 174 -7.68 -18.56 -13.00
C GLY A 174 -6.80 -19.80 -12.89
N GLU A 175 -7.19 -20.72 -12.00
CA GLU A 175 -6.50 -22.00 -11.86
C GLU A 175 -6.58 -22.83 -13.15
N ARG A 176 -7.77 -22.90 -13.75
CA ARG A 176 -7.90 -23.64 -14.99
C ARG A 176 -7.07 -23.04 -16.12
N LEU A 177 -7.09 -21.72 -16.21
CA LEU A 177 -6.50 -21.04 -17.35
C LEU A 177 -5.05 -20.63 -17.14
N GLY A 178 -4.55 -20.77 -15.91
CA GLY A 178 -3.20 -20.35 -15.61
C GLY A 178 -3.01 -18.85 -15.73
N VAL A 179 -4.02 -18.09 -15.28
CA VAL A 179 -4.00 -16.64 -15.34
C VAL A 179 -4.43 -16.07 -13.99
N HIS A 180 -3.89 -14.91 -13.60
CA HIS A 180 -4.33 -14.34 -12.33
C HIS A 180 -5.84 -14.06 -12.37
N PRO A 181 -6.52 -14.26 -11.24
CA PRO A 181 -7.97 -14.04 -11.12
C PRO A 181 -8.40 -12.62 -11.47
N LEU A 182 -7.52 -11.65 -11.24
CA LEU A 182 -7.79 -10.26 -11.63
C LEU A 182 -8.07 -10.15 -13.12
N SER A 183 -7.46 -11.03 -13.91
CA SER A 183 -7.62 -10.97 -15.35
C SER A 183 -8.64 -11.96 -15.86
N CYS A 184 -9.20 -12.76 -14.96
CA CYS A 184 -10.22 -13.72 -15.30
C CYS A 184 -11.56 -13.19 -14.85
N HIS A 185 -12.38 -12.74 -15.80
CA HIS A 185 -13.61 -12.07 -15.47
C HIS A 185 -14.80 -13.03 -15.57
N GLY A 186 -15.69 -12.93 -14.59
CA GLY A 186 -16.85 -13.80 -14.54
C GLY A 186 -17.71 -13.46 -13.35
N TRP A 187 -19.02 -13.55 -13.56
CA TRP A 187 -19.99 -13.09 -12.59
C TRP A 187 -20.93 -14.18 -12.09
N VAL A 188 -20.95 -14.38 -10.78
CA VAL A 188 -21.94 -15.23 -10.15
C VAL A 188 -22.99 -14.34 -9.50
N LEU A 189 -24.25 -14.48 -9.94
CA LEU A 189 -25.29 -13.54 -9.53
C LEU A 189 -26.49 -14.23 -8.88
N GLY A 190 -27.46 -13.44 -8.45
CA GLY A 190 -28.69 -13.97 -7.91
C GLY A 190 -28.57 -14.21 -6.41
N GLU A 191 -29.09 -15.34 -5.96
CA GLU A 191 -29.12 -15.67 -4.55
C GLU A 191 -27.75 -16.17 -4.13
N HIS A 192 -27.26 -15.70 -2.99
CA HIS A 192 -25.99 -16.18 -2.48
C HIS A 192 -26.05 -17.66 -2.07
N GLY A 193 -24.99 -18.40 -2.38
CA GLY A 193 -24.90 -19.78 -1.93
C GLY A 193 -25.37 -20.82 -2.94
N ASP A 194 -26.13 -21.80 -2.47
CA ASP A 194 -26.53 -22.95 -3.30
C ASP A 194 -27.17 -22.58 -4.63
N SER A 195 -28.01 -21.55 -4.64
CA SER A 195 -28.81 -21.23 -5.81
C SER A 195 -28.24 -20.13 -6.69
N SER A 196 -26.97 -19.78 -6.49
CA SER A 196 -26.40 -18.70 -7.30
C SER A 196 -26.33 -19.11 -8.76
N VAL A 197 -26.18 -18.12 -9.63
CA VAL A 197 -26.24 -18.33 -11.08
C VAL A 197 -24.94 -17.84 -11.73
N PRO A 198 -24.17 -18.77 -12.31
CA PRO A 198 -22.96 -18.37 -13.05
C PRO A 198 -23.35 -17.85 -14.43
N VAL A 199 -22.99 -16.62 -14.75
CA VAL A 199 -23.43 -16.02 -16.03
C VAL A 199 -22.42 -16.31 -17.14
N TRP A 200 -22.59 -17.43 -17.82
CA TRP A 200 -21.61 -17.91 -18.80
C TRP A 200 -21.24 -16.91 -19.90
N SER A 201 -22.23 -16.13 -20.33
CA SER A 201 -22.04 -15.17 -21.41
C SER A 201 -21.04 -14.06 -21.09
N GLY A 202 -20.72 -13.87 -19.81
CA GLY A 202 -19.85 -12.78 -19.41
C GLY A 202 -18.45 -13.24 -19.05
N MET A 203 -18.23 -14.55 -19.10
CA MET A 203 -16.94 -15.10 -18.71
C MET A 203 -15.92 -14.84 -19.81
N ASN A 204 -14.86 -14.09 -19.49
CA ASN A 204 -13.94 -13.67 -20.53
C ASN A 204 -12.54 -13.39 -20.02
N VAL A 205 -11.57 -13.52 -20.92
CA VAL A 205 -10.23 -13.00 -20.66
C VAL A 205 -9.89 -12.00 -21.75
N ALA A 206 -9.36 -10.86 -21.35
CA ALA A 206 -9.07 -9.77 -22.28
C ALA A 206 -10.23 -9.45 -23.25
N GLY A 207 -11.46 -9.55 -22.76
CA GLY A 207 -12.62 -9.26 -23.58
C GLY A 207 -12.95 -10.34 -24.59
N VAL A 208 -12.26 -11.48 -24.48
CA VAL A 208 -12.55 -12.61 -25.35
C VAL A 208 -13.51 -13.57 -24.65
N SER A 209 -14.75 -13.62 -25.13
CA SER A 209 -15.78 -14.43 -24.51
C SER A 209 -15.52 -15.92 -24.69
N LEU A 210 -15.44 -16.64 -23.58
CA LEU A 210 -15.21 -18.09 -23.65
C LEU A 210 -16.42 -18.77 -24.27
N LYS A 211 -17.60 -18.23 -24.01
CA LYS A 211 -18.85 -18.79 -24.52
C LYS A 211 -18.88 -18.75 -26.05
N THR A 212 -18.19 -17.78 -26.63
CA THR A 212 -18.17 -17.62 -28.08
C THR A 212 -17.12 -18.54 -28.72
N LEU A 213 -15.98 -18.69 -28.06
CA LEU A 213 -14.99 -19.67 -28.51
C LEU A 213 -15.50 -21.09 -28.30
N HIS A 214 -16.24 -21.29 -27.22
CA HIS A 214 -16.64 -22.63 -26.80
C HIS A 214 -18.13 -22.60 -26.47
N PRO A 215 -18.98 -22.72 -27.50
CA PRO A 215 -20.44 -22.60 -27.38
C PRO A 215 -21.02 -23.50 -26.29
N ASP A 216 -20.42 -24.67 -26.09
CA ASP A 216 -20.89 -25.61 -25.09
C ASP A 216 -20.61 -25.17 -23.65
N LEU A 217 -19.98 -23.99 -23.48
CA LEU A 217 -19.55 -23.53 -22.16
C LEU A 217 -20.70 -23.51 -21.14
N GLY A 218 -20.58 -24.35 -20.12
CA GLY A 218 -21.53 -24.36 -19.02
C GLY A 218 -22.81 -25.13 -19.31
N THR A 219 -22.79 -25.92 -20.38
CA THR A 219 -23.92 -26.77 -20.70
C THR A 219 -23.60 -28.19 -20.26
N ASP A 220 -24.59 -29.07 -20.32
CA ASP A 220 -24.41 -30.45 -19.91
C ASP A 220 -23.47 -31.22 -20.84
N LYS A 221 -23.56 -30.94 -22.13
CA LYS A 221 -22.77 -31.67 -23.12
C LYS A 221 -21.33 -31.17 -23.26
N ASP A 222 -21.02 -30.09 -22.55
CA ASP A 222 -19.66 -29.54 -22.54
C ASP A 222 -18.60 -30.62 -22.27
N LYS A 223 -17.73 -30.86 -23.23
CA LYS A 223 -16.70 -31.88 -23.08
C LYS A 223 -15.74 -31.56 -21.94
N GLU A 224 -15.62 -30.27 -21.62
CA GLU A 224 -14.71 -29.82 -20.56
C GLU A 224 -15.43 -29.56 -19.23
N GLN A 225 -16.74 -29.77 -19.21
CA GLN A 225 -17.54 -29.66 -17.99
C GLN A 225 -17.25 -28.41 -17.19
N TRP A 226 -17.42 -27.25 -17.81
CA TRP A 226 -17.19 -26.00 -17.09
C TRP A 226 -18.22 -25.74 -16.01
N LYS A 227 -19.39 -26.36 -16.12
CA LYS A 227 -20.40 -26.28 -15.07
C LYS A 227 -19.82 -26.71 -13.72
N GLU A 228 -18.82 -27.58 -13.77
CA GLU A 228 -18.19 -28.10 -12.56
C GLU A 228 -17.46 -27.01 -11.78
N VAL A 229 -16.99 -25.99 -12.49
CA VAL A 229 -16.38 -24.84 -11.83
C VAL A 229 -17.36 -24.15 -10.87
N HIS A 230 -18.60 -23.94 -11.33
CA HIS A 230 -19.58 -23.30 -10.47
C HIS A 230 -20.01 -24.28 -9.37
N LYS A 231 -20.13 -25.55 -9.73
CA LYS A 231 -20.40 -26.60 -8.75
C LYS A 231 -19.31 -26.60 -7.66
N GLN A 232 -18.06 -26.35 -8.06
CA GLN A 232 -16.95 -26.35 -7.11
C GLN A 232 -17.00 -25.15 -6.19
N VAL A 233 -17.52 -24.03 -6.71
CA VAL A 233 -17.74 -22.86 -5.90
C VAL A 233 -18.66 -23.21 -4.74
N VAL A 234 -19.75 -23.91 -5.04
CA VAL A 234 -20.71 -24.33 -4.03
C VAL A 234 -20.15 -25.41 -3.10
N GLU A 235 -19.51 -26.42 -3.68
CA GLU A 235 -18.85 -27.46 -2.90
C GLU A 235 -17.71 -26.91 -2.02
N SER A 236 -16.98 -25.91 -2.52
CA SER A 236 -15.89 -25.28 -1.77
C SER A 236 -16.33 -24.76 -0.41
N ALA A 237 -17.47 -24.07 -0.39
CA ALA A 237 -18.03 -23.51 0.83
C ALA A 237 -18.16 -24.59 1.90
N TYR A 238 -18.82 -25.69 1.54
CA TYR A 238 -19.07 -26.75 2.50
C TYR A 238 -17.79 -27.48 2.88
N GLU A 239 -16.84 -27.55 1.95
CA GLU A 239 -15.61 -28.28 2.23
C GLU A 239 -14.76 -27.51 3.25
N VAL A 240 -14.69 -26.20 3.09
CA VAL A 240 -13.92 -25.39 4.05
C VAL A 240 -14.50 -25.49 5.46
N ILE A 241 -15.83 -25.41 5.55
CA ILE A 241 -16.52 -25.61 6.83
C ILE A 241 -16.17 -26.97 7.44
N LYS A 242 -16.30 -28.01 6.63
CA LYS A 242 -15.92 -29.37 7.03
C LYS A 242 -14.47 -29.40 7.54
N LEU A 243 -13.57 -28.75 6.81
CA LEU A 243 -12.14 -28.82 7.11
C LEU A 243 -11.66 -28.01 8.32
N LYS A 244 -12.02 -26.72 8.38
CA LYS A 244 -11.57 -25.88 9.50
C LYS A 244 -12.71 -25.41 10.41
N GLY A 245 -13.96 -25.72 10.05
CA GLY A 245 -15.08 -25.43 10.92
C GLY A 245 -15.80 -24.11 10.67
N TYR A 246 -15.21 -23.25 9.85
CA TYR A 246 -15.81 -21.96 9.50
C TYR A 246 -14.97 -21.36 8.38
N THR A 247 -15.42 -20.24 7.83
CA THR A 247 -14.63 -19.51 6.85
C THR A 247 -14.42 -18.09 7.38
N SER A 248 -13.27 -17.50 7.07
CA SER A 248 -12.97 -16.17 7.57
C SER A 248 -12.15 -15.36 6.59
N TRP A 249 -11.03 -15.90 6.13
CA TRP A 249 -10.09 -15.06 5.37
C TRP A 249 -10.66 -14.49 4.07
N ALA A 250 -11.24 -15.35 3.24
CA ALA A 250 -11.80 -14.89 1.96
C ALA A 250 -12.95 -13.90 2.12
N ILE A 251 -13.88 -14.20 3.01
CA ILE A 251 -14.98 -13.28 3.22
C ILE A 251 -14.45 -11.95 3.77
N GLY A 252 -13.45 -12.02 4.64
CA GLY A 252 -12.84 -10.84 5.21
C GLY A 252 -12.26 -9.92 4.15
N LEU A 253 -11.52 -10.54 3.23
CA LEU A 253 -10.89 -9.78 2.14
C LEU A 253 -11.92 -9.20 1.18
N SER A 254 -12.94 -9.98 0.85
CA SER A 254 -13.97 -9.51 -0.08
CA SER A 254 -13.99 -9.54 -0.06
C SER A 254 -14.75 -8.33 0.49
N VAL A 255 -15.05 -8.38 1.79
CA VAL A 255 -15.78 -7.31 2.44
C VAL A 255 -14.93 -6.03 2.46
N ALA A 256 -13.63 -6.17 2.71
CA ALA A 256 -12.76 -5.01 2.76
C ALA A 256 -12.66 -4.35 1.39
N ASP A 257 -12.75 -5.16 0.33
CA ASP A 257 -12.78 -4.64 -1.03
C ASP A 257 -14.02 -3.79 -1.28
N LEU A 258 -15.17 -4.23 -0.76
CA LEU A 258 -16.39 -3.46 -0.85
C LEU A 258 -16.23 -2.17 -0.06
N ALA A 259 -15.71 -2.28 1.16
CA ALA A 259 -15.52 -1.10 2.00
C ALA A 259 -14.63 -0.10 1.28
N GLU A 260 -13.60 -0.59 0.60
CA GLU A 260 -12.71 0.32 -0.10
C GLU A 260 -13.46 1.16 -1.13
N SER A 261 -14.32 0.52 -1.91
CA SER A 261 -15.09 1.26 -2.91
C SER A 261 -15.98 2.29 -2.24
N ILE A 262 -16.63 1.89 -1.14
CA ILE A 262 -17.54 2.79 -0.44
C ILE A 262 -16.82 3.95 0.23
N MET A 263 -15.77 3.65 0.99
CA MET A 263 -15.06 4.68 1.75
C MET A 263 -14.34 5.65 0.83
N LYS A 264 -13.89 5.16 -0.32
CA LYS A 264 -13.09 5.98 -1.23
C LYS A 264 -13.87 6.47 -2.43
N ASN A 265 -15.19 6.24 -2.39
CA ASN A 265 -16.09 6.63 -3.49
C ASN A 265 -15.57 6.25 -4.88
N LEU A 266 -15.07 5.02 -5.02
CA LEU A 266 -14.43 4.59 -6.27
C LEU A 266 -15.40 4.40 -7.45
N ARG A 267 -16.65 4.08 -7.16
CA ARG A 267 -17.59 3.71 -8.22
C ARG A 267 -17.07 2.55 -9.08
N ARG A 268 -16.52 1.53 -8.42
CA ARG A 268 -16.24 0.25 -9.10
C ARG A 268 -17.50 -0.58 -9.10
N VAL A 269 -17.52 -1.62 -9.91
CA VAL A 269 -18.71 -2.47 -10.02
C VAL A 269 -18.43 -3.77 -9.27
N HIS A 270 -19.33 -4.14 -8.36
CA HIS A 270 -19.18 -5.35 -7.55
C HIS A 270 -20.45 -6.19 -7.61
N PRO A 271 -20.33 -7.51 -7.50
CA PRO A 271 -21.57 -8.29 -7.40
C PRO A 271 -22.04 -8.29 -5.95
N VAL A 272 -23.04 -7.48 -5.62
CA VAL A 272 -23.58 -7.46 -4.27
C VAL A 272 -25.10 -7.51 -4.30
N SER A 273 -25.71 -7.79 -3.16
CA SER A 273 -27.15 -7.90 -3.09
CA SER A 273 -27.16 -7.90 -3.03
C SER A 273 -27.82 -6.54 -2.92
N THR A 274 -28.84 -6.29 -3.74
CA THR A 274 -29.58 -5.04 -3.72
C THR A 274 -31.06 -5.31 -3.98
N MET A 275 -31.91 -4.33 -3.67
CA MET A 275 -33.34 -4.48 -3.85
C MET A 275 -33.63 -4.59 -5.34
N ILE A 276 -34.22 -5.70 -5.74
CA ILE A 276 -34.24 -6.06 -7.15
C ILE A 276 -35.66 -5.98 -7.75
N LYS A 277 -36.62 -5.54 -6.95
CA LYS A 277 -37.99 -5.39 -7.41
C LYS A 277 -38.01 -4.50 -8.64
N GLY A 278 -38.58 -5.00 -9.73
CA GLY A 278 -38.62 -4.26 -10.97
C GLY A 278 -37.84 -4.93 -12.09
N LEU A 279 -36.94 -5.84 -11.73
CA LEU A 279 -36.09 -6.50 -12.72
C LEU A 279 -36.41 -7.99 -12.91
N TYR A 280 -36.31 -8.45 -14.15
CA TYR A 280 -36.46 -9.85 -14.48
C TYR A 280 -37.80 -10.43 -14.03
N GLY A 281 -38.86 -9.65 -14.16
CA GLY A 281 -40.19 -10.12 -13.82
C GLY A 281 -40.35 -10.34 -12.32
N ILE A 282 -39.43 -9.79 -11.56
CA ILE A 282 -39.49 -9.83 -10.10
C ILE A 282 -40.31 -8.68 -9.54
N LYS A 283 -41.36 -9.01 -8.79
CA LYS A 283 -42.34 -8.04 -8.35
C LYS A 283 -42.47 -8.01 -6.83
N ASP A 284 -41.60 -8.72 -6.14
CA ASP A 284 -41.59 -8.71 -4.68
C ASP A 284 -40.36 -7.97 -4.15
N ASP A 285 -40.47 -7.47 -2.92
CA ASP A 285 -39.35 -6.81 -2.27
C ASP A 285 -38.33 -7.87 -1.86
N VAL A 286 -37.44 -8.24 -2.78
CA VAL A 286 -36.36 -9.16 -2.46
C VAL A 286 -35.02 -8.57 -2.87
N PHE A 287 -33.96 -9.06 -2.23
CA PHE A 287 -32.63 -8.58 -2.51
C PHE A 287 -31.86 -9.70 -3.18
N LEU A 288 -31.34 -9.44 -4.38
CA LEU A 288 -30.52 -10.41 -5.08
C LEU A 288 -29.30 -9.71 -5.61
N SER A 289 -28.26 -10.47 -5.93
CA SER A 289 -27.02 -9.85 -6.40
C SER A 289 -27.03 -9.58 -7.90
N VAL A 290 -26.71 -8.34 -8.26
CA VAL A 290 -26.38 -7.97 -9.62
C VAL A 290 -25.14 -7.08 -9.51
N PRO A 291 -24.52 -6.73 -10.65
CA PRO A 291 -23.33 -5.87 -10.54
C PRO A 291 -23.77 -4.46 -10.16
N CYS A 292 -23.26 -3.93 -9.04
CA CYS A 292 -23.67 -2.60 -8.58
C CYS A 292 -22.48 -1.68 -8.52
N ILE A 293 -22.72 -0.41 -8.82
CA ILE A 293 -21.71 0.63 -8.68
C ILE A 293 -21.69 1.11 -7.23
N LEU A 294 -20.56 0.92 -6.55
CA LEU A 294 -20.43 1.27 -5.14
C LEU A 294 -19.59 2.53 -4.95
N GLY A 295 -20.11 3.44 -4.15
CA GLY A 295 -19.43 4.69 -3.86
C GLY A 295 -19.88 5.26 -2.54
N GLN A 296 -19.69 6.56 -2.34
CA GLN A 296 -19.87 7.16 -1.03
C GLN A 296 -21.33 7.14 -0.57
N ASN A 297 -22.26 6.99 -1.51
CA ASN A 297 -23.68 6.89 -1.18
C ASN A 297 -24.22 5.47 -1.31
N GLY A 298 -23.32 4.50 -1.20
CA GLY A 298 -23.70 3.09 -1.30
C GLY A 298 -23.90 2.67 -2.73
N ILE A 299 -25.04 2.06 -3.01
CA ILE A 299 -25.36 1.63 -4.36
C ILE A 299 -26.10 2.73 -5.09
N SER A 300 -25.43 3.38 -6.05
CA SER A 300 -26.01 4.51 -6.75
C SER A 300 -26.61 4.08 -8.10
N ASP A 301 -26.10 2.97 -8.63
CA ASP A 301 -26.49 2.49 -9.93
C ASP A 301 -26.24 1.00 -9.98
N LEU A 302 -26.97 0.30 -10.85
CA LEU A 302 -26.67 -1.10 -11.09
C LEU A 302 -26.63 -1.38 -12.59
N VAL A 303 -25.93 -2.45 -12.95
CA VAL A 303 -25.76 -2.84 -14.33
C VAL A 303 -26.86 -3.81 -14.72
N LYS A 304 -27.47 -3.59 -15.88
CA LYS A 304 -28.54 -4.45 -16.33
C LYS A 304 -27.97 -5.56 -17.20
N VAL A 305 -27.60 -6.65 -16.54
CA VAL A 305 -27.05 -7.81 -17.23
C VAL A 305 -28.13 -8.48 -18.06
N THR A 306 -27.86 -8.71 -19.34
CA THR A 306 -28.77 -9.49 -20.17
C THR A 306 -28.66 -10.96 -19.77
N LEU A 307 -29.76 -11.53 -19.32
CA LEU A 307 -29.77 -12.92 -18.88
C LEU A 307 -30.55 -13.79 -19.87
N THR A 308 -30.15 -15.04 -20.03
CA THR A 308 -30.91 -15.98 -20.83
C THR A 308 -32.24 -16.27 -20.15
N SER A 309 -33.10 -17.00 -20.83
CA SER A 309 -34.39 -17.40 -20.29
C SER A 309 -34.21 -18.21 -19.02
N GLU A 310 -33.32 -19.21 -19.06
CA GLU A 310 -33.04 -20.04 -17.89
C GLU A 310 -32.40 -19.26 -16.74
N GLU A 311 -31.48 -18.35 -17.07
CA GLU A 311 -30.88 -17.52 -16.04
C GLU A 311 -31.95 -16.67 -15.36
N GLU A 312 -32.86 -16.10 -16.15
CA GLU A 312 -33.92 -15.26 -15.59
CA GLU A 312 -33.93 -15.27 -15.61
C GLU A 312 -34.85 -16.07 -14.69
N ALA A 313 -35.28 -17.24 -15.16
CA ALA A 313 -36.14 -18.12 -14.37
C ALA A 313 -35.49 -18.52 -13.03
N ARG A 314 -34.19 -18.75 -13.03
CA ARG A 314 -33.50 -19.07 -11.78
C ARG A 314 -33.54 -17.91 -10.78
N LEU A 315 -33.35 -16.69 -11.26
CA LEU A 315 -33.47 -15.52 -10.38
C LEU A 315 -34.90 -15.42 -9.83
N LYS A 316 -35.88 -15.55 -10.71
CA LYS A 316 -37.28 -15.48 -10.31
C LYS A 316 -37.62 -16.54 -9.27
N LYS A 317 -37.15 -17.77 -9.51
CA LYS A 317 -37.38 -18.86 -8.57
C LYS A 317 -36.77 -18.52 -7.20
N SER A 318 -35.58 -17.92 -7.22
CA SER A 318 -34.94 -17.46 -6.00
C SER A 318 -35.78 -16.40 -5.31
N ALA A 319 -36.25 -15.42 -6.07
CA ALA A 319 -37.06 -14.33 -5.52
C ALA A 319 -38.32 -14.88 -4.85
N ASP A 320 -38.94 -15.85 -5.50
CA ASP A 320 -40.15 -16.48 -4.97
C ASP A 320 -39.90 -17.17 -3.64
N THR A 321 -38.79 -17.92 -3.56
CA THR A 321 -38.43 -18.64 -2.35
C THR A 321 -38.11 -17.67 -1.22
N LEU A 322 -37.29 -16.67 -1.52
CA LEU A 322 -36.95 -15.62 -0.56
C LEU A 322 -38.21 -14.91 -0.04
N TRP A 323 -39.07 -14.46 -0.95
CA TRP A 323 -40.29 -13.80 -0.52
C TRP A 323 -41.18 -14.70 0.35
N GLY A 324 -41.22 -15.98 -0.02
CA GLY A 324 -42.01 -16.96 0.71
C GLY A 324 -41.60 -17.04 2.17
N ILE A 325 -40.31 -16.90 2.42
CA ILE A 325 -39.81 -16.88 3.78
C ILE A 325 -40.08 -15.52 4.42
N GLN A 326 -39.80 -14.46 3.69
CA GLN A 326 -39.96 -13.11 4.24
C GLN A 326 -41.39 -12.79 4.64
N LYS A 327 -42.36 -13.23 3.83
CA LYS A 327 -43.75 -12.89 4.11
C LYS A 327 -44.25 -13.54 5.40
N GLU A 328 -43.42 -14.39 6.01
CA GLU A 328 -43.78 -15.08 7.25
C GLU A 328 -43.00 -14.58 8.46
N LEU A 329 -42.03 -13.69 8.23
CA LEU A 329 -41.18 -13.20 9.31
C LEU A 329 -41.93 -12.24 10.22
N GLN A 330 -41.73 -12.41 11.53
CA GLN A 330 -42.32 -11.51 12.51
C GLN A 330 -41.35 -10.41 12.91
N PHE A 331 -41.67 -9.18 12.53
CA PHE A 331 -40.81 -8.03 12.82
C PHE A 331 -41.16 -7.34 14.14
N ALA B 1 -7.96 -29.32 -29.93
CA ALA B 1 -7.76 -28.02 -29.30
C ALA B 1 -8.77 -27.81 -28.18
N THR B 2 -8.26 -27.70 -26.96
CA THR B 2 -9.11 -27.38 -25.81
C THR B 2 -9.43 -25.89 -25.81
N LEU B 3 -10.32 -25.47 -24.91
CA LEU B 3 -10.66 -24.04 -24.82
C LEU B 3 -9.44 -23.22 -24.45
N LYS B 4 -8.65 -23.72 -23.50
CA LYS B 4 -7.45 -23.00 -23.07
C LYS B 4 -6.51 -22.79 -24.25
N ASP B 5 -6.31 -23.85 -25.05
CA ASP B 5 -5.47 -23.78 -26.25
C ASP B 5 -6.02 -22.84 -27.30
N GLN B 6 -7.34 -22.72 -27.38
CA GLN B 6 -7.95 -21.82 -28.34
C GLN B 6 -7.72 -20.39 -27.89
N LEU B 7 -7.85 -20.18 -26.59
CA LEU B 7 -7.81 -18.84 -26.00
C LEU B 7 -6.38 -18.33 -25.80
N ILE B 8 -5.46 -19.25 -25.51
CA ILE B 8 -4.11 -18.87 -25.11
C ILE B 8 -3.03 -19.59 -25.89
N TYR B 9 -2.14 -18.83 -26.52
CA TYR B 9 -0.98 -19.43 -27.17
C TYR B 9 0.20 -19.37 -26.23
N ASN B 10 0.82 -20.53 -26.01
CA ASN B 10 1.94 -20.63 -25.12
C ASN B 10 3.26 -20.37 -25.85
N LEU B 11 4.12 -19.54 -25.25
CA LEU B 11 5.45 -19.30 -25.80
C LEU B 11 6.46 -20.30 -25.25
N LEU B 12 6.34 -20.57 -23.95
CA LEU B 12 7.18 -21.57 -23.31
C LEU B 12 6.60 -22.10 -22.01
N LYS B 13 6.94 -23.34 -21.68
CA LYS B 13 6.52 -23.96 -20.44
C LYS B 13 7.66 -23.97 -19.44
N GLU B 14 7.82 -25.10 -18.75
CA GLU B 14 8.85 -25.25 -17.72
C GLU B 14 8.60 -24.36 -16.51
N GLU B 15 8.35 -25.01 -15.37
CA GLU B 15 8.07 -24.31 -14.13
C GLU B 15 9.29 -23.52 -13.69
N GLN B 16 9.05 -22.38 -13.06
CA GLN B 16 10.13 -21.62 -12.48
C GLN B 16 9.98 -21.65 -10.97
N THR B 17 11.09 -21.53 -10.26
CA THR B 17 11.03 -21.46 -8.82
C THR B 17 10.52 -20.08 -8.42
N PRO B 18 9.96 -19.96 -7.22
CA PRO B 18 9.54 -18.64 -6.72
C PRO B 18 10.75 -17.80 -6.34
N GLN B 19 10.59 -16.49 -6.36
CA GLN B 19 11.67 -15.57 -6.09
C GLN B 19 11.66 -15.11 -4.63
N ASN B 20 10.51 -15.21 -4.01
CA ASN B 20 10.31 -14.62 -2.69
C ASN B 20 9.40 -15.48 -1.86
N LYS B 21 9.78 -16.75 -1.69
CA LYS B 21 8.89 -17.69 -1.04
C LYS B 21 8.98 -17.60 0.47
N ILE B 22 7.81 -17.66 1.11
CA ILE B 22 7.74 -17.66 2.55
C ILE B 22 6.92 -18.87 3.00
N THR B 23 7.41 -19.55 4.04
CA THR B 23 6.69 -20.66 4.63
C THR B 23 6.27 -20.30 6.05
N VAL B 24 5.05 -20.66 6.41
CA VAL B 24 4.60 -20.58 7.80
C VAL B 24 4.35 -21.99 8.33
N VAL B 25 5.05 -22.36 9.41
CA VAL B 25 4.83 -23.67 10.01
C VAL B 25 3.90 -23.50 11.20
N GLY B 26 2.79 -24.23 11.19
CA GLY B 26 1.74 -24.07 12.18
C GLY B 26 0.66 -23.14 11.63
N VAL B 27 -0.55 -23.64 11.45
CA VAL B 27 -1.65 -22.81 10.96
C VAL B 27 -2.68 -22.55 12.07
N GLY B 28 -2.16 -22.39 13.29
CA GLY B 28 -2.98 -22.01 14.42
C GLY B 28 -3.35 -20.54 14.34
N ALA B 29 -3.79 -19.98 15.46
CA ALA B 29 -4.23 -18.59 15.47
C ALA B 29 -3.08 -17.66 15.08
N VAL B 30 -1.87 -17.99 15.58
CA VAL B 30 -0.69 -17.18 15.29
C VAL B 30 -0.19 -17.36 13.86
N GLY B 31 -0.07 -18.61 13.41
CA GLY B 31 0.37 -18.89 12.06
C GLY B 31 -0.49 -18.17 11.02
N MET B 32 -1.81 -18.23 11.17
CA MET B 32 -2.72 -17.63 10.21
C MET B 32 -2.75 -16.09 10.32
N ALA B 33 -2.55 -15.57 11.53
CA ALA B 33 -2.44 -14.11 11.67
C ALA B 33 -1.15 -13.63 10.98
N CYS B 34 -0.07 -14.39 11.10
CA CYS B 34 1.14 -14.06 10.36
C CYS B 34 0.90 -14.12 8.85
N ALA B 35 0.24 -15.19 8.39
CA ALA B 35 -0.03 -15.38 6.98
C ALA B 35 -0.82 -14.22 6.34
N ILE B 36 -1.92 -13.84 6.96
CA ILE B 36 -2.77 -12.82 6.35
C ILE B 36 -2.02 -11.48 6.36
N SER B 37 -1.25 -11.23 7.42
CA SER B 37 -0.52 -9.96 7.53
C SER B 37 0.57 -9.87 6.45
N ILE B 38 1.26 -10.99 6.23
CA ILE B 38 2.27 -11.08 5.18
C ILE B 38 1.67 -10.99 3.77
N LEU B 39 0.57 -11.71 3.54
CA LEU B 39 -0.15 -11.62 2.27
C LEU B 39 -0.62 -10.19 1.96
N MET B 40 -1.15 -9.51 2.96
CA MET B 40 -1.65 -8.15 2.74
C MET B 40 -0.54 -7.11 2.64
N LYS B 41 0.70 -7.49 2.96
CA LYS B 41 1.83 -6.59 2.77
C LYS B 41 2.61 -6.89 1.47
N ASP B 42 2.07 -7.81 0.67
CA ASP B 42 2.69 -8.21 -0.61
C ASP B 42 4.16 -8.59 -0.50
N LEU B 43 4.52 -9.38 0.50
CA LEU B 43 5.93 -9.69 0.74
C LEU B 43 6.41 -10.93 0.01
N ALA B 44 5.47 -11.80 -0.38
CA ALA B 44 5.82 -13.10 -0.96
C ALA B 44 5.20 -13.35 -2.33
N ASP B 45 5.90 -14.09 -3.19
CA ASP B 45 5.30 -14.55 -4.44
C ASP B 45 4.78 -15.98 -4.33
N GLU B 46 5.18 -16.67 -3.26
CA GLU B 46 4.62 -17.96 -2.90
C GLU B 46 4.57 -18.08 -1.38
N LEU B 47 3.41 -18.52 -0.88
CA LEU B 47 3.25 -18.82 0.55
C LEU B 47 2.99 -20.33 0.74
N ALA B 48 3.83 -21.00 1.52
CA ALA B 48 3.60 -22.40 1.85
C ALA B 48 3.19 -22.57 3.32
N LEU B 49 2.19 -23.44 3.57
CA LEU B 49 1.73 -23.70 4.93
C LEU B 49 1.99 -25.15 5.34
N VAL B 50 2.44 -25.34 6.57
CA VAL B 50 2.68 -26.70 7.09
C VAL B 50 2.05 -26.86 8.46
N ASP B 51 1.41 -28.00 8.70
CA ASP B 51 0.86 -28.33 10.01
C ASP B 51 0.76 -29.84 10.10
N VAL B 52 0.52 -30.37 11.30
CA VAL B 52 0.29 -31.81 11.43
C VAL B 52 -1.20 -32.17 11.35
N ILE B 53 -2.06 -31.18 11.62
CA ILE B 53 -3.51 -31.41 11.49
C ILE B 53 -3.91 -31.24 10.04
N GLU B 54 -4.12 -32.34 9.32
CA GLU B 54 -4.25 -32.25 7.86
C GLU B 54 -5.50 -31.56 7.31
N ASP B 55 -6.67 -31.76 7.92
CA ASP B 55 -7.89 -31.11 7.45
CA ASP B 55 -7.88 -31.11 7.44
C ASP B 55 -7.86 -29.60 7.72
N LYS B 56 -7.52 -29.22 8.95
CA LYS B 56 -7.36 -27.81 9.32
C LYS B 56 -6.43 -27.11 8.33
N LEU B 57 -5.29 -27.76 8.05
CA LEU B 57 -4.33 -27.26 7.08
C LEU B 57 -4.92 -27.02 5.70
N LYS B 58 -5.58 -28.03 5.13
CA LYS B 58 -6.23 -27.88 3.83
C LYS B 58 -7.26 -26.75 3.87
N GLY B 59 -8.06 -26.71 4.92
CA GLY B 59 -9.09 -25.68 5.08
C GLY B 59 -8.55 -24.27 5.12
N GLU B 60 -7.45 -24.07 5.86
CA GLU B 60 -6.86 -22.75 5.98
C GLU B 60 -6.28 -22.33 4.64
N MET B 61 -5.55 -23.23 4.01
CA MET B 61 -5.02 -22.98 2.66
C MET B 61 -6.12 -22.57 1.68
N MET B 62 -7.22 -23.33 1.64
CA MET B 62 -8.31 -23.04 0.70
C MET B 62 -8.92 -21.67 1.00
N ASP B 63 -9.08 -21.36 2.27
CA ASP B 63 -9.67 -20.09 2.69
C ASP B 63 -8.82 -18.92 2.17
N LEU B 64 -7.49 -19.04 2.29
CA LEU B 64 -6.62 -18.01 1.74
C LEU B 64 -6.71 -17.98 0.21
N GLN B 65 -6.72 -19.16 -0.41
CA GLN B 65 -6.78 -19.22 -1.87
C GLN B 65 -8.02 -18.54 -2.43
N HIS B 66 -9.14 -18.68 -1.72
CA HIS B 66 -10.38 -18.07 -2.17
C HIS B 66 -10.30 -16.53 -2.14
N GLY B 67 -9.31 -16.01 -1.44
CA GLY B 67 -9.12 -14.56 -1.37
C GLY B 67 -8.13 -14.00 -2.39
N SER B 68 -7.71 -14.86 -3.31
CA SER B 68 -6.64 -14.54 -4.27
C SER B 68 -6.92 -13.31 -5.14
N LEU B 69 -8.17 -13.15 -5.54
CA LEU B 69 -8.59 -11.98 -6.33
C LEU B 69 -8.19 -10.68 -5.67
N PHE B 70 -8.14 -10.70 -4.35
CA PHE B 70 -7.85 -9.51 -3.56
C PHE B 70 -6.40 -9.43 -3.11
N LEU B 71 -5.58 -10.39 -3.53
CA LEU B 71 -4.19 -10.43 -3.10
C LEU B 71 -3.24 -10.30 -4.29
N ARG B 72 -1.95 -10.16 -4.00
CA ARG B 72 -0.93 -10.13 -5.05
CA ARG B 72 -0.93 -10.14 -5.05
C ARG B 72 0.12 -11.23 -4.82
N THR B 73 -0.33 -12.38 -4.35
CA THR B 73 0.55 -13.53 -4.12
C THR B 73 -0.01 -14.71 -4.88
N PRO B 74 0.55 -15.00 -6.06
CA PRO B 74 -0.09 -15.89 -7.03
C PRO B 74 -0.12 -17.39 -6.66
N LYS B 75 0.70 -17.85 -5.72
CA LYS B 75 0.64 -19.27 -5.37
C LYS B 75 0.65 -19.51 -3.87
N ILE B 76 -0.37 -20.21 -3.40
CA ILE B 76 -0.45 -20.63 -2.00
C ILE B 76 -0.60 -22.14 -1.95
N VAL B 77 0.29 -22.80 -1.21
CA VAL B 77 0.33 -24.25 -1.15
C VAL B 77 0.36 -24.71 0.31
N SER B 78 0.04 -25.97 0.54
CA SER B 78 0.11 -26.53 1.88
C SER B 78 0.39 -28.03 1.83
N GLY B 79 0.88 -28.57 2.94
CA GLY B 79 1.15 -29.98 3.02
C GLY B 79 1.75 -30.33 4.37
N LYS B 80 1.50 -31.57 4.79
CA LYS B 80 2.10 -32.15 5.98
C LYS B 80 3.58 -32.43 5.70
N ASP B 81 3.89 -32.62 4.42
CA ASP B 81 5.23 -32.99 3.99
C ASP B 81 6.04 -31.75 3.67
N TYR B 82 7.31 -31.72 4.09
CA TYR B 82 8.09 -30.50 3.97
C TYR B 82 8.57 -30.17 2.56
N ASN B 83 8.27 -31.03 1.60
CA ASN B 83 8.58 -30.71 0.21
C ASN B 83 7.88 -29.43 -0.31
N VAL B 84 6.73 -29.10 0.27
CA VAL B 84 6.01 -27.89 -0.16
C VAL B 84 6.76 -26.61 0.23
N THR B 85 7.74 -26.74 1.10
CA THR B 85 8.45 -25.58 1.65
C THR B 85 9.78 -25.29 0.94
N ALA B 86 10.14 -26.13 -0.04
CA ALA B 86 11.46 -26.02 -0.67
C ALA B 86 11.73 -24.62 -1.23
N ASN B 87 12.98 -24.18 -1.11
CA ASN B 87 13.44 -22.92 -1.70
C ASN B 87 12.85 -21.69 -1.04
N SER B 88 12.44 -21.81 0.22
CA SER B 88 11.88 -20.67 0.95
C SER B 88 12.99 -19.69 1.31
N LYS B 89 12.71 -18.39 1.19
CA LYS B 89 13.67 -17.36 1.61
C LYS B 89 13.56 -17.15 3.12
N LEU B 90 12.36 -17.31 3.61
CA LEU B 90 12.07 -17.08 5.02
C LEU B 90 11.09 -18.15 5.48
N VAL B 91 11.43 -18.79 6.59
CA VAL B 91 10.56 -19.79 7.21
C VAL B 91 10.19 -19.35 8.62
N ILE B 92 8.89 -19.19 8.86
CA ILE B 92 8.38 -18.68 10.13
C ILE B 92 7.78 -19.83 10.92
N ILE B 93 8.27 -20.04 12.13
CA ILE B 93 7.84 -21.19 12.94
CA ILE B 93 7.81 -21.17 12.93
C ILE B 93 6.90 -20.73 14.05
N THR B 94 5.63 -21.13 13.95
CA THR B 94 4.64 -20.74 14.95
C THR B 94 3.97 -21.95 15.59
N ALA B 95 4.45 -23.16 15.27
CA ALA B 95 3.84 -24.38 15.79
C ALA B 95 4.11 -24.59 17.28
N GLY B 96 3.18 -25.24 17.98
CA GLY B 96 3.43 -25.67 19.35
C GLY B 96 2.41 -25.23 20.37
N ALA B 97 2.58 -25.73 21.59
CA ALA B 97 1.69 -25.39 22.70
C ALA B 97 1.77 -23.90 23.04
N ARG B 98 0.65 -23.33 23.46
CA ARG B 98 0.61 -21.94 23.91
C ARG B 98 0.22 -21.92 25.39
N GLN B 99 0.61 -20.87 26.10
CA GLN B 99 0.27 -20.80 27.52
C GLN B 99 -1.21 -20.51 27.77
N GLN B 100 -1.74 -21.13 28.82
CA GLN B 100 -3.13 -20.94 29.20
C GLN B 100 -3.19 -19.83 30.23
N GLU B 101 -4.40 -19.49 30.64
CA GLU B 101 -4.57 -18.43 31.61
C GLU B 101 -3.70 -18.68 32.83
N GLY B 102 -2.84 -17.73 33.15
CA GLY B 102 -2.00 -17.78 34.33
C GLY B 102 -0.75 -18.64 34.21
N GLU B 103 -0.53 -19.21 33.04
CA GLU B 103 0.60 -20.11 32.86
C GLU B 103 1.77 -19.37 32.24
N SER B 104 2.98 -19.67 32.69
CA SER B 104 4.17 -19.02 32.13
C SER B 104 4.54 -19.60 30.78
N ARG B 105 5.04 -18.77 29.88
CA ARG B 105 5.60 -19.29 28.63
C ARG B 105 6.72 -20.28 28.92
N LEU B 106 7.42 -20.08 30.02
CA LEU B 106 8.49 -21.01 30.39
C LEU B 106 8.00 -22.42 30.70
N ASN B 107 6.70 -22.59 30.91
CA ASN B 107 6.12 -23.92 31.23
C ASN B 107 5.92 -24.77 29.97
N LEU B 108 6.26 -24.19 28.82
CA LEU B 108 6.01 -24.83 27.52
C LEU B 108 7.26 -25.46 26.93
N VAL B 109 8.39 -25.35 27.63
CA VAL B 109 9.68 -25.79 27.08
C VAL B 109 9.72 -27.26 26.61
N GLN B 110 9.36 -28.21 27.46
CA GLN B 110 9.54 -29.62 27.08
C GLN B 110 8.74 -29.94 25.81
N ARG B 111 7.47 -29.55 25.83
N ARG B 111 7.47 -29.55 25.82
CA ARG B 111 6.57 -29.77 24.70
CA ARG B 111 6.56 -29.80 24.70
C ARG B 111 7.15 -29.23 23.41
C ARG B 111 7.09 -29.21 23.40
N ASN B 112 7.52 -27.96 23.44
CA ASN B 112 7.90 -27.28 22.22
C ASN B 112 9.30 -27.58 21.74
N VAL B 113 10.22 -27.85 22.66
CA VAL B 113 11.52 -28.33 22.26
C VAL B 113 11.37 -29.66 21.51
N ASN B 114 10.53 -30.55 22.04
CA ASN B 114 10.31 -31.84 21.36
C ASN B 114 9.79 -31.68 19.94
N ILE B 115 8.83 -30.76 19.76
CA ILE B 115 8.27 -30.45 18.46
C ILE B 115 9.35 -29.89 17.52
N PHE B 116 10.17 -28.97 18.03
CA PHE B 116 11.25 -28.39 17.23
C PHE B 116 12.26 -29.41 16.74
N LYS B 117 12.48 -30.46 17.53
CA LYS B 117 13.41 -31.51 17.15
C LYS B 117 12.97 -32.21 15.85
N PHE B 118 11.67 -32.20 15.56
CA PHE B 118 11.16 -32.77 14.31
CA PHE B 118 11.18 -32.77 14.31
C PHE B 118 11.09 -31.69 13.23
N ILE B 119 10.61 -30.52 13.61
CA ILE B 119 10.39 -29.44 12.64
C ILE B 119 11.66 -28.89 12.00
N ILE B 120 12.62 -28.50 12.83
CA ILE B 120 13.81 -27.81 12.32
C ILE B 120 14.63 -28.62 11.31
N PRO B 121 14.90 -29.91 11.58
CA PRO B 121 15.68 -30.63 10.55
C PRO B 121 14.95 -30.67 9.22
N ASN B 122 13.63 -30.84 9.26
CA ASN B 122 12.83 -30.84 8.05
C ASN B 122 12.91 -29.52 7.29
N VAL B 123 12.83 -28.39 8.00
CA VAL B 123 12.90 -27.11 7.34
C VAL B 123 14.25 -26.97 6.65
N VAL B 124 15.32 -27.25 7.39
CA VAL B 124 16.68 -27.08 6.88
C VAL B 124 16.99 -27.99 5.69
N LYS B 125 16.40 -29.19 5.70
CA LYS B 125 16.51 -30.13 4.60
C LYS B 125 16.06 -29.53 3.27
N TYR B 126 14.94 -28.79 3.29
CA TYR B 126 14.34 -28.28 2.05
C TYR B 126 14.63 -26.81 1.73
N SER B 127 15.04 -26.04 2.74
CA SER B 127 15.44 -24.65 2.51
C SER B 127 16.73 -24.34 3.27
N PRO B 128 17.85 -24.88 2.79
CA PRO B 128 19.13 -24.78 3.49
C PRO B 128 19.64 -23.34 3.60
N ASN B 129 19.14 -22.43 2.76
CA ASN B 129 19.62 -21.05 2.80
C ASN B 129 18.60 -20.04 3.34
N CYS B 130 17.51 -20.54 3.90
CA CYS B 130 16.49 -19.64 4.41
C CYS B 130 16.97 -18.92 5.66
N LYS B 131 16.30 -17.82 5.98
CA LYS B 131 16.33 -17.26 7.31
C LYS B 131 15.23 -17.94 8.11
N LEU B 132 15.51 -18.30 9.35
CA LEU B 132 14.50 -18.82 10.28
C LEU B 132 14.00 -17.72 11.19
N LEU B 133 12.68 -17.56 11.25
CA LEU B 133 12.09 -16.61 12.19
C LEU B 133 11.19 -17.37 13.16
N ILE B 134 11.62 -17.41 14.41
CA ILE B 134 10.97 -18.22 15.45
C ILE B 134 9.95 -17.39 16.23
N VAL B 135 8.74 -17.93 16.35
CA VAL B 135 7.65 -17.23 17.04
C VAL B 135 7.11 -18.02 18.24
N SER B 136 7.10 -19.35 18.12
CA SER B 136 6.65 -20.26 19.18
C SER B 136 7.26 -19.92 20.53
N ASN B 137 6.53 -20.16 21.62
CA ASN B 137 7.02 -19.83 22.96
C ASN B 137 7.56 -21.03 23.73
N PRO B 138 8.51 -20.77 24.64
CA PRO B 138 9.06 -19.44 24.92
C PRO B 138 10.08 -19.06 23.85
N VAL B 139 9.87 -17.93 23.19
CA VAL B 139 10.55 -17.64 21.93
C VAL B 139 12.07 -17.52 22.01
N ASP B 140 12.58 -16.96 23.11
CA ASP B 140 14.03 -16.80 23.22
C ASP B 140 14.69 -18.17 23.35
N ILE B 141 14.15 -19.02 24.21
CA ILE B 141 14.69 -20.36 24.36
CA ILE B 141 14.66 -20.38 24.37
C ILE B 141 14.59 -21.15 23.06
N LEU B 142 13.46 -21.05 22.35
CA LEU B 142 13.27 -21.82 21.13
C LEU B 142 14.09 -21.28 19.96
N THR B 143 14.45 -20.00 20.01
CA THR B 143 15.39 -19.45 19.03
C THR B 143 16.75 -20.12 19.23
N TYR B 144 17.21 -20.19 20.49
CA TYR B 144 18.45 -20.91 20.80
C TYR B 144 18.41 -22.35 20.28
N VAL B 145 17.29 -23.02 20.56
CA VAL B 145 17.08 -24.41 20.14
C VAL B 145 17.13 -24.56 18.62
N ALA B 146 16.41 -23.70 17.91
CA ALA B 146 16.42 -23.74 16.45
C ALA B 146 17.83 -23.53 15.92
N TRP B 147 18.55 -22.60 16.54
CA TRP B 147 19.95 -22.34 16.20
C TRP B 147 20.81 -23.61 16.35
N LYS B 148 20.78 -24.19 17.55
CA LYS B 148 21.57 -25.39 17.82
C LYS B 148 21.22 -26.54 16.86
N ILE B 149 19.93 -26.76 16.61
CA ILE B 149 19.51 -27.88 15.78
C ILE B 149 19.83 -27.68 14.30
N SER B 150 19.58 -26.48 13.79
CA SER B 150 19.71 -26.22 12.35
C SER B 150 21.16 -26.23 11.88
N GLY B 151 22.06 -25.80 12.75
CA GLY B 151 23.45 -25.62 12.36
C GLY B 151 23.68 -24.38 11.49
N PHE B 152 22.66 -23.52 11.41
CA PHE B 152 22.78 -22.24 10.72
C PHE B 152 23.70 -21.26 11.45
N PRO B 153 24.35 -20.36 10.69
CA PRO B 153 24.99 -19.23 11.37
C PRO B 153 23.93 -18.40 12.07
N LYS B 154 24.28 -17.82 13.22
CA LYS B 154 23.29 -17.14 14.05
C LYS B 154 22.62 -15.94 13.39
N ASN B 155 23.26 -15.34 12.39
CA ASN B 155 22.57 -14.28 11.66
C ASN B 155 21.27 -14.75 11.02
N ARG B 156 21.17 -16.04 10.70
CA ARG B 156 19.99 -16.53 9.98
C ARG B 156 18.93 -17.18 10.85
N VAL B 157 19.07 -17.05 12.16
CA VAL B 157 18.09 -17.58 13.11
C VAL B 157 17.60 -16.46 14.03
N ILE B 158 16.37 -16.00 13.81
CA ILE B 158 15.89 -14.79 14.48
C ILE B 158 14.64 -15.09 15.28
N GLY B 159 14.59 -14.65 16.53
CA GLY B 159 13.35 -14.81 17.31
C GLY B 159 12.53 -13.52 17.28
N SER B 160 11.21 -13.63 17.15
CA SER B 160 10.34 -12.43 17.10
C SER B 160 10.53 -11.56 18.35
N GLY B 161 10.91 -12.20 19.44
CA GLY B 161 11.39 -11.52 20.63
C GLY B 161 10.55 -10.34 21.12
N CYS B 162 11.23 -9.25 21.42
CA CYS B 162 10.61 -8.06 22.02
C CYS B 162 10.08 -7.01 21.05
N ASN B 163 10.05 -7.33 19.76
CA ASN B 163 9.48 -6.41 18.78
C ASN B 163 8.04 -6.10 19.20
N LEU B 164 7.33 -7.14 19.67
CA LEU B 164 5.96 -6.97 20.13
C LEU B 164 5.84 -6.29 21.49
N ASP B 165 6.72 -6.61 22.43
CA ASP B 165 6.72 -5.95 23.74
C ASP B 165 6.97 -4.46 23.57
N SER B 166 7.88 -4.13 22.67
CA SER B 166 8.22 -2.74 22.40
C SER B 166 7.06 -2.00 21.71
N ALA B 167 6.38 -2.71 20.80
CA ALA B 167 5.18 -2.17 20.15
C ALA B 167 4.07 -1.89 21.17
N ARG B 168 3.87 -2.82 22.09
CA ARG B 168 2.91 -2.61 23.17
C ARG B 168 3.29 -1.41 24.03
N PHE B 169 4.58 -1.34 24.35
CA PHE B 169 5.11 -0.27 25.17
C PHE B 169 4.85 1.08 24.52
N ARG B 170 5.08 1.15 23.21
CA ARG B 170 4.92 2.39 22.48
C ARG B 170 3.46 2.79 22.32
N TYR B 171 2.59 1.79 22.17
CA TYR B 171 1.16 2.04 22.16
C TYR B 171 0.73 2.69 23.47
N LEU B 172 1.14 2.11 24.59
CA LEU B 172 0.75 2.64 25.89
C LEU B 172 1.35 4.03 26.15
N MET B 173 2.60 4.20 25.72
CA MET B 173 3.26 5.49 25.83
CA MET B 173 3.30 5.49 25.77
C MET B 173 2.49 6.56 25.04
N GLY B 174 2.12 6.21 23.80
CA GLY B 174 1.40 7.14 22.95
C GLY B 174 0.07 7.53 23.55
N GLU B 175 -0.59 6.56 24.19
CA GLU B 175 -1.86 6.87 24.85
C GLU B 175 -1.67 7.87 25.99
N ARG B 176 -0.61 7.68 26.78
CA ARG B 176 -0.30 8.65 27.84
C ARG B 176 0.10 10.04 27.30
N LEU B 177 0.84 10.08 26.20
CA LEU B 177 1.36 11.36 25.73
C LEU B 177 0.48 12.03 24.67
N GLY B 178 -0.48 11.29 24.11
CA GLY B 178 -1.35 11.80 23.06
C GLY B 178 -0.62 11.92 21.73
N VAL B 179 0.29 10.97 21.48
CA VAL B 179 1.09 10.95 20.27
C VAL B 179 1.02 9.55 19.65
N HIS B 180 1.08 9.44 18.32
CA HIS B 180 1.05 8.13 17.65
C HIS B 180 2.26 7.30 18.07
N PRO B 181 2.07 5.96 18.23
CA PRO B 181 3.18 5.09 18.67
C PRO B 181 4.41 5.22 17.80
N LEU B 182 4.21 5.46 16.51
CA LEU B 182 5.33 5.66 15.60
C LEU B 182 6.27 6.77 16.07
N SER B 183 5.72 7.80 16.73
CA SER B 183 6.53 8.95 17.14
C SER B 183 7.00 8.87 18.60
N CYS B 184 6.54 7.83 19.31
CA CYS B 184 6.97 7.58 20.68
C CYS B 184 8.04 6.51 20.66
N HIS B 185 9.24 6.84 21.13
CA HIS B 185 10.34 5.88 21.06
C HIS B 185 10.72 5.34 22.42
N GLY B 186 10.79 4.03 22.52
CA GLY B 186 11.12 3.39 23.77
C GLY B 186 11.31 1.90 23.51
N TRP B 187 12.27 1.31 24.19
CA TRP B 187 12.68 -0.06 23.92
C TRP B 187 12.48 -0.97 25.12
N VAL B 188 11.94 -2.16 24.85
CA VAL B 188 11.83 -3.21 25.85
C VAL B 188 12.72 -4.37 25.36
N LEU B 189 13.69 -4.76 26.18
CA LEU B 189 14.70 -5.74 25.79
C LEU B 189 14.68 -6.98 26.70
N GLY B 190 15.52 -7.97 26.38
CA GLY B 190 15.63 -9.14 27.23
C GLY B 190 14.59 -10.19 26.88
N GLU B 191 14.10 -10.93 27.88
CA GLU B 191 13.14 -12.01 27.65
C GLU B 191 11.84 -11.46 27.09
N HIS B 192 11.31 -12.11 26.07
CA HIS B 192 9.91 -11.90 25.70
C HIS B 192 9.09 -12.63 26.76
N GLY B 193 8.87 -11.96 27.89
CA GLY B 193 8.27 -12.60 29.04
C GLY B 193 8.41 -11.78 30.30
N ASP B 194 8.29 -12.43 31.45
CA ASP B 194 8.21 -11.72 32.71
C ASP B 194 9.43 -10.88 33.07
N SER B 195 10.62 -11.27 32.60
CA SER B 195 11.84 -10.56 32.99
C SER B 195 12.35 -9.51 31.98
N SER B 196 11.47 -9.06 31.09
CA SER B 196 11.85 -8.08 30.09
C SER B 196 12.28 -6.78 30.77
N VAL B 197 13.04 -5.95 30.06
CA VAL B 197 13.66 -4.76 30.65
C VAL B 197 13.29 -3.49 29.88
N PRO B 198 12.57 -2.57 30.54
CA PRO B 198 12.26 -1.31 29.88
C PRO B 198 13.46 -0.38 29.97
N VAL B 199 13.91 0.15 28.84
CA VAL B 199 15.10 0.99 28.85
C VAL B 199 14.67 2.47 28.95
N TRP B 200 14.35 2.87 30.17
CA TRP B 200 13.90 4.23 30.47
C TRP B 200 14.83 5.28 29.90
N SER B 201 16.12 5.01 29.96
CA SER B 201 17.14 5.98 29.59
C SER B 201 17.12 6.32 28.10
N GLY B 202 16.46 5.51 27.31
CA GLY B 202 16.40 5.76 25.89
C GLY B 202 15.06 6.29 25.38
N MET B 203 14.07 6.39 26.27
CA MET B 203 12.73 6.81 25.86
C MET B 203 12.68 8.29 25.50
N ASN B 204 12.10 8.60 24.34
CA ASN B 204 12.06 9.98 23.87
C ASN B 204 10.95 10.22 22.86
N VAL B 205 10.62 11.49 22.66
CA VAL B 205 9.77 11.91 21.55
C VAL B 205 10.57 13.01 20.85
N ALA B 206 10.73 12.88 19.54
CA ALA B 206 11.45 13.88 18.76
C ALA B 206 12.86 14.10 19.31
N GLY B 207 13.46 13.05 19.84
CA GLY B 207 14.81 13.16 20.36
C GLY B 207 14.92 13.80 21.72
N VAL B 208 13.79 14.18 22.32
CA VAL B 208 13.81 14.78 23.65
C VAL B 208 13.72 13.67 24.69
N SER B 209 14.76 13.55 25.51
CA SER B 209 14.83 12.45 26.49
C SER B 209 13.84 12.65 27.64
N LEU B 210 12.95 11.69 27.82
CA LEU B 210 11.98 11.77 28.90
C LEU B 210 12.64 11.64 30.26
N LYS B 211 13.71 10.86 30.35
CA LYS B 211 14.44 10.70 31.60
C LYS B 211 15.16 12.00 32.01
N THR B 212 15.63 12.78 31.04
CA THR B 212 16.29 14.05 31.35
C THR B 212 15.25 15.06 31.88
N LEU B 213 14.08 15.06 31.27
CA LEU B 213 12.98 15.92 31.67
CA LEU B 213 12.99 15.92 31.67
C LEU B 213 12.42 15.49 33.02
N HIS B 214 12.46 14.19 33.29
CA HIS B 214 11.81 13.61 34.46
C HIS B 214 12.69 12.52 35.07
N PRO B 215 13.64 12.93 35.92
CA PRO B 215 14.68 12.04 36.47
C PRO B 215 14.16 10.80 37.18
N ASP B 216 13.00 10.89 37.82
CA ASP B 216 12.43 9.76 38.54
C ASP B 216 11.80 8.74 37.62
N LEU B 217 11.84 9.00 36.30
CA LEU B 217 11.14 8.16 35.33
C LEU B 217 11.46 6.68 35.48
N GLY B 218 10.45 5.87 35.76
CA GLY B 218 10.60 4.44 35.78
C GLY B 218 10.98 3.90 37.15
N THR B 219 11.28 4.78 38.09
CA THR B 219 11.68 4.33 39.43
C THR B 219 10.44 4.21 40.32
N ASP B 220 10.65 3.69 41.54
CA ASP B 220 9.54 3.54 42.48
C ASP B 220 9.04 4.88 43.04
N LYS B 221 9.88 5.89 43.00
CA LYS B 221 9.52 7.22 43.48
C LYS B 221 8.89 8.14 42.41
N ASP B 222 8.67 7.58 41.23
CA ASP B 222 8.02 8.29 40.13
C ASP B 222 6.58 8.63 40.47
N LYS B 223 6.28 9.92 40.65
CA LYS B 223 4.91 10.32 41.00
C LYS B 223 3.89 9.91 39.93
N GLU B 224 4.32 9.79 38.68
CA GLU B 224 3.42 9.38 37.60
C GLU B 224 3.44 7.86 37.37
N GLN B 225 4.24 7.17 38.19
CA GLN B 225 4.31 5.70 38.15
C GLN B 225 4.47 5.11 36.75
N TRP B 226 5.46 5.58 35.99
CA TRP B 226 5.64 5.07 34.64
C TRP B 226 6.03 3.59 34.61
N LYS B 227 6.55 3.07 35.72
CA LYS B 227 6.89 1.65 35.75
C LYS B 227 5.66 0.77 35.51
N GLU B 228 4.48 1.32 35.79
CA GLU B 228 3.22 0.61 35.57
C GLU B 228 3.01 0.35 34.09
N VAL B 229 3.59 1.18 33.24
CA VAL B 229 3.47 0.97 31.80
C VAL B 229 4.21 -0.30 31.42
N HIS B 230 5.43 -0.47 31.93
CA HIS B 230 6.15 -1.71 31.66
C HIS B 230 5.41 -2.91 32.26
N LYS B 231 4.86 -2.72 33.45
CA LYS B 231 4.11 -3.78 34.10
C LYS B 231 2.94 -4.22 33.22
N GLN B 232 2.25 -3.25 32.60
CA GLN B 232 1.19 -3.55 31.64
C GLN B 232 1.69 -4.33 30.43
N VAL B 233 2.88 -4.00 29.96
CA VAL B 233 3.50 -4.75 28.87
C VAL B 233 3.75 -6.21 29.29
N VAL B 234 4.31 -6.40 30.48
CA VAL B 234 4.55 -7.74 31.00
C VAL B 234 3.24 -8.54 31.08
N GLU B 235 2.19 -7.90 31.58
CA GLU B 235 0.92 -8.56 31.82
CA GLU B 235 0.93 -8.58 31.81
C GLU B 235 0.03 -8.65 30.57
N SER B 236 0.45 -8.00 29.50
CA SER B 236 -0.32 -7.91 28.26
C SER B 236 -0.89 -9.22 27.73
N ALA B 237 -0.01 -10.20 27.52
CA ALA B 237 -0.45 -11.47 26.96
C ALA B 237 -1.43 -12.16 27.89
N TYR B 238 -1.14 -12.11 29.19
CA TYR B 238 -2.00 -12.73 30.18
CA TYR B 238 -2.02 -12.72 30.18
C TYR B 238 -3.43 -12.15 30.12
N GLU B 239 -3.54 -10.82 30.08
CA GLU B 239 -4.84 -10.18 30.06
C GLU B 239 -5.60 -10.57 28.82
N VAL B 240 -4.93 -10.50 27.67
CA VAL B 240 -5.58 -10.80 26.42
C VAL B 240 -5.98 -12.28 26.38
N ILE B 241 -5.12 -13.15 26.89
CA ILE B 241 -5.43 -14.57 26.96
C ILE B 241 -6.64 -14.82 27.86
N LYS B 242 -6.71 -14.14 28.99
CA LYS B 242 -7.85 -14.32 29.89
C LYS B 242 -9.16 -13.89 29.20
N LEU B 243 -9.07 -12.89 28.33
CA LEU B 243 -10.26 -12.32 27.66
C LEU B 243 -10.73 -13.09 26.44
N LYS B 244 -9.82 -13.36 25.50
CA LYS B 244 -10.21 -14.04 24.27
C LYS B 244 -9.58 -15.42 24.09
N GLY B 245 -8.79 -15.86 25.07
CA GLY B 245 -8.22 -17.21 25.03
C GLY B 245 -6.80 -17.36 24.49
N TYR B 246 -6.34 -16.40 23.69
CA TYR B 246 -5.01 -16.47 23.08
C TYR B 246 -4.72 -15.09 22.52
N THR B 247 -3.48 -14.84 22.07
CA THR B 247 -3.18 -13.60 21.33
C THR B 247 -2.80 -13.98 19.90
N SER B 248 -3.10 -13.10 18.95
CA SER B 248 -2.84 -13.42 17.55
C SER B 248 -2.59 -12.21 16.66
N TRP B 249 -3.47 -11.20 16.69
CA TRP B 249 -3.36 -10.13 15.72
C TRP B 249 -2.07 -9.31 15.88
N ALA B 250 -1.74 -8.94 17.12
CA ALA B 250 -0.56 -8.09 17.32
C ALA B 250 0.74 -8.81 16.94
N ILE B 251 0.84 -10.08 17.29
CA ILE B 251 2.04 -10.82 16.92
C ILE B 251 2.10 -11.02 15.39
N GLY B 252 0.94 -11.24 14.77
CA GLY B 252 0.88 -11.33 13.32
C GLY B 252 1.46 -10.09 12.65
N LEU B 253 1.02 -8.92 13.11
CA LEU B 253 1.54 -7.64 12.62
C LEU B 253 3.04 -7.47 12.91
N SER B 254 3.46 -7.86 14.11
CA SER B 254 4.87 -7.77 14.49
C SER B 254 5.74 -8.62 13.58
N VAL B 255 5.31 -9.85 13.34
CA VAL B 255 6.04 -10.78 12.48
C VAL B 255 6.11 -10.25 11.05
N ALA B 256 5.02 -9.66 10.55
CA ALA B 256 5.03 -9.10 9.20
C ALA B 256 5.97 -7.92 9.09
N ASP B 257 6.07 -7.14 10.17
CA ASP B 257 7.01 -6.01 10.25
C ASP B 257 8.45 -6.53 10.15
N LEU B 258 8.76 -7.58 10.90
CA LEU B 258 10.09 -8.20 10.80
C LEU B 258 10.33 -8.79 9.42
N ALA B 259 9.34 -9.51 8.89
CA ALA B 259 9.47 -10.13 7.58
C ALA B 259 9.68 -9.09 6.48
N GLU B 260 9.04 -7.93 6.60
CA GLU B 260 9.25 -6.86 5.62
C GLU B 260 10.70 -6.37 5.59
N SER B 261 11.29 -6.15 6.75
CA SER B 261 12.68 -5.69 6.81
C SER B 261 13.59 -6.75 6.20
N ILE B 262 13.33 -8.01 6.53
CA ILE B 262 14.14 -9.10 5.98
C ILE B 262 14.01 -9.24 4.47
N MET B 263 12.77 -9.36 3.96
CA MET B 263 12.56 -9.64 2.54
C MET B 263 12.97 -8.47 1.63
N LYS B 264 12.82 -7.24 2.12
CA LYS B 264 13.15 -6.07 1.31
C LYS B 264 14.53 -5.49 1.66
N ASN B 265 15.28 -6.22 2.50
CA ASN B 265 16.64 -5.81 2.88
C ASN B 265 16.70 -4.37 3.37
N LEU B 266 15.80 -4.01 4.29
CA LEU B 266 15.64 -2.60 4.67
C LEU B 266 16.75 -2.13 5.62
N ARG B 267 17.29 -3.05 6.40
CA ARG B 267 18.26 -2.68 7.43
C ARG B 267 17.65 -1.69 8.44
N ARG B 268 16.40 -1.95 8.82
CA ARG B 268 15.78 -1.27 9.96
C ARG B 268 16.19 -1.96 11.26
N VAL B 269 16.07 -1.25 12.38
CA VAL B 269 16.47 -1.77 13.67
C VAL B 269 15.24 -2.24 14.47
N HIS B 270 15.27 -3.49 14.91
CA HIS B 270 14.17 -4.11 15.66
C HIS B 270 14.76 -4.88 16.83
N PRO B 271 14.08 -4.88 17.99
CA PRO B 271 14.55 -5.76 19.06
C PRO B 271 14.05 -7.19 18.82
N VAL B 272 14.97 -8.12 18.58
CA VAL B 272 14.62 -9.51 18.29
C VAL B 272 15.57 -10.43 19.05
N SER B 273 15.16 -11.69 19.26
CA SER B 273 15.99 -12.64 19.99
C SER B 273 17.21 -13.02 19.22
N THR B 274 18.37 -12.81 19.83
CA THR B 274 19.61 -13.23 19.23
C THR B 274 20.62 -13.55 20.33
N MET B 275 21.77 -14.08 19.94
CA MET B 275 22.80 -14.39 20.93
C MET B 275 23.51 -13.12 21.40
N ILE B 276 23.50 -12.88 22.70
CA ILE B 276 24.07 -11.64 23.23
C ILE B 276 25.42 -11.83 23.89
N LYS B 277 26.00 -13.02 23.75
CA LYS B 277 27.34 -13.27 24.27
C LYS B 277 28.28 -12.16 23.81
N GLY B 278 29.04 -11.59 24.73
CA GLY B 278 29.96 -10.53 24.40
C GLY B 278 29.47 -9.15 24.81
N LEU B 279 28.17 -9.02 25.09
CA LEU B 279 27.61 -7.76 25.58
C LEU B 279 27.38 -7.85 27.09
N TYR B 280 27.67 -6.76 27.79
CA TYR B 280 27.37 -6.64 29.22
C TYR B 280 28.02 -7.74 30.05
N GLY B 281 29.26 -8.08 29.70
CA GLY B 281 30.00 -9.13 30.38
C GLY B 281 29.39 -10.52 30.32
N ILE B 282 28.41 -10.71 29.45
CA ILE B 282 27.76 -12.02 29.33
C ILE B 282 28.61 -13.00 28.51
N LYS B 283 28.94 -14.14 29.11
CA LYS B 283 29.81 -15.13 28.47
C LYS B 283 29.05 -16.35 27.91
N ASP B 284 27.76 -16.45 28.22
CA ASP B 284 26.99 -17.63 27.86
C ASP B 284 26.35 -17.49 26.49
N ASP B 285 26.02 -18.62 25.86
CA ASP B 285 25.40 -18.60 24.54
C ASP B 285 23.91 -18.32 24.64
N VAL B 286 23.54 -17.32 25.45
CA VAL B 286 22.14 -17.06 25.70
C VAL B 286 21.48 -16.18 24.62
N PHE B 287 20.22 -16.50 24.30
CA PHE B 287 19.43 -15.73 23.34
C PHE B 287 18.38 -14.87 24.06
N LEU B 288 18.31 -13.60 23.70
CA LEU B 288 17.25 -12.72 24.16
C LEU B 288 17.31 -11.47 23.30
N SER B 289 16.35 -10.55 23.48
CA SER B 289 16.24 -9.42 22.55
C SER B 289 17.18 -8.25 22.84
N VAL B 290 17.90 -7.80 21.81
CA VAL B 290 18.53 -6.50 21.80
C VAL B 290 18.24 -5.92 20.42
N PRO B 291 18.43 -4.61 20.24
CA PRO B 291 18.18 -4.02 18.92
C PRO B 291 19.14 -4.61 17.88
N CYS B 292 18.59 -5.08 16.76
CA CYS B 292 19.39 -5.64 15.68
C CYS B 292 19.05 -4.98 14.34
N ILE B 293 20.05 -4.88 13.46
CA ILE B 293 19.81 -4.46 12.08
C ILE B 293 19.35 -5.69 11.29
N LEU B 294 18.16 -5.60 10.69
CA LEU B 294 17.59 -6.72 9.94
C LEU B 294 17.56 -6.48 8.43
N GLY B 295 18.01 -7.47 7.68
CA GLY B 295 18.13 -7.36 6.24
C GLY B 295 18.09 -8.73 5.58
N GLN B 296 18.53 -8.80 4.33
CA GLN B 296 18.37 -10.04 3.57
C GLN B 296 19.23 -11.19 4.10
N ASN B 297 20.20 -10.88 4.97
CA ASN B 297 21.00 -11.94 5.58
C ASN B 297 20.57 -12.16 7.03
N GLY B 298 19.39 -11.67 7.36
CA GLY B 298 18.89 -11.78 8.73
C GLY B 298 19.49 -10.70 9.61
N ILE B 299 20.05 -11.09 10.74
CA ILE B 299 20.65 -10.15 11.68
C ILE B 299 22.11 -9.89 11.28
N SER B 300 22.40 -8.71 10.74
CA SER B 300 23.74 -8.43 10.26
C SER B 300 24.59 -7.71 11.31
N ASP B 301 23.91 -7.02 12.22
CA ASP B 301 24.56 -6.20 13.25
C ASP B 301 23.69 -6.11 14.48
N LEU B 302 24.33 -5.91 15.63
CA LEU B 302 23.62 -5.62 16.87
C LEU B 302 23.91 -4.17 17.20
N VAL B 303 22.92 -3.44 17.72
CA VAL B 303 23.18 -2.09 18.24
C VAL B 303 23.52 -2.19 19.72
N LYS B 304 24.60 -1.53 20.14
CA LYS B 304 25.03 -1.64 21.52
C LYS B 304 24.39 -0.56 22.39
N VAL B 305 23.31 -0.89 23.08
CA VAL B 305 22.64 0.08 23.93
C VAL B 305 23.41 0.32 25.23
N THR B 306 23.62 1.59 25.58
CA THR B 306 24.22 1.90 26.87
C THR B 306 23.12 1.85 27.92
N LEU B 307 23.22 0.87 28.83
CA LEU B 307 22.22 0.72 29.87
C LEU B 307 22.72 1.38 31.15
N THR B 308 21.83 1.95 31.94
CA THR B 308 22.20 2.39 33.27
C THR B 308 22.64 1.17 34.06
N SER B 309 23.30 1.39 35.19
CA SER B 309 23.69 0.29 36.04
C SER B 309 22.49 -0.57 36.44
N GLU B 310 21.36 0.08 36.75
CA GLU B 310 20.14 -0.66 37.12
C GLU B 310 19.53 -1.39 35.94
N GLU B 311 19.50 -0.75 34.77
CA GLU B 311 18.98 -1.40 33.57
C GLU B 311 19.86 -2.60 33.21
N GLU B 312 21.17 -2.44 33.35
CA GLU B 312 22.06 -3.53 32.96
C GLU B 312 21.89 -4.71 33.91
N ALA B 313 21.73 -4.42 35.21
CA ALA B 313 21.48 -5.46 36.20
C ALA B 313 20.24 -6.28 35.87
N ARG B 314 19.14 -5.61 35.50
CA ARG B 314 17.91 -6.32 35.16
C ARG B 314 18.07 -7.16 33.90
N LEU B 315 18.84 -6.66 32.93
CA LEU B 315 19.06 -7.43 31.71
C LEU B 315 19.88 -8.69 31.96
N LYS B 316 20.94 -8.57 32.77
CA LYS B 316 21.75 -9.71 33.15
C LYS B 316 20.95 -10.73 33.97
N LYS B 317 19.97 -10.24 34.73
CA LYS B 317 19.12 -11.12 35.53
C LYS B 317 18.22 -11.90 34.59
N SER B 318 17.73 -11.22 33.55
CA SER B 318 16.95 -11.85 32.50
C SER B 318 17.77 -12.93 31.79
N ALA B 319 19.01 -12.60 31.46
CA ALA B 319 19.92 -13.53 30.78
C ALA B 319 20.27 -14.73 31.66
N ASP B 320 20.44 -14.48 32.96
CA ASP B 320 20.72 -15.55 33.90
C ASP B 320 19.56 -16.53 33.92
N THR B 321 18.36 -15.99 34.01
CA THR B 321 17.15 -16.80 34.06
C THR B 321 17.03 -17.68 32.83
N LEU B 322 17.18 -17.07 31.66
CA LEU B 322 17.05 -17.77 30.40
C LEU B 322 18.15 -18.80 30.20
N TRP B 323 19.39 -18.46 30.56
CA TRP B 323 20.50 -19.40 30.35
C TRP B 323 20.38 -20.62 31.27
N GLY B 324 19.85 -20.42 32.47
CA GLY B 324 19.61 -21.52 33.38
C GLY B 324 18.71 -22.58 32.74
N ILE B 325 17.78 -22.12 31.91
CA ILE B 325 16.87 -23.02 31.23
C ILE B 325 17.54 -23.60 29.98
N GLN B 326 18.14 -22.73 29.17
CA GLN B 326 18.77 -23.17 27.93
C GLN B 326 19.85 -24.21 28.17
N LYS B 327 20.66 -23.99 29.20
CA LYS B 327 21.83 -24.84 29.39
C LYS B 327 21.48 -26.27 29.76
N GLU B 328 20.26 -26.49 30.22
CA GLU B 328 19.86 -27.84 30.65
C GLU B 328 19.30 -28.66 29.48
N LEU B 329 18.99 -27.97 28.39
CA LEU B 329 18.42 -28.63 27.21
C LEU B 329 19.39 -29.65 26.63
N GLN B 330 18.85 -30.81 26.23
CA GLN B 330 19.68 -31.83 25.63
C GLN B 330 19.22 -32.15 24.20
N PHE B 331 20.18 -32.24 23.29
CA PHE B 331 19.88 -32.42 21.88
C PHE B 331 20.30 -33.77 21.32
N ALA C 1 36.79 3.04 19.57
CA ALA C 1 37.02 3.24 18.15
C ALA C 1 36.14 4.35 17.59
N THR C 2 35.77 4.22 16.32
CA THR C 2 34.89 5.19 15.66
C THR C 2 33.51 5.18 16.30
N LEU C 3 32.74 6.25 16.11
CA LEU C 3 31.37 6.29 16.58
C LEU C 3 30.60 5.08 16.08
N LYS C 4 30.78 4.75 14.81
CA LYS C 4 30.06 3.62 14.21
C LYS C 4 30.38 2.30 14.91
N ASP C 5 31.62 2.14 15.33
CA ASP C 5 32.03 0.92 16.02
C ASP C 5 31.55 0.88 17.46
N GLN C 6 31.47 2.05 18.10
CA GLN C 6 30.92 2.12 19.45
C GLN C 6 29.43 1.75 19.45
N LEU C 7 28.74 2.18 18.39
CA LEU C 7 27.29 2.01 18.31
C LEU C 7 26.87 0.62 17.80
N ILE C 8 27.60 0.11 16.83
CA ILE C 8 27.16 -1.09 16.12
C ILE C 8 28.20 -2.20 16.16
N TYR C 9 27.75 -3.39 16.53
CA TYR C 9 28.59 -4.58 16.48
C TYR C 9 28.25 -5.43 15.25
N ASN C 10 29.19 -5.54 14.33
CA ASN C 10 28.97 -6.29 13.10
C ASN C 10 29.11 -7.80 13.26
N LEU C 11 28.14 -8.56 12.76
CA LEU C 11 28.22 -10.02 12.70
C LEU C 11 28.66 -10.49 11.32
N LEU C 12 28.27 -9.73 10.30
CA LEU C 12 28.40 -10.16 8.90
C LEU C 12 28.95 -9.04 8.05
N LYS C 13 29.97 -9.34 7.26
CA LYS C 13 30.47 -8.36 6.32
C LYS C 13 29.90 -8.63 4.93
N GLU C 14 30.19 -9.83 4.42
CA GLU C 14 29.84 -10.24 3.05
C GLU C 14 28.47 -9.77 2.56
N GLU C 15 28.45 -8.65 1.86
CA GLU C 15 27.21 -8.17 1.26
C GLU C 15 26.80 -9.11 0.13
N GLN C 16 25.63 -8.86 -0.44
CA GLN C 16 25.05 -9.77 -1.42
C GLN C 16 24.51 -8.98 -2.61
N THR C 17 24.10 -9.70 -3.65
CA THR C 17 23.49 -9.05 -4.80
C THR C 17 22.06 -8.62 -4.45
N PRO C 18 21.64 -7.45 -4.96
CA PRO C 18 20.21 -7.15 -4.84
C PRO C 18 19.41 -8.26 -5.55
N GLN C 19 18.26 -8.63 -4.99
CA GLN C 19 17.52 -9.78 -5.48
C GLN C 19 16.34 -9.37 -6.37
N ASN C 20 15.91 -8.12 -6.27
CA ASN C 20 14.83 -7.60 -7.10
C ASN C 20 15.20 -6.24 -7.69
N LYS C 21 16.27 -6.21 -8.46
CA LYS C 21 16.81 -4.96 -8.99
C LYS C 21 16.18 -4.54 -10.30
N ILE C 22 15.88 -3.25 -10.42
CA ILE C 22 15.35 -2.69 -11.66
C ILE C 22 16.23 -1.54 -12.15
N THR C 23 16.46 -1.48 -13.46
CA THR C 23 17.20 -0.35 -14.03
C THR C 23 16.28 0.42 -14.96
N VAL C 24 16.40 1.74 -14.95
CA VAL C 24 15.74 2.59 -15.94
C VAL C 24 16.79 3.30 -16.78
N VAL C 25 16.69 3.16 -18.10
CA VAL C 25 17.66 3.78 -18.99
C VAL C 25 17.03 4.97 -19.69
N GLY C 26 17.61 6.15 -19.45
CA GLY C 26 17.05 7.40 -19.92
C GLY C 26 16.30 8.08 -18.79
N VAL C 27 16.82 9.21 -18.31
CA VAL C 27 16.15 9.93 -17.21
C VAL C 27 15.43 11.21 -17.65
N GLY C 28 14.81 11.15 -18.82
CA GLY C 28 13.90 12.19 -19.25
C GLY C 28 12.62 12.12 -18.43
N ALA C 29 11.60 12.87 -18.85
CA ALA C 29 10.36 12.93 -18.08
C ALA C 29 9.71 11.56 -17.95
N VAL C 30 9.81 10.76 -19.00
CA VAL C 30 9.24 9.41 -19.01
C VAL C 30 10.01 8.48 -18.06
N GLY C 31 11.33 8.44 -18.21
CA GLY C 31 12.15 7.63 -17.33
C GLY C 31 11.94 7.94 -15.86
N MET C 32 11.88 9.22 -15.50
CA MET C 32 11.78 9.58 -14.08
C MET C 32 10.40 9.28 -13.52
N ALA C 33 9.39 9.39 -14.36
CA ALA C 33 8.02 9.04 -13.97
C ALA C 33 7.93 7.53 -13.73
N CYS C 34 8.60 6.75 -14.57
CA CYS C 34 8.71 5.32 -14.33
C CYS C 34 9.39 5.07 -12.99
N ALA C 35 10.49 5.77 -12.76
CA ALA C 35 11.26 5.61 -11.53
C ALA C 35 10.45 5.93 -10.26
N ILE C 36 9.80 7.10 -10.21
CA ILE C 36 9.05 7.46 -8.99
C ILE C 36 7.90 6.47 -8.76
N SER C 37 7.26 6.04 -9.83
CA SER C 37 6.13 5.13 -9.69
C SER C 37 6.61 3.76 -9.19
N ILE C 38 7.75 3.32 -9.69
CA ILE C 38 8.32 2.04 -9.25
C ILE C 38 8.73 2.12 -7.77
N LEU C 39 9.30 3.26 -7.37
CA LEU C 39 9.70 3.44 -5.98
C LEU C 39 8.52 3.45 -5.03
N MET C 40 7.45 4.16 -5.41
CA MET C 40 6.29 4.25 -4.54
C MET C 40 5.45 2.97 -4.52
N LYS C 41 5.70 2.06 -5.44
CA LYS C 41 5.01 0.76 -5.42
C LYS C 41 5.86 -0.35 -4.79
N ASP C 42 7.03 0.01 -4.27
CA ASP C 42 7.91 -0.94 -3.60
C ASP C 42 8.24 -2.18 -4.44
N LEU C 43 8.59 -2.00 -5.70
CA LEU C 43 8.82 -3.16 -6.58
C LEU C 43 10.27 -3.65 -6.61
N ALA C 44 11.20 -2.80 -6.15
CA ALA C 44 12.62 -3.10 -6.28
C ALA C 44 13.38 -2.90 -4.97
N ASP C 45 14.43 -3.70 -4.76
CA ASP C 45 15.30 -3.50 -3.61
C ASP C 45 16.52 -2.64 -3.98
N GLU C 46 16.73 -2.46 -5.27
CA GLU C 46 17.74 -1.53 -5.77
C GLU C 46 17.31 -1.02 -7.13
N LEU C 47 17.41 0.28 -7.32
CA LEU C 47 17.07 0.93 -8.58
C LEU C 47 18.31 1.58 -9.17
N ALA C 48 18.58 1.32 -10.45
CA ALA C 48 19.68 1.99 -11.15
C ALA C 48 19.13 2.88 -12.26
N LEU C 49 19.73 4.05 -12.43
CA LEU C 49 19.40 4.93 -13.53
C LEU C 49 20.63 5.06 -14.41
N VAL C 50 20.44 5.10 -15.72
CA VAL C 50 21.53 5.34 -16.66
C VAL C 50 21.10 6.39 -17.66
N ASP C 51 22.04 7.23 -18.08
CA ASP C 51 21.79 8.23 -19.11
C ASP C 51 23.13 8.70 -19.62
N VAL C 52 23.14 9.49 -20.70
CA VAL C 52 24.39 10.04 -21.22
C VAL C 52 24.62 11.47 -20.72
N ILE C 53 23.56 12.12 -20.23
CA ILE C 53 23.70 13.45 -19.64
C ILE C 53 24.07 13.33 -18.16
N GLU C 54 25.36 13.50 -17.87
CA GLU C 54 25.91 13.16 -16.54
C GLU C 54 25.38 14.00 -15.38
N ASP C 55 25.30 15.32 -15.56
CA ASP C 55 24.80 16.20 -14.50
CA ASP C 55 24.81 16.18 -14.48
C ASP C 55 23.35 15.88 -14.16
N LYS C 56 22.49 15.87 -15.17
CA LYS C 56 21.08 15.52 -15.01
C LYS C 56 20.90 14.21 -14.25
N LEU C 57 21.68 13.20 -14.65
CA LEU C 57 21.58 11.87 -14.05
C LEU C 57 21.90 11.91 -12.55
N LYS C 58 23.00 12.55 -12.18
CA LYS C 58 23.36 12.64 -10.77
C LYS C 58 22.30 13.38 -9.94
N GLY C 59 21.77 14.47 -10.49
CA GLY C 59 20.78 15.27 -9.78
C GLY C 59 19.50 14.50 -9.55
N GLU C 60 19.06 13.76 -10.57
CA GLU C 60 17.88 12.91 -10.44
C GLU C 60 18.09 11.84 -9.38
N MET C 61 19.25 11.18 -9.43
CA MET C 61 19.58 10.18 -8.42
C MET C 61 19.55 10.77 -7.01
N MET C 62 20.25 11.89 -6.81
CA MET C 62 20.29 12.54 -5.49
C MET C 62 18.90 12.94 -5.00
N ASP C 63 18.09 13.50 -5.90
CA ASP C 63 16.73 13.92 -5.53
C ASP C 63 15.93 12.72 -5.02
N LEU C 64 16.00 11.60 -5.73
CA LEU C 64 15.33 10.38 -5.28
C LEU C 64 15.88 9.90 -3.95
N GLN C 65 17.21 9.85 -3.84
CA GLN C 65 17.88 9.45 -2.61
C GLN C 65 17.39 10.27 -1.41
N HIS C 66 17.22 11.57 -1.63
CA HIS C 66 16.78 12.43 -0.54
C HIS C 66 15.39 12.07 -0.01
N GLY C 67 14.61 11.34 -0.78
CA GLY C 67 13.30 10.92 -0.31
C GLY C 67 13.31 9.55 0.36
N SER C 68 14.51 8.99 0.54
CA SER C 68 14.66 7.61 1.05
C SER C 68 13.90 7.31 2.34
N LEU C 69 13.84 8.31 3.23
CA LEU C 69 13.06 8.19 4.47
C LEU C 69 11.61 7.74 4.24
N PHE C 70 11.04 8.13 3.11
CA PHE C 70 9.62 7.88 2.85
C PHE C 70 9.44 6.69 1.91
N LEU C 71 10.52 5.96 1.66
CA LEU C 71 10.51 4.86 0.69
C LEU C 71 11.01 3.56 1.31
N ARG C 72 10.84 2.46 0.58
CA ARG C 72 11.29 1.14 1.06
CA ARG C 72 11.32 1.16 1.08
C ARG C 72 12.21 0.49 0.02
N THR C 73 13.03 1.31 -0.62
CA THR C 73 13.98 0.84 -1.63
C THR C 73 15.34 1.33 -1.17
N PRO C 74 16.11 0.45 -0.54
CA PRO C 74 17.26 0.85 0.27
C PRO C 74 18.48 1.34 -0.52
N LYS C 75 18.48 1.15 -1.83
CA LYS C 75 19.65 1.51 -2.62
C LYS C 75 19.25 2.07 -3.98
N ILE C 76 19.71 3.29 -4.24
CA ILE C 76 19.50 3.95 -5.53
C ILE C 76 20.86 4.36 -6.07
N VAL C 77 21.18 3.95 -7.28
CA VAL C 77 22.47 4.26 -7.87
C VAL C 77 22.28 4.76 -9.28
N SER C 78 23.34 5.35 -9.83
CA SER C 78 23.27 5.82 -11.20
C SER C 78 24.66 5.92 -11.78
N GLY C 79 24.74 5.99 -13.10
CA GLY C 79 26.01 6.14 -13.77
C GLY C 79 25.89 6.07 -15.27
N LYS C 80 26.88 6.62 -15.95
CA LYS C 80 27.00 6.52 -17.40
C LYS C 80 27.45 5.10 -17.74
N ASP C 81 28.23 4.49 -16.86
CA ASP C 81 28.74 3.14 -17.07
C ASP C 81 27.71 2.10 -16.62
N TYR C 82 27.50 1.08 -17.45
CA TYR C 82 26.47 0.07 -17.19
C TYR C 82 26.82 -0.94 -16.09
N ASN C 83 28.00 -0.82 -15.50
CA ASN C 83 28.31 -1.67 -14.36
C ASN C 83 27.35 -1.41 -13.19
N VAL C 84 26.73 -0.23 -13.19
CA VAL C 84 25.77 0.07 -12.13
C VAL C 84 24.47 -0.71 -12.32
N THR C 85 24.25 -1.26 -13.50
CA THR C 85 23.00 -1.97 -13.79
C THR C 85 23.10 -3.47 -13.60
N ALA C 86 24.25 -3.95 -13.15
CA ALA C 86 24.50 -5.38 -13.03
C ALA C 86 23.42 -6.12 -12.25
N ASN C 87 23.06 -7.30 -12.74
CA ASN C 87 22.11 -8.19 -12.07
C ASN C 87 20.69 -7.63 -11.96
N SER C 88 20.29 -6.81 -12.93
CA SER C 88 18.91 -6.34 -12.97
C SER C 88 17.95 -7.43 -13.42
N LYS C 89 16.84 -7.59 -12.71
CA LYS C 89 15.78 -8.49 -13.16
C LYS C 89 15.07 -7.89 -14.36
N LEU C 90 14.91 -6.57 -14.35
CA LEU C 90 14.14 -5.90 -15.38
C LEU C 90 14.82 -4.62 -15.78
N VAL C 91 14.99 -4.41 -17.08
CA VAL C 91 15.63 -3.19 -17.57
C VAL C 91 14.68 -2.44 -18.50
N ILE C 92 14.30 -1.24 -18.08
CA ILE C 92 13.34 -0.41 -18.80
C ILE C 92 14.05 0.67 -19.60
N ILE C 93 13.86 0.67 -20.90
CA ILE C 93 14.52 1.62 -21.80
C ILE C 93 13.59 2.73 -22.24
N THR C 94 13.86 3.95 -21.77
CA THR C 94 13.07 5.11 -22.16
C THR C 94 13.95 6.11 -22.92
N ALA C 95 15.15 5.67 -23.26
CA ALA C 95 16.09 6.53 -23.97
C ALA C 95 15.68 6.65 -25.43
N GLY C 96 15.81 7.86 -25.97
CA GLY C 96 15.55 8.09 -27.37
C GLY C 96 15.86 9.52 -27.77
N ALA C 97 16.00 9.72 -29.08
CA ALA C 97 16.17 11.06 -29.64
C ALA C 97 14.80 11.66 -29.95
N ARG C 98 14.71 12.98 -29.94
CA ARG C 98 13.47 13.66 -30.31
C ARG C 98 13.54 14.06 -31.79
N GLN C 99 12.51 13.70 -32.55
CA GLN C 99 12.47 14.02 -33.98
C GLN C 99 12.63 15.51 -34.22
N GLN C 100 13.57 15.87 -35.09
CA GLN C 100 13.94 17.27 -35.31
C GLN C 100 13.16 17.89 -36.47
N GLU C 101 13.21 19.22 -36.55
CA GLU C 101 12.54 19.91 -37.65
C GLU C 101 13.15 19.49 -38.98
N GLY C 102 12.30 19.03 -39.89
CA GLY C 102 12.74 18.66 -41.23
C GLY C 102 13.17 17.21 -41.34
N GLU C 103 13.27 16.54 -40.19
CA GLU C 103 13.73 15.16 -40.17
C GLU C 103 12.63 14.19 -40.58
N SER C 104 12.95 13.31 -41.52
CA SER C 104 11.99 12.29 -41.95
C SER C 104 11.74 11.28 -40.84
N ARG C 105 10.65 10.53 -40.96
CA ARG C 105 10.33 9.47 -40.01
C ARG C 105 11.37 8.35 -40.04
N LEU C 106 11.81 7.97 -41.24
CA LEU C 106 12.78 6.88 -41.36
C LEU C 106 14.11 7.26 -40.72
N ASN C 107 14.53 8.51 -40.91
CA ASN C 107 15.80 8.99 -40.35
C ASN C 107 15.74 9.05 -38.81
N LEU C 108 14.58 9.39 -38.27
CA LEU C 108 14.38 9.39 -36.83
C LEU C 108 14.49 7.98 -36.30
N VAL C 109 13.89 7.03 -37.01
CA VAL C 109 13.97 5.63 -36.59
C VAL C 109 15.43 5.16 -36.55
N GLN C 110 16.18 5.46 -37.61
CA GLN C 110 17.59 5.10 -37.67
C GLN C 110 18.42 5.70 -36.53
N ARG C 111 18.11 6.93 -36.13
CA ARG C 111 18.84 7.55 -35.04
C ARG C 111 18.57 6.82 -33.73
N ASN C 112 17.33 6.40 -33.53
CA ASN C 112 17.02 5.63 -32.33
C ASN C 112 17.62 4.24 -32.39
N VAL C 113 17.74 3.69 -33.59
CA VAL C 113 18.44 2.42 -33.77
C VAL C 113 19.91 2.55 -33.38
N ASN C 114 20.54 3.65 -33.79
CA ASN C 114 21.95 3.88 -33.46
C ASN C 114 22.18 4.05 -31.96
N ILE C 115 21.17 4.51 -31.24
CA ILE C 115 21.24 4.64 -29.80
C ILE C 115 21.12 3.25 -29.15
N PHE C 116 20.23 2.43 -29.69
CA PHE C 116 20.01 1.08 -29.18
C PHE C 116 21.19 0.17 -29.46
N LYS C 117 21.92 0.46 -30.54
CA LYS C 117 23.12 -0.29 -30.88
C LYS C 117 24.17 -0.16 -29.80
N PHE C 118 24.11 0.93 -29.05
CA PHE C 118 25.06 1.13 -27.96
C PHE C 118 24.47 0.67 -26.62
N ILE C 119 23.19 0.97 -26.38
CA ILE C 119 22.53 0.61 -25.14
C ILE C 119 22.35 -0.89 -24.92
N ILE C 120 21.78 -1.56 -25.92
CA ILE C 120 21.42 -2.96 -25.76
C ILE C 120 22.60 -3.86 -25.39
N PRO C 121 23.68 -3.84 -26.20
CA PRO C 121 24.83 -4.69 -25.84
C PRO C 121 25.33 -4.46 -24.41
N ASN C 122 25.35 -3.21 -23.97
CA ASN C 122 25.78 -2.88 -22.62
C ASN C 122 24.86 -3.46 -21.54
N VAL C 123 23.56 -3.40 -21.78
CA VAL C 123 22.59 -3.95 -20.84
C VAL C 123 22.77 -5.46 -20.75
N VAL C 124 22.82 -6.09 -21.92
CA VAL C 124 22.96 -7.54 -22.01
C VAL C 124 24.23 -8.04 -21.33
N LYS C 125 25.32 -7.27 -21.47
CA LYS C 125 26.59 -7.63 -20.87
C LYS C 125 26.52 -7.74 -19.35
N TYR C 126 25.79 -6.81 -18.72
CA TYR C 126 25.75 -6.78 -17.26
C TYR C 126 24.54 -7.49 -16.65
N SER C 127 23.48 -7.66 -17.44
CA SER C 127 22.31 -8.39 -16.99
C SER C 127 21.84 -9.35 -18.08
N PRO C 128 22.63 -10.40 -18.35
CA PRO C 128 22.34 -11.30 -19.48
C PRO C 128 21.00 -12.00 -19.36
N ASN C 129 20.44 -12.09 -18.16
CA ASN C 129 19.18 -12.79 -17.97
C ASN C 129 17.98 -11.90 -17.61
N CYS C 130 18.12 -10.59 -17.80
CA CYS C 130 17.01 -9.69 -17.50
C CYS C 130 15.89 -9.83 -18.53
N LYS C 131 14.75 -9.27 -18.17
CA LYS C 131 13.69 -8.95 -19.13
C LYS C 131 13.87 -7.52 -19.60
N LEU C 132 13.73 -7.29 -20.90
CA LEU C 132 13.77 -5.95 -21.47
C LEU C 132 12.38 -5.38 -21.67
N LEU C 133 12.14 -4.17 -21.17
CA LEU C 133 10.86 -3.50 -21.39
C LEU C 133 11.11 -2.21 -22.14
N ILE C 134 10.68 -2.19 -23.40
CA ILE C 134 10.98 -1.09 -24.30
C ILE C 134 9.83 -0.07 -24.32
N VAL C 135 10.13 1.18 -24.00
CA VAL C 135 9.15 2.26 -24.04
C VAL C 135 9.43 3.25 -25.17
N SER C 136 10.71 3.45 -25.46
CA SER C 136 11.16 4.35 -26.53
C SER C 136 10.39 4.17 -27.84
N ASN C 137 10.13 5.29 -28.54
CA ASN C 137 9.37 5.27 -29.79
C ASN C 137 10.22 5.37 -31.06
N PRO C 138 9.73 4.80 -32.18
CA PRO C 138 8.46 4.07 -32.26
C PRO C 138 8.59 2.71 -31.60
N VAL C 139 7.74 2.46 -30.61
CA VAL C 139 7.96 1.36 -29.68
C VAL C 139 7.91 -0.03 -30.33
N ASP C 140 7.04 -0.22 -31.32
CA ASP C 140 6.93 -1.51 -31.96
C ASP C 140 8.21 -1.85 -32.75
N ILE C 141 8.75 -0.85 -33.44
CA ILE C 141 9.99 -1.03 -34.19
C ILE C 141 11.20 -1.22 -33.26
N LEU C 142 11.31 -0.37 -32.26
CA LEU C 142 12.43 -0.43 -31.32
C LEU C 142 12.43 -1.69 -30.45
N THR C 143 11.26 -2.27 -30.24
CA THR C 143 11.18 -3.53 -29.53
C THR C 143 11.75 -4.64 -30.40
N TYR C 144 11.43 -4.61 -31.70
CA TYR C 144 12.04 -5.52 -32.66
C TYR C 144 13.55 -5.37 -32.64
N VAL C 145 14.00 -4.12 -32.63
CA VAL C 145 15.42 -3.81 -32.65
C VAL C 145 16.14 -4.34 -31.41
N ALA C 146 15.56 -4.14 -30.24
CA ALA C 146 16.10 -4.67 -29.01
C ALA C 146 16.19 -6.20 -29.06
N TRP C 147 15.13 -6.83 -29.55
CA TRP C 147 15.09 -8.29 -29.69
C TRP C 147 16.22 -8.75 -30.62
N LYS C 148 16.33 -8.07 -31.76
CA LYS C 148 17.32 -8.44 -32.77
C LYS C 148 18.76 -8.26 -32.27
N ILE C 149 19.04 -7.15 -31.61
CA ILE C 149 20.39 -6.86 -31.12
C ILE C 149 20.77 -7.72 -29.91
N SER C 150 19.82 -7.88 -28.99
CA SER C 150 20.08 -8.59 -27.75
C SER C 150 20.30 -10.08 -27.96
N GLY C 151 19.58 -10.65 -28.91
CA GLY C 151 19.59 -12.08 -29.10
C GLY C 151 18.83 -12.81 -28.00
N PHE C 152 18.07 -12.06 -27.21
CA PHE C 152 17.17 -12.64 -26.21
C PHE C 152 16.03 -13.43 -26.87
N PRO C 153 15.48 -14.43 -26.15
CA PRO C 153 14.25 -15.08 -26.62
C PRO C 153 13.07 -14.11 -26.57
N LYS C 154 12.03 -14.37 -27.38
CA LYS C 154 10.91 -13.44 -27.47
CA LYS C 154 10.85 -13.51 -27.48
C LYS C 154 10.22 -13.16 -26.13
N ASN C 155 10.23 -14.12 -25.21
CA ASN C 155 9.53 -13.91 -23.94
C ASN C 155 10.13 -12.79 -23.10
N ARG C 156 11.44 -12.55 -23.26
CA ARG C 156 12.15 -11.58 -22.44
C ARG C 156 12.32 -10.22 -23.10
N VAL C 157 11.61 -10.00 -24.22
CA VAL C 157 11.63 -8.70 -24.87
C VAL C 157 10.20 -8.21 -25.07
N ILE C 158 9.87 -7.14 -24.38
CA ILE C 158 8.50 -6.68 -24.20
C ILE C 158 8.41 -5.21 -24.51
N GLY C 159 7.51 -4.83 -25.41
CA GLY C 159 7.31 -3.41 -25.71
C GLY C 159 6.11 -2.86 -24.98
N SER C 160 6.22 -1.62 -24.50
CA SER C 160 5.11 -0.95 -23.83
C SER C 160 3.86 -1.02 -24.72
N GLY C 161 4.07 -0.87 -26.03
CA GLY C 161 3.01 -1.05 -27.00
C GLY C 161 1.73 -0.28 -26.71
N CYS C 162 0.60 -0.96 -26.74
CA CYS C 162 -0.69 -0.32 -26.53
C CYS C 162 -1.17 -0.28 -25.08
N ASN C 163 -0.25 -0.45 -24.14
CA ASN C 163 -0.61 -0.39 -22.73
C ASN C 163 -1.16 0.99 -22.33
N LEU C 164 -0.49 2.06 -22.75
CA LEU C 164 -0.98 3.40 -22.45
C LEU C 164 -2.23 3.73 -23.26
N ASP C 165 -2.27 3.27 -24.53
CA ASP C 165 -3.42 3.52 -25.39
C ASP C 165 -4.67 2.97 -24.70
N SER C 166 -4.55 1.73 -24.24
CA SER C 166 -5.65 1.05 -23.59
C SER C 166 -6.09 1.74 -22.31
N ALA C 167 -5.13 2.22 -21.52
CA ALA C 167 -5.43 2.89 -20.25
C ALA C 167 -6.21 4.18 -20.49
N ARG C 168 -5.81 4.93 -21.52
CA ARG C 168 -6.51 6.14 -21.91
C ARG C 168 -7.91 5.80 -22.40
N PHE C 169 -8.01 4.71 -23.15
CA PHE C 169 -9.30 4.30 -23.68
C PHE C 169 -10.26 4.01 -22.53
N ARG C 170 -9.78 3.28 -21.53
CA ARG C 170 -10.59 2.93 -20.37
C ARG C 170 -10.93 4.12 -19.46
N TYR C 171 -10.01 5.09 -19.35
CA TYR C 171 -10.31 6.32 -18.65
C TYR C 171 -11.46 7.06 -19.34
N LEU C 172 -11.37 7.21 -20.67
CA LEU C 172 -12.44 7.86 -21.42
C LEU C 172 -13.75 7.10 -21.34
N MET C 173 -13.68 5.78 -21.48
CA MET C 173 -14.85 4.93 -21.33
CA MET C 173 -14.85 4.92 -21.31
C MET C 173 -15.52 5.16 -19.97
N GLY C 174 -14.71 5.17 -18.92
CA GLY C 174 -15.21 5.36 -17.57
C GLY C 174 -15.89 6.70 -17.37
N GLU C 175 -15.33 7.75 -17.98
CA GLU C 175 -15.93 9.08 -17.94
C GLU C 175 -17.30 9.08 -18.60
N ARG C 176 -17.41 8.45 -19.76
CA ARG C 176 -18.70 8.40 -20.44
C ARG C 176 -19.75 7.66 -19.62
N LEU C 177 -19.35 6.58 -18.97
CA LEU C 177 -20.31 5.70 -18.29
C LEU C 177 -20.50 6.00 -16.81
N GLY C 178 -19.64 6.83 -16.25
CA GLY C 178 -19.68 7.14 -14.83
C GLY C 178 -19.30 5.93 -13.98
N VAL C 179 -18.29 5.20 -14.44
CA VAL C 179 -17.82 4.01 -13.73
C VAL C 179 -16.30 4.11 -13.64
N HIS C 180 -15.72 3.57 -12.56
CA HIS C 180 -14.26 3.60 -12.45
C HIS C 180 -13.64 2.84 -13.61
N PRO C 181 -12.53 3.35 -14.15
CA PRO C 181 -11.82 2.71 -15.26
C PRO C 181 -11.45 1.26 -14.97
N LEU C 182 -11.24 0.92 -13.69
CA LEU C 182 -10.93 -0.45 -13.32
C LEU C 182 -12.08 -1.39 -13.70
N SER C 183 -13.30 -0.86 -13.73
CA SER C 183 -14.47 -1.68 -14.00
C SER C 183 -14.93 -1.57 -15.46
N CYS C 184 -14.27 -0.73 -16.24
CA CYS C 184 -14.58 -0.57 -17.66
C CYS C 184 -13.55 -1.30 -18.51
N HIS C 185 -13.95 -2.39 -19.16
CA HIS C 185 -12.99 -3.22 -19.86
C HIS C 185 -13.02 -2.97 -21.36
N GLY C 186 -11.85 -2.81 -21.95
CA GLY C 186 -11.75 -2.58 -23.37
C GLY C 186 -10.30 -2.60 -23.78
N TRP C 187 -10.05 -3.07 -25.00
CA TRP C 187 -8.70 -3.33 -25.47
C TRP C 187 -8.34 -2.59 -26.74
N VAL C 188 -7.23 -1.85 -26.70
CA VAL C 188 -6.68 -1.24 -27.89
C VAL C 188 -5.41 -2.01 -28.25
N LEU C 189 -5.39 -2.58 -29.45
CA LEU C 189 -4.31 -3.49 -29.83
C LEU C 189 -3.62 -3.05 -31.11
N GLY C 190 -2.62 -3.83 -31.51
CA GLY C 190 -1.94 -3.60 -32.77
C GLY C 190 -0.78 -2.63 -32.65
N GLU C 191 -0.63 -1.77 -33.65
CA GLU C 191 0.46 -0.80 -33.66
C GLU C 191 0.18 0.36 -32.70
N HIS C 192 1.09 0.59 -31.75
CA HIS C 192 0.96 1.73 -30.84
C HIS C 192 0.81 3.05 -31.60
N GLY C 193 -0.04 3.93 -31.09
CA GLY C 193 -0.18 5.26 -31.65
C GLY C 193 -1.34 5.45 -32.60
N ASP C 194 -1.09 6.16 -33.70
CA ASP C 194 -2.13 6.55 -34.64
C ASP C 194 -2.89 5.36 -35.24
N SER C 195 -2.20 4.23 -35.42
CA SER C 195 -2.79 3.13 -36.17
C SER C 195 -3.36 2.03 -35.28
N SER C 196 -3.46 2.29 -33.98
CA SER C 196 -3.94 1.27 -33.04
C SER C 196 -5.39 0.91 -33.34
N VAL C 197 -5.81 -0.26 -32.88
CA VAL C 197 -7.14 -0.78 -33.20
C VAL C 197 -7.98 -0.97 -31.95
N PRO C 198 -9.11 -0.23 -31.83
CA PRO C 198 -10.02 -0.45 -30.71
C PRO C 198 -10.87 -1.70 -30.99
N VAL C 199 -10.74 -2.74 -30.16
CA VAL C 199 -11.46 -3.98 -30.39
C VAL C 199 -12.85 -3.91 -29.76
N TRP C 200 -13.83 -3.50 -30.55
CA TRP C 200 -15.15 -3.16 -30.03
C TRP C 200 -15.84 -4.34 -29.38
N SER C 201 -15.59 -5.54 -29.90
CA SER C 201 -16.23 -6.76 -29.42
C SER C 201 -15.89 -7.11 -27.97
N GLY C 202 -14.77 -6.59 -27.48
CA GLY C 202 -14.32 -6.92 -26.14
C GLY C 202 -14.67 -5.88 -25.10
N MET C 203 -15.24 -4.76 -25.54
CA MET C 203 -15.61 -3.66 -24.65
CA MET C 203 -15.59 -3.69 -24.63
C MET C 203 -16.80 -4.05 -23.78
N ASN C 204 -16.63 -4.00 -22.46
CA ASN C 204 -17.71 -4.42 -21.59
C ASN C 204 -17.63 -3.87 -20.15
N VAL C 205 -18.77 -3.90 -19.47
CA VAL C 205 -18.81 -3.67 -18.03
C VAL C 205 -19.51 -4.90 -17.43
N ALA C 206 -18.88 -5.53 -16.44
CA ALA C 206 -19.48 -6.69 -15.78
C ALA C 206 -19.78 -7.83 -16.75
N GLY C 207 -18.97 -7.96 -17.80
CA GLY C 207 -19.12 -9.06 -18.74
C GLY C 207 -20.26 -8.80 -19.71
N VAL C 208 -20.89 -7.64 -19.60
CA VAL C 208 -21.97 -7.25 -20.50
C VAL C 208 -21.41 -6.53 -21.72
N SER C 209 -21.46 -7.20 -22.86
CA SER C 209 -20.87 -6.70 -24.09
C SER C 209 -21.58 -5.44 -24.59
N LEU C 210 -20.85 -4.34 -24.69
CA LEU C 210 -21.44 -3.10 -25.22
C LEU C 210 -21.87 -3.28 -26.67
N LYS C 211 -21.11 -4.08 -27.41
CA LYS C 211 -21.39 -4.28 -28.83
C LYS C 211 -22.64 -5.14 -29.06
N THR C 212 -22.91 -6.05 -28.12
CA THR C 212 -24.13 -6.87 -28.19
C THR C 212 -25.34 -6.00 -27.89
N LEU C 213 -25.20 -5.11 -26.91
CA LEU C 213 -26.25 -4.17 -26.53
C LEU C 213 -26.49 -3.13 -27.62
N HIS C 214 -25.41 -2.66 -28.22
CA HIS C 214 -25.46 -1.57 -29.18
C HIS C 214 -24.69 -1.96 -30.43
N PRO C 215 -25.34 -2.72 -31.34
CA PRO C 215 -24.72 -3.29 -32.54
C PRO C 215 -23.91 -2.29 -33.38
N ASP C 216 -24.34 -1.02 -33.40
CA ASP C 216 -23.66 -0.01 -34.20
C ASP C 216 -22.35 0.48 -33.56
N LEU C 217 -22.03 -0.05 -32.39
CA LEU C 217 -20.85 0.38 -31.63
C LEU C 217 -19.59 0.35 -32.51
N GLY C 218 -18.92 1.49 -32.60
CA GLY C 218 -17.65 1.57 -33.30
C GLY C 218 -17.74 1.80 -34.79
N THR C 219 -18.95 1.91 -35.31
CA THR C 219 -19.14 2.19 -36.74
C THR C 219 -19.44 3.66 -36.96
N ASP C 220 -19.59 4.06 -38.22
CA ASP C 220 -19.89 5.45 -38.54
C ASP C 220 -21.38 5.72 -38.38
N LYS C 221 -22.18 4.67 -38.46
CA LYS C 221 -23.62 4.77 -38.25
C LYS C 221 -23.95 4.73 -36.77
N ASP C 222 -22.92 4.72 -35.93
CA ASP C 222 -23.09 4.74 -34.48
C ASP C 222 -23.69 6.07 -34.07
N LYS C 223 -24.94 6.02 -33.61
CA LYS C 223 -25.66 7.22 -33.20
C LYS C 223 -24.93 7.98 -32.11
N GLU C 224 -24.14 7.26 -31.31
CA GLU C 224 -23.40 7.87 -30.20
C GLU C 224 -21.94 8.12 -30.52
N GLN C 225 -21.50 7.66 -31.69
CA GLN C 225 -20.14 7.94 -32.14
C GLN C 225 -19.07 7.51 -31.14
N TRP C 226 -19.13 6.24 -30.73
CA TRP C 226 -18.13 5.72 -29.83
C TRP C 226 -16.77 5.62 -30.49
N LYS C 227 -16.76 5.70 -31.82
CA LYS C 227 -15.51 5.77 -32.56
C LYS C 227 -14.69 6.93 -32.03
N GLU C 228 -15.38 8.00 -31.63
CA GLU C 228 -14.72 9.21 -31.15
C GLU C 228 -13.91 8.94 -29.91
N VAL C 229 -14.30 7.94 -29.13
CA VAL C 229 -13.55 7.59 -27.95
C VAL C 229 -12.14 7.15 -28.32
N HIS C 230 -12.02 6.32 -29.35
CA HIS C 230 -10.69 5.92 -29.81
C HIS C 230 -9.98 7.10 -30.45
N LYS C 231 -10.70 7.88 -31.25
CA LYS C 231 -10.15 9.09 -31.85
C LYS C 231 -9.57 10.00 -30.77
N GLN C 232 -10.28 10.09 -29.65
CA GLN C 232 -9.83 10.95 -28.54
C GLN C 232 -8.59 10.40 -27.86
N VAL C 233 -8.43 9.08 -27.84
CA VAL C 233 -7.21 8.50 -27.32
C VAL C 233 -6.02 9.07 -28.09
N VAL C 234 -6.07 8.95 -29.41
CA VAL C 234 -5.01 9.50 -30.24
C VAL C 234 -4.90 11.02 -30.16
N GLU C 235 -6.04 11.72 -30.19
CA GLU C 235 -6.04 13.19 -30.07
C GLU C 235 -5.41 13.66 -28.76
N SER C 236 -5.79 13.01 -27.66
CA SER C 236 -5.32 13.38 -26.33
C SER C 236 -3.79 13.36 -26.22
N ALA C 237 -3.14 12.44 -26.93
CA ALA C 237 -1.69 12.33 -26.88
C ALA C 237 -1.02 13.60 -27.40
N TYR C 238 -1.48 14.07 -28.56
CA TYR C 238 -0.94 15.27 -29.15
C TYR C 238 -1.35 16.50 -28.34
N GLU C 239 -2.52 16.43 -27.71
CA GLU C 239 -2.99 17.56 -26.93
C GLU C 239 -2.17 17.74 -25.65
N VAL C 240 -1.85 16.63 -24.99
CA VAL C 240 -1.03 16.73 -23.79
C VAL C 240 0.33 17.32 -24.15
N ILE C 241 0.87 16.90 -25.29
CA ILE C 241 2.17 17.39 -25.72
C ILE C 241 2.11 18.87 -26.05
N LYS C 242 1.02 19.29 -26.69
CA LYS C 242 0.84 20.70 -27.00
C LYS C 242 0.70 21.52 -25.72
N LEU C 243 0.08 20.94 -24.71
CA LEU C 243 -0.24 21.69 -23.49
C LEU C 243 0.92 21.79 -22.49
N LYS C 244 1.63 20.68 -22.25
CA LYS C 244 2.74 20.73 -21.30
C LYS C 244 4.12 20.43 -21.89
N GLY C 245 4.15 20.07 -23.17
CA GLY C 245 5.41 19.92 -23.88
C GLY C 245 5.95 18.49 -23.93
N TYR C 246 5.38 17.63 -23.08
CA TYR C 246 5.77 16.25 -23.03
C TYR C 246 4.71 15.50 -22.25
N THR C 247 4.88 14.19 -22.13
CA THR C 247 3.97 13.38 -21.34
C THR C 247 4.78 12.58 -20.33
N SER C 248 4.23 12.33 -19.14
CA SER C 248 5.01 11.63 -18.13
C SER C 248 4.22 10.77 -17.15
N TRP C 249 3.26 11.37 -16.45
CA TRP C 249 2.62 10.67 -15.34
C TRP C 249 1.90 9.39 -15.76
N ALA C 250 1.10 9.46 -16.83
CA ALA C 250 0.35 8.29 -17.27
C ALA C 250 1.24 7.15 -17.78
N ILE C 251 2.24 7.49 -18.58
CA ILE C 251 3.13 6.45 -19.07
C ILE C 251 3.94 5.82 -17.93
N GLY C 252 4.35 6.64 -16.98
CA GLY C 252 5.12 6.16 -15.83
C GLY C 252 4.29 5.20 -14.99
N LEU C 253 3.06 5.59 -14.70
CA LEU C 253 2.15 4.70 -13.98
C LEU C 253 1.86 3.39 -14.72
N SER C 254 1.74 3.45 -16.04
CA SER C 254 1.40 2.26 -16.81
CA SER C 254 1.40 2.26 -16.82
C SER C 254 2.59 1.32 -16.87
N VAL C 255 3.80 1.88 -16.97
CA VAL C 255 5.01 1.07 -16.98
C VAL C 255 5.18 0.35 -15.64
N ALA C 256 4.96 1.08 -14.55
CA ALA C 256 5.04 0.47 -13.21
C ALA C 256 4.05 -0.69 -13.05
N ASP C 257 2.91 -0.59 -13.70
CA ASP C 257 1.90 -1.64 -13.62
C ASP C 257 2.47 -2.90 -14.27
N LEU C 258 3.10 -2.73 -15.44
CA LEU C 258 3.78 -3.84 -16.10
C LEU C 258 4.86 -4.43 -15.21
N ALA C 259 5.68 -3.55 -14.64
CA ALA C 259 6.78 -3.95 -13.79
C ALA C 259 6.28 -4.76 -12.61
N GLU C 260 5.14 -4.36 -12.05
CA GLU C 260 4.55 -5.12 -10.95
C GLU C 260 4.24 -6.57 -11.33
N SER C 261 3.63 -6.78 -12.50
CA SER C 261 3.29 -8.13 -12.92
C SER C 261 4.54 -8.98 -13.09
N ILE C 262 5.54 -8.40 -13.74
CA ILE C 262 6.78 -9.11 -14.00
C ILE C 262 7.53 -9.42 -12.71
N MET C 263 7.70 -8.42 -11.84
CA MET C 263 8.52 -8.58 -10.64
C MET C 263 7.84 -9.49 -9.63
N LYS C 264 6.52 -9.47 -9.60
CA LYS C 264 5.77 -10.27 -8.62
C LYS C 264 5.22 -11.56 -9.22
N ASN C 265 5.59 -11.84 -10.48
CA ASN C 265 5.14 -13.05 -11.18
C ASN C 265 3.62 -13.23 -11.13
N LEU C 266 2.88 -12.16 -11.37
CA LEU C 266 1.43 -12.17 -11.20
C LEU C 266 0.66 -12.97 -12.26
N ARG C 267 1.15 -12.97 -13.49
CA ARG C 267 0.43 -13.58 -14.62
C ARG C 267 -0.91 -12.89 -14.88
N ARG C 268 -0.90 -11.55 -14.75
CA ARG C 268 -2.00 -10.73 -15.21
C ARG C 268 -1.83 -10.54 -16.70
N VAL C 269 -2.90 -10.16 -17.38
CA VAL C 269 -2.87 -9.94 -18.82
C VAL C 269 -2.84 -8.44 -19.12
N HIS C 270 -1.87 -8.03 -19.94
CA HIS C 270 -1.69 -6.62 -20.29
C HIS C 270 -1.54 -6.53 -21.81
N PRO C 271 -2.00 -5.42 -22.41
CA PRO C 271 -1.78 -5.26 -23.85
C PRO C 271 -0.38 -4.67 -24.06
N VAL C 272 0.55 -5.50 -24.50
CA VAL C 272 1.93 -5.07 -24.73
C VAL C 272 2.37 -5.60 -26.09
N SER C 273 3.45 -5.03 -26.60
CA SER C 273 3.96 -5.42 -27.91
C SER C 273 4.82 -6.67 -27.83
N THR C 274 4.50 -7.64 -28.68
CA THR C 274 5.22 -8.91 -28.71
C THR C 274 5.38 -9.39 -30.15
N MET C 275 6.32 -10.29 -30.37
CA MET C 275 6.53 -10.90 -31.67
CA MET C 275 6.52 -10.89 -31.67
C MET C 275 5.26 -11.63 -32.10
N ILE C 276 4.59 -11.15 -33.14
CA ILE C 276 3.32 -11.75 -33.56
C ILE C 276 3.35 -12.52 -34.87
N LYS C 277 4.54 -12.82 -35.38
CA LYS C 277 4.68 -13.63 -36.59
C LYS C 277 3.86 -14.91 -36.44
N GLY C 278 3.16 -15.30 -37.49
CA GLY C 278 2.34 -16.50 -37.45
C GLY C 278 0.92 -16.27 -36.98
N LEU C 279 0.59 -15.03 -36.65
CA LEU C 279 -0.79 -14.67 -36.27
C LEU C 279 -1.41 -13.72 -37.29
N TYR C 280 -2.72 -13.87 -37.49
CA TYR C 280 -3.47 -12.98 -38.37
C TYR C 280 -2.87 -12.87 -39.75
N GLY C 281 -2.34 -13.97 -40.27
CA GLY C 281 -1.76 -13.99 -41.59
C GLY C 281 -0.42 -13.27 -41.68
N ILE C 282 0.05 -12.73 -40.56
CA ILE C 282 1.33 -12.04 -40.54
C ILE C 282 2.47 -13.05 -40.59
N LYS C 283 3.42 -12.84 -41.49
CA LYS C 283 4.51 -13.80 -41.68
C LYS C 283 5.91 -13.18 -41.52
N ASP C 284 5.96 -11.92 -41.13
CA ASP C 284 7.22 -11.22 -40.95
C ASP C 284 7.62 -11.09 -39.48
N ASP C 285 8.92 -10.90 -39.23
CA ASP C 285 9.41 -10.64 -37.87
C ASP C 285 8.98 -9.24 -37.41
N VAL C 286 7.75 -9.11 -36.95
CA VAL C 286 7.23 -7.83 -36.47
CA VAL C 286 7.27 -7.82 -36.44
C VAL C 286 6.63 -7.98 -35.06
N PHE C 287 6.63 -6.88 -34.30
CA PHE C 287 6.05 -6.84 -32.96
C PHE C 287 4.80 -5.97 -32.96
N LEU C 288 3.72 -6.49 -32.39
CA LEU C 288 2.47 -5.74 -32.27
C LEU C 288 1.83 -6.12 -30.94
N SER C 289 0.93 -5.26 -30.46
CA SER C 289 0.29 -5.48 -29.18
C SER C 289 -0.88 -6.45 -29.23
N VAL C 290 -0.79 -7.50 -28.43
CA VAL C 290 -1.95 -8.35 -28.13
C VAL C 290 -1.95 -8.49 -26.62
N PRO C 291 -3.04 -9.03 -26.05
CA PRO C 291 -3.03 -9.23 -24.60
C PRO C 291 -2.04 -10.33 -24.24
N CYS C 292 -1.06 -10.03 -23.38
CA CYS C 292 -0.06 -11.02 -23.02
C CYS C 292 -0.13 -11.30 -21.53
N ILE C 293 0.16 -12.56 -21.16
CA ILE C 293 0.31 -12.93 -19.77
C ILE C 293 1.72 -12.54 -19.33
N LEU C 294 1.83 -11.72 -18.28
CA LEU C 294 3.14 -11.24 -17.82
C LEU C 294 3.54 -11.83 -16.48
N GLY C 295 4.79 -12.26 -16.38
CA GLY C 295 5.28 -12.85 -15.16
C GLY C 295 6.79 -12.87 -15.09
N GLN C 296 7.30 -13.76 -14.24
CA GLN C 296 8.72 -13.83 -13.92
C GLN C 296 9.62 -14.02 -15.15
N ASN C 297 9.15 -14.77 -16.14
CA ASN C 297 9.95 -14.97 -17.35
C ASN C 297 9.49 -14.09 -18.51
N GLY C 298 8.84 -12.97 -18.18
CA GLY C 298 8.40 -12.03 -19.18
C GLY C 298 7.04 -12.41 -19.75
N ILE C 299 6.98 -12.53 -21.07
CA ILE C 299 5.75 -12.93 -21.75
C ILE C 299 5.69 -14.44 -21.94
N SER C 300 4.98 -15.14 -21.06
CA SER C 300 4.94 -16.60 -21.14
C SER C 300 3.88 -17.08 -22.13
N ASP C 301 2.78 -16.34 -22.20
CA ASP C 301 1.65 -16.70 -23.05
C ASP C 301 1.05 -15.43 -23.64
N LEU C 302 0.30 -15.58 -24.71
CA LEU C 302 -0.49 -14.47 -25.22
C LEU C 302 -1.90 -14.94 -25.53
N VAL C 303 -2.84 -14.04 -25.33
CA VAL C 303 -4.24 -14.32 -25.63
C VAL C 303 -4.49 -14.09 -27.10
N LYS C 304 -5.11 -15.08 -27.75
CA LYS C 304 -5.45 -14.97 -29.16
C LYS C 304 -6.85 -14.38 -29.29
N VAL C 305 -6.90 -13.07 -29.49
CA VAL C 305 -8.16 -12.36 -29.60
C VAL C 305 -8.80 -12.63 -30.96
N THR C 306 -10.07 -12.99 -30.95
CA THR C 306 -10.83 -13.08 -32.18
C THR C 306 -11.00 -11.69 -32.75
N LEU C 307 -10.57 -11.48 -33.98
CA LEU C 307 -10.67 -10.19 -34.63
C LEU C 307 -11.59 -10.29 -35.85
N THR C 308 -12.33 -9.22 -36.13
CA THR C 308 -13.13 -9.13 -37.34
C THR C 308 -12.18 -9.08 -38.52
N SER C 309 -12.71 -9.30 -39.72
CA SER C 309 -11.88 -9.23 -40.93
C SER C 309 -11.21 -7.87 -41.04
N GLU C 310 -12.00 -6.81 -40.87
CA GLU C 310 -11.47 -5.46 -40.94
C GLU C 310 -10.35 -5.25 -39.93
N GLU C 311 -10.56 -5.73 -38.71
CA GLU C 311 -9.58 -5.58 -37.65
C GLU C 311 -8.28 -6.30 -37.99
N GLU C 312 -8.41 -7.52 -38.54
CA GLU C 312 -7.26 -8.31 -38.95
CA GLU C 312 -7.24 -8.30 -38.94
C GLU C 312 -6.46 -7.57 -40.03
N ALA C 313 -7.17 -7.08 -41.04
CA ALA C 313 -6.51 -6.36 -42.13
C ALA C 313 -5.71 -5.14 -41.62
N ARG C 314 -6.18 -4.49 -40.57
CA ARG C 314 -5.47 -3.35 -40.00
C ARG C 314 -4.12 -3.72 -39.39
N LEU C 315 -4.10 -4.78 -38.58
CA LEU C 315 -2.85 -5.28 -38.03
C LEU C 315 -1.92 -5.71 -39.15
N LYS C 316 -2.49 -6.33 -40.18
CA LYS C 316 -1.69 -6.79 -41.31
C LYS C 316 -1.03 -5.61 -42.01
N LYS C 317 -1.78 -4.53 -42.18
CA LYS C 317 -1.23 -3.32 -42.79
C LYS C 317 -0.10 -2.76 -41.93
N SER C 318 -0.32 -2.71 -40.62
CA SER C 318 0.71 -2.28 -39.69
C SER C 318 1.95 -3.16 -39.79
N ALA C 319 1.75 -4.48 -39.86
CA ALA C 319 2.86 -5.40 -40.00
C ALA C 319 3.65 -5.12 -41.27
N ASP C 320 2.96 -5.02 -42.40
CA ASP C 320 3.61 -4.70 -43.67
C ASP C 320 4.38 -3.37 -43.58
N THR C 321 3.74 -2.37 -42.99
CA THR C 321 4.37 -1.05 -42.87
C THR C 321 5.63 -1.13 -42.02
N LEU C 322 5.53 -1.83 -40.89
CA LEU C 322 6.64 -1.97 -39.96
C LEU C 322 7.82 -2.71 -40.57
N TRP C 323 7.52 -3.82 -41.24
CA TRP C 323 8.58 -4.62 -41.86
C TRP C 323 9.28 -3.84 -42.95
N GLY C 324 8.52 -3.02 -43.69
CA GLY C 324 9.08 -2.24 -44.77
C GLY C 324 10.10 -1.25 -44.28
N ILE C 325 9.92 -0.79 -43.04
CA ILE C 325 10.87 0.14 -42.43
C ILE C 325 12.08 -0.62 -41.90
N GLN C 326 11.81 -1.73 -41.22
CA GLN C 326 12.86 -2.54 -40.59
C GLN C 326 13.84 -3.16 -41.58
N LYS C 327 13.37 -3.47 -42.78
CA LYS C 327 14.23 -4.11 -43.77
C LYS C 327 15.25 -3.12 -44.35
N GLU C 328 15.01 -1.83 -44.12
CA GLU C 328 15.90 -0.79 -44.59
C GLU C 328 16.85 -0.32 -43.50
N LEU C 329 16.63 -0.82 -42.28
CA LEU C 329 17.43 -0.39 -41.13
C LEU C 329 18.85 -0.92 -41.15
N GLN C 330 19.77 -0.11 -40.64
CA GLN C 330 21.18 -0.46 -40.59
C GLN C 330 21.61 -0.83 -39.17
N PHE C 331 21.84 -2.11 -38.94
CA PHE C 331 22.22 -2.62 -37.62
C PHE C 331 23.73 -2.67 -37.42
N ALA D 1 -32.57 5.78 -23.98
CA ALA D 1 -32.34 4.71 -24.95
C ALA D 1 -30.91 4.71 -25.43
N THR D 2 -30.10 5.57 -24.81
CA THR D 2 -28.67 5.61 -25.12
C THR D 2 -27.99 4.34 -24.60
N LEU D 3 -26.73 4.15 -24.98
CA LEU D 3 -25.98 2.97 -24.57
C LEU D 3 -25.85 2.92 -23.04
N LYS D 4 -25.51 4.06 -22.46
CA LYS D 4 -25.39 4.15 -21.00
C LYS D 4 -26.69 3.77 -20.30
N ASP D 5 -27.82 4.19 -20.85
CA ASP D 5 -29.13 3.87 -20.30
C ASP D 5 -29.49 2.40 -20.43
N GLN D 6 -29.13 1.78 -21.55
CA GLN D 6 -29.36 0.35 -21.74
C GLN D 6 -28.54 -0.45 -20.73
N LEU D 7 -27.33 0.04 -20.44
CA LEU D 7 -26.40 -0.72 -19.63
C LEU D 7 -26.57 -0.48 -18.12
N ILE D 8 -26.94 0.73 -17.75
CA ILE D 8 -26.96 1.11 -16.34
C ILE D 8 -28.28 1.71 -15.87
N TYR D 9 -28.82 1.15 -14.78
CA TYR D 9 -29.99 1.73 -14.14
C TYR D 9 -29.57 2.58 -12.93
N ASN D 10 -30.01 3.83 -12.92
CA ASN D 10 -29.66 4.74 -11.84
C ASN D 10 -30.67 4.68 -10.69
N LEU D 11 -30.19 4.47 -9.46
CA LEU D 11 -31.07 4.48 -8.29
C LEU D 11 -31.34 5.91 -7.83
N LEU D 12 -30.29 6.72 -7.73
CA LEU D 12 -30.46 8.12 -7.35
C LEU D 12 -29.39 9.05 -7.90
N LYS D 13 -29.75 10.31 -8.01
CA LYS D 13 -28.80 11.36 -8.32
C LYS D 13 -28.87 12.35 -7.17
N GLU D 14 -27.85 12.37 -6.33
CA GLU D 14 -27.87 13.25 -5.17
C GLU D 14 -26.48 13.68 -4.73
N GLU D 15 -26.46 14.78 -3.97
CA GLU D 15 -25.30 15.22 -3.22
C GLU D 15 -23.99 15.18 -4.00
N GLN D 16 -23.11 14.28 -3.59
CA GLN D 16 -21.77 14.15 -4.16
C GLN D 16 -20.90 15.33 -3.75
N THR D 17 -20.41 15.27 -2.51
CA THR D 17 -19.44 16.24 -2.00
C THR D 17 -18.20 15.47 -1.57
N PRO D 18 -17.01 15.95 -1.94
CA PRO D 18 -15.80 15.17 -1.67
C PRO D 18 -15.56 15.06 -0.16
N GLN D 19 -15.09 13.90 0.29
CA GLN D 19 -14.93 13.64 1.72
C GLN D 19 -13.51 13.88 2.19
N ASN D 20 -12.56 13.81 1.26
CA ASN D 20 -11.15 13.89 1.57
C ASN D 20 -10.40 14.53 0.41
N LYS D 21 -10.80 15.75 0.11
CA LYS D 21 -10.27 16.44 -1.07
C LYS D 21 -9.02 17.21 -0.70
N ILE D 22 -8.06 17.23 -1.63
CA ILE D 22 -6.84 18.00 -1.46
C ILE D 22 -6.65 18.88 -2.68
N THR D 23 -6.21 20.11 -2.45
CA THR D 23 -5.87 21.02 -3.53
C THR D 23 -4.37 21.27 -3.52
N VAL D 24 -3.78 21.33 -4.72
CA VAL D 24 -2.42 21.79 -4.87
C VAL D 24 -2.44 23.05 -5.72
N VAL D 25 -1.97 24.16 -5.15
CA VAL D 25 -1.87 25.41 -5.88
C VAL D 25 -0.45 25.60 -6.42
N GLY D 26 -0.34 25.71 -7.74
CA GLY D 26 0.95 25.84 -8.42
C GLY D 26 1.38 24.48 -8.93
N VAL D 27 1.52 24.32 -10.24
CA VAL D 27 1.83 23.02 -10.80
C VAL D 27 3.18 23.01 -11.50
N GLY D 28 4.17 23.63 -10.86
CA GLY D 28 5.56 23.50 -11.24
C GLY D 28 6.08 22.12 -10.82
N ALA D 29 7.39 21.93 -10.84
CA ALA D 29 7.96 20.61 -10.52
C ALA D 29 7.58 20.18 -9.11
N VAL D 30 7.53 21.12 -8.18
CA VAL D 30 7.24 20.82 -6.78
C VAL D 30 5.77 20.45 -6.56
N GLY D 31 4.88 21.27 -7.09
CA GLY D 31 3.46 20.99 -7.00
C GLY D 31 3.11 19.64 -7.61
N MET D 32 3.62 19.36 -8.80
CA MET D 32 3.26 18.09 -9.45
C MET D 32 3.90 16.87 -8.77
N ALA D 33 5.06 17.05 -8.15
CA ALA D 33 5.64 15.94 -7.39
C ALA D 33 4.81 15.69 -6.12
N CYS D 34 4.30 16.77 -5.52
CA CYS D 34 3.37 16.62 -4.41
C CYS D 34 2.13 15.87 -4.89
N ALA D 35 1.64 16.24 -6.06
CA ALA D 35 0.43 15.64 -6.60
C ALA D 35 0.59 14.13 -6.85
N ILE D 36 1.68 13.75 -7.51
CA ILE D 36 1.85 12.32 -7.85
C ILE D 36 2.07 11.50 -6.58
N SER D 37 2.83 12.03 -5.63
CA SER D 37 3.07 11.31 -4.38
C SER D 37 1.79 11.11 -3.57
N ILE D 38 0.96 12.15 -3.51
CA ILE D 38 -0.32 12.09 -2.82
C ILE D 38 -1.25 11.08 -3.51
N LEU D 39 -1.27 11.12 -4.84
CA LEU D 39 -2.08 10.18 -5.61
C LEU D 39 -1.66 8.72 -5.40
N MET D 40 -0.35 8.49 -5.33
CA MET D 40 0.14 7.12 -5.20
C MET D 40 0.02 6.60 -3.78
N LYS D 41 -0.34 7.49 -2.86
CA LYS D 41 -0.53 7.09 -1.46
C LYS D 41 -2.00 7.01 -1.04
N ASP D 42 -2.90 7.19 -1.99
CA ASP D 42 -4.35 7.05 -1.77
C ASP D 42 -4.86 7.93 -0.62
N LEU D 43 -4.41 9.18 -0.57
CA LEU D 43 -4.78 10.08 0.53
C LEU D 43 -6.06 10.86 0.26
N ALA D 44 -6.45 10.96 -1.01
CA ALA D 44 -7.55 11.86 -1.40
C ALA D 44 -8.59 11.17 -2.26
N ASP D 45 -9.86 11.57 -2.11
CA ASP D 45 -10.88 11.07 -3.01
C ASP D 45 -11.14 12.08 -4.12
N GLU D 46 -10.53 13.25 -3.99
CA GLU D 46 -10.55 14.25 -5.07
C GLU D 46 -9.28 15.10 -5.02
N LEU D 47 -8.69 15.38 -6.17
CA LEU D 47 -7.50 16.23 -6.22
C LEU D 47 -7.79 17.38 -7.16
N ALA D 48 -7.58 18.61 -6.68
CA ALA D 48 -7.76 19.78 -7.53
C ALA D 48 -6.42 20.45 -7.74
N LEU D 49 -6.17 20.91 -8.96
CA LEU D 49 -4.94 21.66 -9.28
C LEU D 49 -5.32 23.08 -9.69
N VAL D 50 -4.57 24.06 -9.20
CA VAL D 50 -4.73 25.45 -9.61
C VAL D 50 -3.40 26.04 -10.05
N ASP D 51 -3.43 26.82 -11.13
CA ASP D 51 -2.25 27.61 -11.54
C ASP D 51 -2.75 28.77 -12.39
N VAL D 52 -1.89 29.72 -12.71
CA VAL D 52 -2.27 30.81 -13.60
C VAL D 52 -1.84 30.55 -15.03
N ILE D 53 -1.00 29.53 -15.24
CA ILE D 53 -0.62 29.16 -16.60
C ILE D 53 -1.59 28.10 -17.07
N GLU D 54 -2.54 28.49 -17.92
CA GLU D 54 -3.69 27.63 -18.21
C GLU D 54 -3.38 26.38 -19.06
N ASP D 55 -2.56 26.54 -20.10
CA ASP D 55 -2.15 25.40 -20.93
C ASP D 55 -1.47 24.33 -20.09
N LYS D 56 -0.37 24.71 -19.45
CA LYS D 56 0.39 23.86 -18.56
C LYS D 56 -0.54 23.17 -17.55
N LEU D 57 -1.45 23.94 -16.97
CA LEU D 57 -2.36 23.40 -15.97
C LEU D 57 -3.26 22.31 -16.57
N LYS D 58 -3.84 22.57 -17.74
CA LYS D 58 -4.73 21.59 -18.37
C LYS D 58 -3.96 20.31 -18.74
N GLY D 59 -2.75 20.46 -19.26
CA GLY D 59 -1.94 19.32 -19.65
C GLY D 59 -1.58 18.42 -18.47
N GLU D 60 -1.24 19.03 -17.35
CA GLU D 60 -0.89 18.26 -16.16
C GLU D 60 -2.10 17.49 -15.64
N MET D 61 -3.25 18.16 -15.56
CA MET D 61 -4.49 17.50 -15.17
C MET D 61 -4.78 16.27 -16.04
N MET D 62 -4.72 16.46 -17.36
CA MET D 62 -5.00 15.37 -18.29
C MET D 62 -4.02 14.22 -18.14
N ASP D 63 -2.75 14.55 -17.96
CA ASP D 63 -1.71 13.53 -17.80
C ASP D 63 -2.02 12.65 -16.58
N LEU D 64 -2.37 13.28 -15.46
CA LEU D 64 -2.76 12.51 -14.27
C LEU D 64 -4.04 11.69 -14.52
N GLN D 65 -5.05 12.30 -15.13
CA GLN D 65 -6.31 11.61 -15.40
C GLN D 65 -6.06 10.35 -16.22
N HIS D 66 -5.16 10.45 -17.19
CA HIS D 66 -4.85 9.32 -18.05
C HIS D 66 -4.25 8.12 -17.31
N GLY D 67 -3.76 8.34 -16.08
CA GLY D 67 -3.24 7.26 -15.26
C GLY D 67 -4.26 6.75 -14.25
N SER D 68 -5.51 7.19 -14.40
CA SER D 68 -6.60 6.85 -13.48
C SER D 68 -6.81 5.35 -13.27
N LEU D 69 -6.63 4.58 -14.34
CA LEU D 69 -6.74 3.13 -14.25
C LEU D 69 -5.84 2.57 -13.14
N PHE D 70 -4.71 3.22 -12.92
CA PHE D 70 -3.71 2.72 -11.98
C PHE D 70 -3.75 3.42 -10.63
N LEU D 71 -4.79 4.21 -10.40
CA LEU D 71 -4.93 4.94 -9.14
C LEU D 71 -6.26 4.66 -8.46
N ARG D 72 -6.43 5.19 -7.25
CA ARG D 72 -7.67 5.04 -6.49
CA ARG D 72 -7.69 5.05 -6.55
C ARG D 72 -8.18 6.40 -6.05
N THR D 73 -8.02 7.40 -6.92
CA THR D 73 -8.52 8.76 -6.69
C THR D 73 -9.40 9.08 -7.88
N PRO D 74 -10.73 8.94 -7.69
CA PRO D 74 -11.68 8.89 -8.80
C PRO D 74 -11.94 10.21 -9.50
N LYS D 75 -11.52 11.34 -8.92
CA LYS D 75 -11.80 12.63 -9.56
C LYS D 75 -10.61 13.58 -9.46
N ILE D 76 -10.13 14.01 -10.62
CA ILE D 76 -9.02 14.95 -10.69
C ILE D 76 -9.51 16.12 -11.54
N VAL D 77 -9.39 17.32 -11.00
CA VAL D 77 -9.91 18.51 -11.65
C VAL D 77 -8.88 19.63 -11.60
N SER D 78 -9.11 20.66 -12.41
CA SER D 78 -8.20 21.80 -12.42
C SER D 78 -8.86 23.03 -13.00
N GLY D 79 -8.27 24.18 -12.71
CA GLY D 79 -8.74 25.41 -13.31
C GLY D 79 -8.04 26.58 -12.66
N LYS D 80 -8.06 27.71 -13.37
CA LYS D 80 -7.52 28.97 -12.86
C LYS D 80 -8.46 29.52 -11.79
N ASP D 81 -9.74 29.19 -11.91
CA ASP D 81 -10.76 29.66 -10.98
C ASP D 81 -10.81 28.76 -9.74
N TYR D 82 -10.89 29.37 -8.57
CA TYR D 82 -10.85 28.61 -7.32
C TYR D 82 -12.12 27.81 -6.98
N ASN D 83 -13.17 27.93 -7.77
CA ASN D 83 -14.35 27.10 -7.52
C ASN D 83 -14.03 25.60 -7.61
N VAL D 84 -12.97 25.25 -8.31
CA VAL D 84 -12.59 23.82 -8.41
C VAL D 84 -12.02 23.30 -7.10
N THR D 85 -11.65 24.20 -6.19
CA THR D 85 -11.01 23.79 -4.93
C THR D 85 -11.99 23.68 -3.77
N ALA D 86 -13.27 23.92 -4.05
CA ALA D 86 -14.29 23.95 -3.00
C ALA D 86 -14.28 22.71 -2.11
N ASN D 87 -14.39 22.92 -0.80
CA ASN D 87 -14.53 21.83 0.17
C ASN D 87 -13.27 20.98 0.34
N SER D 88 -12.09 21.59 0.19
CA SER D 88 -10.83 20.88 0.42
C SER D 88 -10.56 20.74 1.91
N LYS D 89 -10.10 19.56 2.32
CA LYS D 89 -9.60 19.36 3.69
C LYS D 89 -8.22 19.97 3.85
N LEU D 90 -7.44 19.96 2.78
CA LEU D 90 -6.04 20.33 2.86
C LEU D 90 -5.71 21.05 1.57
N VAL D 91 -5.12 22.25 1.67
CA VAL D 91 -4.73 23.00 0.49
C VAL D 91 -3.25 23.30 0.61
N ILE D 92 -2.50 22.88 -0.41
CA ILE D 92 -1.05 22.93 -0.40
C ILE D 92 -0.60 23.98 -1.38
N ILE D 93 0.14 24.99 -0.90
CA ILE D 93 0.54 26.11 -1.73
C ILE D 93 2.00 25.98 -2.11
N THR D 94 2.29 25.93 -3.41
CA THR D 94 3.66 25.87 -3.90
C THR D 94 3.90 27.00 -4.88
N ALA D 95 2.87 27.82 -5.07
CA ALA D 95 2.95 28.92 -6.01
C ALA D 95 3.69 30.09 -5.38
N GLY D 96 4.37 30.88 -6.20
CA GLY D 96 5.10 32.01 -5.69
C GLY D 96 5.98 32.62 -6.74
N ALA D 97 6.81 33.57 -6.34
CA ALA D 97 7.72 34.22 -7.26
C ALA D 97 9.12 33.71 -7.00
N ARG D 98 9.85 33.45 -8.08
CA ARG D 98 11.25 33.06 -8.01
C ARG D 98 12.15 34.29 -7.85
N GLN D 99 13.13 34.18 -6.96
CA GLN D 99 14.02 35.31 -6.66
C GLN D 99 14.94 35.64 -7.82
N GLN D 100 15.07 36.92 -8.13
CA GLN D 100 15.94 37.40 -9.19
C GLN D 100 17.38 37.49 -8.72
N GLU D 101 18.31 37.62 -9.66
CA GLU D 101 19.70 37.85 -9.34
C GLU D 101 19.85 39.27 -8.77
N GLY D 102 20.41 39.37 -7.57
CA GLY D 102 20.63 40.66 -6.93
C GLY D 102 19.41 41.20 -6.19
N GLU D 103 18.28 40.51 -6.32
CA GLU D 103 17.04 40.94 -5.68
C GLU D 103 17.09 40.79 -4.16
N SER D 104 16.72 41.84 -3.44
CA SER D 104 16.75 41.83 -1.98
C SER D 104 15.70 40.87 -1.40
N ARG D 105 15.93 40.44 -0.16
CA ARG D 105 14.99 39.57 0.52
C ARG D 105 13.63 40.22 0.70
N LEU D 106 13.63 41.46 1.19
CA LEU D 106 12.37 42.18 1.40
C LEU D 106 11.57 42.29 0.11
N ASN D 107 12.25 42.63 -0.98
CA ASN D 107 11.60 42.76 -2.28
C ASN D 107 10.95 41.46 -2.74
N LEU D 108 11.67 40.35 -2.59
CA LEU D 108 11.16 39.05 -3.00
C LEU D 108 9.97 38.68 -2.14
N VAL D 109 10.11 38.88 -0.83
CA VAL D 109 9.02 38.57 0.08
C VAL D 109 7.77 39.41 -0.24
N GLN D 110 7.99 40.70 -0.48
CA GLN D 110 6.88 41.58 -0.85
C GLN D 110 6.17 41.11 -2.12
N ARG D 111 6.93 40.64 -3.10
CA ARG D 111 6.33 40.12 -4.33
C ARG D 111 5.41 38.94 -4.03
N ASN D 112 5.86 38.03 -3.17
CA ASN D 112 5.04 36.88 -2.80
C ASN D 112 3.83 37.25 -1.96
N VAL D 113 3.97 38.27 -1.11
CA VAL D 113 2.81 38.77 -0.37
C VAL D 113 1.71 39.18 -1.33
N ASN D 114 2.11 39.93 -2.36
CA ASN D 114 1.16 40.42 -3.34
C ASN D 114 0.48 39.25 -4.06
N ILE D 115 1.26 38.19 -4.30
CA ILE D 115 0.71 36.98 -4.89
C ILE D 115 -0.24 36.28 -3.92
N PHE D 116 0.14 36.17 -2.66
CA PHE D 116 -0.72 35.52 -1.67
C PHE D 116 -2.00 36.31 -1.43
N LYS D 117 -1.94 37.62 -1.64
CA LYS D 117 -3.13 38.45 -1.47
C LYS D 117 -4.23 38.08 -2.46
N PHE D 118 -3.86 37.50 -3.60
CA PHE D 118 -4.84 37.00 -4.55
C PHE D 118 -5.24 35.55 -4.24
N ILE D 119 -4.24 34.75 -3.91
CA ILE D 119 -4.44 33.32 -3.68
C ILE D 119 -5.24 33.00 -2.41
N ILE D 120 -4.80 33.55 -1.29
CA ILE D 120 -5.31 33.07 0.00
C ILE D 120 -6.81 33.36 0.26
N PRO D 121 -7.27 34.59 -0.03
CA PRO D 121 -8.70 34.86 0.15
C PRO D 121 -9.59 33.96 -0.71
N ASN D 122 -9.14 33.65 -1.93
CA ASN D 122 -9.86 32.71 -2.78
C ASN D 122 -9.90 31.28 -2.24
N VAL D 123 -8.80 30.82 -1.65
CA VAL D 123 -8.77 29.50 -1.04
C VAL D 123 -9.76 29.47 0.13
N VAL D 124 -9.75 30.54 0.91
CA VAL D 124 -10.56 30.64 2.11
C VAL D 124 -12.05 30.72 1.76
N LYS D 125 -12.36 31.44 0.68
CA LYS D 125 -13.73 31.55 0.20
C LYS D 125 -14.32 30.16 0.00
N TYR D 126 -13.55 29.29 -0.65
CA TYR D 126 -14.10 28.02 -1.11
C TYR D 126 -13.88 26.86 -0.14
N SER D 127 -12.88 26.98 0.74
CA SER D 127 -12.61 25.93 1.73
C SER D 127 -12.27 26.61 3.06
N PRO D 128 -13.29 27.26 3.67
CA PRO D 128 -13.10 28.05 4.89
C PRO D 128 -12.51 27.25 6.06
N ASN D 129 -12.67 25.93 6.02
CA ASN D 129 -12.25 25.07 7.13
C ASN D 129 -11.03 24.18 6.85
N CYS D 130 -10.34 24.43 5.74
CA CYS D 130 -9.20 23.61 5.35
C CYS D 130 -8.01 23.87 6.25
N LYS D 131 -7.05 22.94 6.21
CA LYS D 131 -5.71 23.21 6.66
C LYS D 131 -4.90 23.73 5.48
N LEU D 132 -4.03 24.70 5.74
CA LEU D 132 -3.16 25.26 4.71
C LEU D 132 -1.76 24.74 4.98
N LEU D 133 -1.13 24.17 3.96
CA LEU D 133 0.25 23.74 4.07
C LEU D 133 1.06 24.56 3.09
N ILE D 134 1.95 25.40 3.59
CA ILE D 134 2.73 26.28 2.73
C ILE D 134 4.08 25.65 2.39
N VAL D 135 4.40 25.55 1.11
CA VAL D 135 5.67 24.99 0.66
C VAL D 135 6.56 26.09 0.05
N SER D 136 5.92 27.07 -0.56
CA SER D 136 6.57 28.23 -1.18
C SER D 136 7.65 28.87 -0.30
N ASN D 137 8.73 29.32 -0.92
CA ASN D 137 9.85 29.92 -0.18
C ASN D 137 9.85 31.43 -0.30
N PRO D 138 10.38 32.13 0.72
CA PRO D 138 10.94 31.57 1.96
C PRO D 138 9.85 31.07 2.88
N VAL D 139 9.82 29.77 3.12
CA VAL D 139 8.65 29.10 3.69
C VAL D 139 8.22 29.66 5.05
N ASP D 140 9.19 30.01 5.90
CA ASP D 140 8.85 30.47 7.24
C ASP D 140 8.12 31.81 7.20
N ILE D 141 8.62 32.73 6.39
CA ILE D 141 7.97 34.01 6.23
C ILE D 141 6.63 33.85 5.51
N LEU D 142 6.58 33.02 4.48
CA LEU D 142 5.32 32.90 3.72
C LEU D 142 4.22 32.14 4.50
N THR D 143 4.64 31.32 5.47
CA THR D 143 3.67 30.70 6.37
C THR D 143 3.04 31.80 7.23
N TYR D 144 3.87 32.70 7.76
CA TYR D 144 3.37 33.88 8.46
C TYR D 144 2.41 34.68 7.59
N VAL D 145 2.79 34.89 6.33
CA VAL D 145 1.97 35.65 5.39
C VAL D 145 0.60 34.98 5.17
N ALA D 146 0.59 33.68 4.93
CA ALA D 146 -0.66 32.97 4.73
C ALA D 146 -1.53 33.04 5.99
N TRP D 147 -0.90 32.90 7.14
CA TRP D 147 -1.61 33.00 8.41
C TRP D 147 -2.25 34.38 8.57
N LYS D 148 -1.47 35.41 8.25
CA LYS D 148 -1.94 36.79 8.40
C LYS D 148 -3.13 37.07 7.50
N ILE D 149 -3.00 36.71 6.23
CA ILE D 149 -4.05 36.94 5.25
C ILE D 149 -5.29 36.07 5.46
N SER D 150 -5.10 34.80 5.81
CA SER D 150 -6.23 33.87 5.91
C SER D 150 -7.13 34.17 7.10
N GLY D 151 -6.55 34.65 8.19
CA GLY D 151 -7.26 34.79 9.44
C GLY D 151 -7.47 33.46 10.16
N PHE D 152 -6.85 32.39 9.65
CA PHE D 152 -7.00 31.07 10.26
C PHE D 152 -6.37 31.05 11.65
N PRO D 153 -6.89 30.16 12.52
CA PRO D 153 -6.24 29.90 13.81
C PRO D 153 -4.86 29.28 13.55
N LYS D 154 -3.94 29.45 14.49
CA LYS D 154 -2.57 28.98 14.30
CA LYS D 154 -2.57 28.99 14.31
C LYS D 154 -2.47 27.52 13.89
N ASN D 155 -3.29 26.65 14.49
CA ASN D 155 -3.23 25.20 14.19
C ASN D 155 -3.47 24.82 12.73
N ARG D 156 -4.14 25.70 11.97
CA ARG D 156 -4.49 25.35 10.59
C ARG D 156 -3.59 25.96 9.52
N VAL D 157 -2.50 26.59 9.94
CA VAL D 157 -1.52 27.11 8.99
C VAL D 157 -0.15 26.48 9.27
N ILE D 158 0.28 25.62 8.36
CA ILE D 158 1.48 24.80 8.55
C ILE D 158 2.49 25.12 7.45
N GLY D 159 3.75 25.35 7.83
CA GLY D 159 4.79 25.52 6.83
C GLY D 159 5.56 24.20 6.70
N SER D 160 5.92 23.78 5.49
CA SER D 160 6.74 22.57 5.37
C SER D 160 8.07 22.70 6.12
N GLY D 161 8.53 23.93 6.32
CA GLY D 161 9.60 24.20 7.25
C GLY D 161 10.82 23.30 7.09
N CYS D 162 11.23 22.66 8.19
CA CYS D 162 12.43 21.82 8.16
C CYS D 162 12.14 20.33 7.93
N ASN D 163 10.98 20.02 7.36
CA ASN D 163 10.66 18.61 7.11
C ASN D 163 11.61 17.98 6.11
N LEU D 164 11.82 18.64 4.97
CA LEU D 164 12.76 18.13 3.98
C LEU D 164 14.22 18.15 4.47
N ASP D 165 14.59 19.19 5.22
CA ASP D 165 15.95 19.28 5.77
C ASP D 165 16.22 18.09 6.69
N SER D 166 15.22 17.74 7.50
CA SER D 166 15.38 16.64 8.44
C SER D 166 15.41 15.31 7.70
N ALA D 167 14.66 15.19 6.60
CA ALA D 167 14.67 13.94 5.84
C ALA D 167 16.01 13.74 5.16
N ARG D 168 16.61 14.85 4.70
CA ARG D 168 17.92 14.76 4.05
C ARG D 168 18.98 14.38 5.08
N PHE D 169 18.86 14.98 6.26
CA PHE D 169 19.76 14.71 7.36
C PHE D 169 19.73 13.22 7.73
N ARG D 170 18.52 12.66 7.82
CA ARG D 170 18.39 11.24 8.17
C ARG D 170 18.89 10.30 7.07
N TYR D 171 18.69 10.65 5.81
CA TYR D 171 19.33 9.92 4.71
C TYR D 171 20.87 9.87 4.86
N LEU D 172 21.47 11.02 5.13
CA LEU D 172 22.93 11.13 5.23
C LEU D 172 23.42 10.39 6.46
N MET D 173 22.68 10.53 7.55
CA MET D 173 23.02 9.79 8.75
CA MET D 173 22.95 9.77 8.77
C MET D 173 22.97 8.28 8.46
N GLY D 174 21.90 7.82 7.82
CA GLY D 174 21.75 6.40 7.49
C GLY D 174 22.87 5.87 6.63
N GLU D 175 23.33 6.69 5.69
CA GLU D 175 24.43 6.31 4.81
C GLU D 175 25.71 6.11 5.59
N ARG D 176 25.98 7.01 6.53
CA ARG D 176 27.18 6.89 7.36
C ARG D 176 27.12 5.67 8.26
N LEU D 177 25.92 5.37 8.77
CA LEU D 177 25.82 4.30 9.74
C LEU D 177 25.46 2.92 9.14
N GLY D 178 24.99 2.91 7.90
CA GLY D 178 24.58 1.66 7.26
C GLY D 178 23.27 1.17 7.87
N VAL D 179 22.37 2.11 8.13
CA VAL D 179 21.09 1.81 8.75
C VAL D 179 20.02 2.55 7.95
N HIS D 180 18.82 1.98 7.84
CA HIS D 180 17.74 2.66 7.11
C HIS D 180 17.42 4.01 7.79
N PRO D 181 17.16 5.05 6.97
CA PRO D 181 16.81 6.36 7.57
C PRO D 181 15.65 6.31 8.59
N LEU D 182 14.73 5.37 8.43
CA LEU D 182 13.61 5.24 9.37
C LEU D 182 14.09 4.94 10.77
N SER D 183 15.24 4.28 10.89
CA SER D 183 15.76 3.90 12.19
C SER D 183 16.85 4.86 12.66
N CYS D 184 17.16 5.85 11.83
CA CYS D 184 18.09 6.92 12.21
C CYS D 184 17.32 8.17 12.57
N HIS D 185 17.35 8.55 13.84
CA HIS D 185 16.55 9.68 14.32
C HIS D 185 17.43 10.90 14.55
N GLY D 186 16.87 12.06 14.22
CA GLY D 186 17.64 13.30 14.31
C GLY D 186 16.77 14.43 13.79
N TRP D 187 16.97 15.61 14.35
CA TRP D 187 16.04 16.71 14.09
C TRP D 187 16.79 17.98 13.69
N VAL D 188 16.38 18.54 12.56
CA VAL D 188 16.87 19.83 12.09
C VAL D 188 15.71 20.79 12.27
N LEU D 189 15.96 21.87 13.01
CA LEU D 189 14.88 22.77 13.43
C LEU D 189 15.19 24.23 13.11
N GLY D 190 14.25 25.11 13.43
CA GLY D 190 14.46 26.54 13.26
C GLY D 190 14.09 27.00 11.86
N GLU D 191 14.92 27.86 11.26
CA GLU D 191 14.63 28.44 9.96
C GLU D 191 15.01 27.48 8.85
N HIS D 192 14.08 27.21 7.95
CA HIS D 192 14.34 26.30 6.82
C HIS D 192 15.47 26.81 5.94
N GLY D 193 16.34 25.90 5.51
CA GLY D 193 17.40 26.23 4.57
C GLY D 193 18.76 26.54 5.20
N ASP D 194 19.46 27.53 4.65
CA ASP D 194 20.83 27.85 5.07
C ASP D 194 21.03 27.97 6.59
N SER D 195 20.04 28.49 7.29
CA SER D 195 20.19 28.77 8.72
C SER D 195 19.60 27.74 9.68
N SER D 196 19.25 26.56 9.17
CA SER D 196 18.64 25.53 10.02
C SER D 196 19.60 25.06 11.12
N VAL D 197 19.04 24.47 12.18
CA VAL D 197 19.83 24.03 13.32
C VAL D 197 19.73 22.51 13.54
N PRO D 198 20.86 21.80 13.44
CA PRO D 198 20.88 20.36 13.71
C PRO D 198 20.94 20.12 15.21
N VAL D 199 19.92 19.52 15.80
CA VAL D 199 19.91 19.31 17.25
C VAL D 199 20.68 18.04 17.62
N TRP D 200 21.97 18.21 17.90
CA TRP D 200 22.86 17.06 18.10
C TRP D 200 22.39 16.13 19.23
N SER D 201 21.89 16.73 20.31
CA SER D 201 21.44 15.94 21.47
C SER D 201 20.37 14.89 21.16
N GLY D 202 19.59 15.10 20.09
CA GLY D 202 18.51 14.18 19.78
C GLY D 202 18.85 13.08 18.79
N MET D 203 20.06 13.13 18.24
CA MET D 203 20.47 12.17 17.23
CA MET D 203 20.43 12.16 17.24
C MET D 203 20.74 10.82 17.88
N ASN D 204 20.03 9.79 17.44
CA ASN D 204 20.14 8.49 18.07
C ASN D 204 19.71 7.35 17.15
N VAL D 205 20.21 6.17 17.44
CA VAL D 205 19.68 4.94 16.86
C VAL D 205 19.22 4.09 18.04
N ALA D 206 18.01 3.54 17.94
CA ALA D 206 17.44 2.70 18.99
C ALA D 206 17.56 3.33 20.37
N GLY D 207 17.40 4.64 20.41
CA GLY D 207 17.44 5.38 21.65
C GLY D 207 18.85 5.58 22.20
N VAL D 208 19.86 5.21 21.42
CA VAL D 208 21.26 5.41 21.84
C VAL D 208 21.75 6.75 21.32
N SER D 209 22.00 7.69 22.22
CA SER D 209 22.36 9.04 21.82
C SER D 209 23.79 9.07 21.27
N LEU D 210 23.94 9.54 20.03
CA LEU D 210 25.26 9.61 19.41
C LEU D 210 26.16 10.61 20.15
N LYS D 211 25.57 11.70 20.62
CA LYS D 211 26.31 12.74 21.33
C LYS D 211 26.91 12.20 22.63
N THR D 212 26.17 11.30 23.27
CA THR D 212 26.62 10.71 24.52
C THR D 212 27.79 9.75 24.31
N LEU D 213 27.70 8.91 23.30
CA LEU D 213 28.81 8.03 22.91
C LEU D 213 30.02 8.84 22.46
N HIS D 214 29.75 9.98 21.85
CA HIS D 214 30.79 10.71 21.14
C HIS D 214 30.63 12.20 21.44
N PRO D 215 31.11 12.62 22.62
CA PRO D 215 30.89 13.98 23.13
C PRO D 215 31.33 15.10 22.19
N ASP D 216 32.31 14.84 21.33
CA ASP D 216 32.77 15.87 20.40
C ASP D 216 31.83 16.05 19.21
N LEU D 217 30.83 15.18 19.12
CA LEU D 217 29.87 15.22 18.01
C LEU D 217 29.32 16.63 17.78
N GLY D 218 29.44 17.11 16.55
CA GLY D 218 28.86 18.39 16.18
C GLY D 218 29.83 19.55 16.35
N THR D 219 30.83 19.37 17.20
CA THR D 219 31.80 20.41 17.47
C THR D 219 32.95 20.38 16.47
N ASP D 220 33.79 21.41 16.51
CA ASP D 220 34.91 21.49 15.58
C ASP D 220 36.06 20.54 15.97
N LYS D 221 36.03 20.03 17.20
CA LYS D 221 37.05 19.08 17.66
C LYS D 221 36.70 17.61 17.35
N ASP D 222 35.63 17.40 16.60
CA ASP D 222 35.19 16.06 16.22
C ASP D 222 36.02 15.54 15.05
N LYS D 223 36.85 14.53 15.29
CA LYS D 223 37.71 13.99 14.25
C LYS D 223 36.93 13.33 13.11
N GLU D 224 35.71 12.91 13.42
CA GLU D 224 34.82 12.29 12.43
C GLU D 224 33.96 13.33 11.71
N GLN D 225 34.12 14.59 12.10
CA GLN D 225 33.44 15.70 11.43
C GLN D 225 31.95 15.48 11.13
N TRP D 226 31.18 15.10 12.15
CA TRP D 226 29.74 14.92 11.97
C TRP D 226 28.99 16.21 11.62
N LYS D 227 29.58 17.36 11.93
CA LYS D 227 29.03 18.65 11.52
C LYS D 227 28.82 18.72 10.01
N GLU D 228 29.64 17.97 9.26
CA GLU D 228 29.59 17.98 7.81
C GLU D 228 28.30 17.38 7.26
N VAL D 229 27.63 16.59 8.07
CA VAL D 229 26.38 16.01 7.66
C VAL D 229 25.35 17.13 7.50
N HIS D 230 25.26 18.02 8.49
CA HIS D 230 24.34 19.13 8.36
C HIS D 230 24.77 20.04 7.20
N LYS D 231 26.06 20.23 7.03
CA LYS D 231 26.54 21.09 5.96
C LYS D 231 26.14 20.49 4.61
N GLN D 232 26.24 19.17 4.50
CA GLN D 232 25.87 18.48 3.26
C GLN D 232 24.37 18.54 2.97
N VAL D 233 23.56 18.61 4.03
CA VAL D 233 22.13 18.87 3.88
C VAL D 233 21.93 20.18 3.11
N VAL D 234 22.59 21.24 3.58
CA VAL D 234 22.56 22.54 2.91
C VAL D 234 23.20 22.49 1.52
N GLU D 235 24.41 21.95 1.42
CA GLU D 235 25.12 21.87 0.14
C GLU D 235 24.37 21.05 -0.92
N SER D 236 23.82 19.91 -0.52
CA SER D 236 23.12 19.02 -1.46
C SER D 236 21.92 19.70 -2.14
N ALA D 237 21.28 20.63 -1.44
CA ALA D 237 20.13 21.35 -2.01
C ALA D 237 20.56 22.22 -3.21
N TYR D 238 21.67 22.92 -3.04
CA TYR D 238 22.22 23.75 -4.12
C TYR D 238 22.83 22.87 -5.21
N GLU D 239 23.32 21.70 -4.80
CA GLU D 239 23.93 20.78 -5.75
C GLU D 239 22.85 20.19 -6.69
N VAL D 240 21.74 19.74 -6.12
CA VAL D 240 20.65 19.21 -6.94
C VAL D 240 20.14 20.24 -7.94
N ILE D 241 19.96 21.47 -7.48
CA ILE D 241 19.57 22.57 -8.35
C ILE D 241 20.56 22.79 -9.48
N LYS D 242 21.84 22.76 -9.15
CA LYS D 242 22.90 22.98 -10.15
C LYS D 242 22.90 21.83 -11.16
N LEU D 243 22.61 20.62 -10.68
CA LEU D 243 22.68 19.43 -11.51
C LEU D 243 21.47 19.21 -12.41
N LYS D 244 20.27 19.33 -11.86
CA LYS D 244 19.06 19.09 -12.65
C LYS D 244 18.21 20.34 -12.87
N GLY D 245 18.56 21.44 -12.20
CA GLY D 245 17.91 22.71 -12.46
C GLY D 245 16.73 23.04 -11.56
N TYR D 246 16.38 22.13 -10.66
CA TYR D 246 15.27 22.30 -9.73
C TYR D 246 15.23 21.06 -8.85
N THR D 247 14.42 21.07 -7.80
CA THR D 247 14.21 19.87 -7.00
C THR D 247 12.73 19.55 -7.00
N SER D 248 12.41 18.26 -6.90
CA SER D 248 11.01 17.86 -6.96
C SER D 248 10.70 16.61 -6.14
N TRP D 249 11.37 15.51 -6.43
CA TRP D 249 10.96 14.21 -5.89
C TRP D 249 10.96 14.17 -4.36
N ALA D 250 12.05 14.61 -3.75
CA ALA D 250 12.17 14.52 -2.31
C ALA D 250 11.19 15.45 -1.61
N ILE D 251 11.05 16.66 -2.10
CA ILE D 251 10.07 17.57 -1.53
C ILE D 251 8.64 16.99 -1.67
N GLY D 252 8.32 16.48 -2.87
CA GLY D 252 7.04 15.84 -3.08
C GLY D 252 6.76 14.74 -2.09
N LEU D 253 7.73 13.84 -1.88
CA LEU D 253 7.52 12.74 -0.95
C LEU D 253 7.36 13.22 0.50
N SER D 254 8.11 14.26 0.87
CA SER D 254 8.02 14.78 2.23
CA SER D 254 8.01 14.80 2.22
C SER D 254 6.66 15.44 2.46
N VAL D 255 6.16 16.14 1.45
CA VAL D 255 4.87 16.80 1.57
C VAL D 255 3.77 15.75 1.70
N ALA D 256 3.87 14.66 0.93
CA ALA D 256 2.87 13.59 1.02
C ALA D 256 2.83 12.96 2.41
N ASP D 257 3.99 12.90 3.08
CA ASP D 257 4.06 12.32 4.42
C ASP D 257 3.32 13.23 5.40
N LEU D 258 3.51 14.54 5.25
CA LEU D 258 2.75 15.48 6.09
C LEU D 258 1.25 15.32 5.81
N ALA D 259 0.90 15.26 4.54
CA ALA D 259 -0.51 15.14 4.17
C ALA D 259 -1.11 13.86 4.73
N GLU D 260 -0.30 12.80 4.82
CA GLU D 260 -0.80 11.54 5.36
C GLU D 260 -1.21 11.66 6.82
N SER D 261 -0.33 12.24 7.63
CA SER D 261 -0.63 12.50 9.02
C SER D 261 -1.90 13.33 9.19
N ILE D 262 -2.04 14.37 8.37
CA ILE D 262 -3.17 15.30 8.49
C ILE D 262 -4.49 14.64 8.07
N MET D 263 -4.49 14.02 6.90
CA MET D 263 -5.70 13.41 6.36
C MET D 263 -6.18 12.24 7.19
N LYS D 264 -5.25 11.46 7.74
CA LYS D 264 -5.63 10.27 8.49
C LYS D 264 -5.62 10.50 10.00
N ASN D 265 -5.42 11.75 10.42
CA ASN D 265 -5.45 12.10 11.84
C ASN D 265 -4.48 11.27 12.68
N LEU D 266 -3.25 11.10 12.20
CA LEU D 266 -2.34 10.13 12.84
C LEU D 266 -1.76 10.66 14.15
N ARG D 267 -1.58 11.98 14.25
CA ARG D 267 -0.89 12.58 15.39
C ARG D 267 0.56 12.08 15.50
N ARG D 268 1.24 11.96 14.36
CA ARG D 268 2.69 11.74 14.35
C ARG D 268 3.37 13.08 14.52
N VAL D 269 4.66 13.06 14.82
CA VAL D 269 5.41 14.29 15.06
C VAL D 269 6.33 14.55 13.87
N HIS D 270 6.24 15.75 13.32
CA HIS D 270 7.07 16.15 12.17
C HIS D 270 7.65 17.53 12.45
N PRO D 271 8.85 17.80 11.90
CA PRO D 271 9.44 19.13 12.03
C PRO D 271 8.87 20.03 10.94
N VAL D 272 7.97 20.93 11.33
CA VAL D 272 7.30 21.81 10.38
C VAL D 272 7.24 23.20 11.01
N SER D 273 6.98 24.22 10.20
CA SER D 273 6.96 25.60 10.68
C SER D 273 5.64 26.01 11.33
N THR D 274 5.72 26.55 12.54
CA THR D 274 4.52 26.94 13.29
C THR D 274 4.84 28.21 14.06
N MET D 275 3.81 28.87 14.55
CA MET D 275 4.00 30.14 15.28
C MET D 275 4.72 29.90 16.61
N ILE D 276 5.94 30.41 16.71
CA ILE D 276 6.85 30.06 17.80
C ILE D 276 6.93 31.13 18.90
N LYS D 277 6.16 32.20 18.76
CA LYS D 277 6.05 33.23 19.79
C LYS D 277 5.80 32.57 21.15
N GLY D 278 6.57 32.95 22.16
CA GLY D 278 6.47 32.34 23.47
C GLY D 278 7.53 31.31 23.81
N LEU D 279 8.26 30.83 22.81
CA LEU D 279 9.37 29.91 23.06
C LEU D 279 10.73 30.55 22.80
N TYR D 280 11.73 30.11 23.55
CA TYR D 280 13.11 30.53 23.33
C TYR D 280 13.31 32.03 23.45
N GLY D 281 12.49 32.67 24.27
CA GLY D 281 12.60 34.10 24.47
C GLY D 281 12.17 34.87 23.23
N ILE D 282 11.49 34.18 22.33
CA ILE D 282 10.95 34.82 21.13
C ILE D 282 9.60 35.47 21.44
N LYS D 283 9.50 36.77 21.18
CA LYS D 283 8.32 37.54 21.54
C LYS D 283 7.57 38.13 20.34
N ASP D 284 8.06 37.87 19.14
CA ASP D 284 7.40 38.36 17.92
C ASP D 284 6.60 37.26 17.23
N ASP D 285 5.67 37.68 16.35
CA ASP D 285 4.88 36.75 15.53
C ASP D 285 5.71 36.17 14.39
N VAL D 286 6.50 35.15 14.69
CA VAL D 286 7.31 34.49 13.67
C VAL D 286 7.09 32.99 13.69
N PHE D 287 7.26 32.38 12.53
CA PHE D 287 7.09 30.92 12.38
C PHE D 287 8.46 30.28 12.17
N LEU D 288 8.74 29.25 12.96
CA LEU D 288 9.97 28.45 12.77
C LEU D 288 9.61 26.99 13.02
N SER D 289 10.50 26.08 12.63
CA SER D 289 10.19 24.65 12.78
C SER D 289 10.57 24.13 14.17
N VAL D 290 9.62 23.44 14.80
CA VAL D 290 9.87 22.63 15.98
C VAL D 290 9.09 21.35 15.69
N PRO D 291 9.27 20.30 16.52
CA PRO D 291 8.47 19.10 16.24
C PRO D 291 7.01 19.36 16.63
N CYS D 292 6.10 19.07 15.70
CA CYS D 292 4.68 19.33 15.88
C CYS D 292 3.86 18.06 15.71
N ILE D 293 2.84 17.89 16.55
CA ILE D 293 1.89 16.79 16.39
CA ILE D 293 1.90 16.78 16.39
C ILE D 293 0.89 17.17 15.31
N LEU D 294 0.82 16.37 14.24
CA LEU D 294 -0.07 16.68 13.12
C LEU D 294 -1.23 15.71 13.02
N GLY D 295 -2.43 16.23 12.81
CA GLY D 295 -3.62 15.42 12.70
C GLY D 295 -4.70 16.20 11.97
N GLN D 296 -5.96 15.83 12.21
CA GLN D 296 -7.05 16.40 11.43
C GLN D 296 -7.35 17.87 11.74
N ASN D 297 -6.79 18.41 12.82
CA ASN D 297 -6.90 19.86 13.12
C ASN D 297 -5.64 20.63 12.74
N GLY D 298 -4.73 19.97 12.02
CA GLY D 298 -3.46 20.58 11.70
C GLY D 298 -2.50 20.38 12.87
N ILE D 299 -1.91 21.47 13.35
CA ILE D 299 -0.96 21.33 14.45
C ILE D 299 -1.72 21.50 15.77
N SER D 300 -1.99 20.41 16.47
CA SER D 300 -2.74 20.49 17.73
C SER D 300 -1.83 20.72 18.93
N ASP D 301 -0.55 20.36 18.78
CA ASP D 301 0.41 20.43 19.87
C ASP D 301 1.81 20.57 19.29
N LEU D 302 2.75 21.05 20.09
CA LEU D 302 4.15 21.04 19.67
C LEU D 302 5.03 20.51 20.80
N VAL D 303 6.20 19.99 20.43
CA VAL D 303 7.13 19.47 21.41
C VAL D 303 8.10 20.57 21.84
N LYS D 304 8.31 20.69 23.14
CA LYS D 304 9.26 21.65 23.67
C LYS D 304 10.66 21.02 23.76
N VAL D 305 11.51 21.30 22.77
CA VAL D 305 12.84 20.70 22.71
C VAL D 305 13.82 21.51 23.53
N THR D 306 14.62 20.84 24.36
CA THR D 306 15.66 21.51 25.13
C THR D 306 16.82 21.78 24.19
N LEU D 307 17.18 23.06 24.05
CA LEU D 307 18.26 23.44 23.15
C LEU D 307 19.47 23.91 23.93
N THR D 308 20.66 23.75 23.37
CA THR D 308 21.86 24.31 23.99
C THR D 308 21.79 25.82 23.80
N SER D 309 22.65 26.56 24.52
CA SER D 309 22.74 28.01 24.37
C SER D 309 22.96 28.40 22.92
N GLU D 310 23.94 27.77 22.28
CA GLU D 310 24.22 28.02 20.87
C GLU D 310 23.02 27.73 19.96
N GLU D 311 22.33 26.62 20.19
CA GLU D 311 21.16 26.30 19.39
C GLU D 311 20.05 27.32 19.59
N GLU D 312 19.84 27.72 20.85
CA GLU D 312 18.83 28.72 21.17
C GLU D 312 19.15 30.08 20.53
N ALA D 313 20.41 30.50 20.59
CA ALA D 313 20.81 31.78 20.00
C ALA D 313 20.58 31.81 18.48
N ARG D 314 20.73 30.65 17.84
CA ARG D 314 20.56 30.56 16.39
C ARG D 314 19.09 30.70 15.98
N LEU D 315 18.18 30.07 16.71
CA LEU D 315 16.75 30.26 16.46
C LEU D 315 16.36 31.70 16.72
N LYS D 316 16.91 32.25 17.80
CA LYS D 316 16.59 33.61 18.22
C LYS D 316 17.09 34.62 17.17
N LYS D 317 18.26 34.34 16.60
CA LYS D 317 18.79 35.18 15.53
C LYS D 317 17.91 35.10 14.27
N SER D 318 17.46 33.90 13.94
CA SER D 318 16.52 33.71 12.83
C SER D 318 15.21 34.47 13.08
N ALA D 319 14.66 34.32 14.27
CA ALA D 319 13.46 35.06 14.63
C ALA D 319 13.61 36.58 14.50
N ASP D 320 14.74 37.12 14.97
CA ASP D 320 14.99 38.55 14.84
C ASP D 320 15.01 38.98 13.39
N THR D 321 15.64 38.17 12.54
CA THR D 321 15.74 38.50 11.11
C THR D 321 14.39 38.45 10.40
N LEU D 322 13.67 37.35 10.60
CA LEU D 322 12.33 37.20 10.02
C LEU D 322 11.42 38.34 10.43
N TRP D 323 11.38 38.67 11.72
CA TRP D 323 10.55 39.79 12.15
C TRP D 323 10.99 41.12 11.54
N GLY D 324 12.30 41.31 11.40
CA GLY D 324 12.84 42.51 10.78
C GLY D 324 12.28 42.73 9.37
N ILE D 325 12.09 41.61 8.67
CA ILE D 325 11.51 41.64 7.33
C ILE D 325 9.99 41.78 7.40
N GLN D 326 9.37 40.98 8.26
CA GLN D 326 7.90 40.96 8.33
C GLN D 326 7.28 42.29 8.72
N LYS D 327 7.96 43.00 9.62
CA LYS D 327 7.41 44.25 10.13
C LYS D 327 7.39 45.35 9.06
N GLU D 328 8.07 45.13 7.94
CA GLU D 328 8.11 46.12 6.86
C GLU D 328 7.24 45.72 5.68
N LEU D 329 6.49 44.63 5.84
CA LEU D 329 5.64 44.12 4.77
C LEU D 329 4.34 44.91 4.68
N GLN D 330 3.85 45.06 3.45
CA GLN D 330 2.61 45.77 3.21
C GLN D 330 1.52 44.77 2.83
N PHE D 331 0.55 44.60 3.72
CA PHE D 331 -0.59 43.75 3.46
C PHE D 331 -1.74 44.57 2.89
#